data_6ZRJ
#
_entry.id   6ZRJ
#
_cell.length_a   63.834
_cell.length_b   162.839
_cell.length_c   108.158
_cell.angle_alpha   90.000
_cell.angle_beta   90.590
_cell.angle_gamma   90.000
#
_symmetry.space_group_name_H-M   'P 1 21 1'
#
loop_
_entity.id
_entity.type
_entity.pdbx_description
1 polymer Beta-lactamase
2 polymer Beta-lactamase
3 non-polymer '(2S,3R,4S)-4-({(3S,5S)-5-[(3-carboxyphenyl)carbamoyl]pyrrolidin-3-yl}sulfanyl)-2-[(1S,2R)-1-formyl-2-hydroxypropyl]-3-methyl-3,4-dihydro-2H-pyrrole-5-carboxylic acid'
4 non-polymer 1,2-ETHANEDIOL
5 non-polymer 'CHLORIDE ION'
6 non-polymer 'TRIETHYLENE GLYCOL'
7 water water
#
loop_
_entity_poly.entity_id
_entity_poly.type
_entity_poly.pdbx_seq_one_letter_code
_entity_poly.pdbx_strand_id
1 'polypeptide(L)'
;MRVLALSAVFLVASIIGMPAVAKEWQENKSWNAHFTEHKSQGVVVLWNENKQQGFTNNLKRANQAFLPASTF(KCX)IPN
SLIALDLGVVKDEHQVFKWDGQTRDIATWNRDHNLITAMKYSVVPVYQEFARQIGEARMSKMLHAFDYGNEDISGNVDSF
WLDGGIRISATEQISFLRKLYHNKLHVSERSQRIVKQAMLTEANGDYIIRAKTGYSTRIEPKIGWWVGWVELDDNVWFFA
MNMDMPTSDGLGLRQAITKEVLKQEKIIP
;
A,C,D,E,F,G,H
2 'polypeptide(L)'
;MRVLALSAVFLVASIIGMPAVAKEWQENKSWNAHFTEHKSQGVVVLWNENKQQGFTNNLKRANQAFLPASTFKIPNSLIA
LDLGVVKDEHQVFKWDGQTRDIATWNRDHNLITAMKYSVVPVYQEFARQIGEARMSKMLHAFDYGNEDISGNVDSFWLDG
GIRISATEQISFLRKLYHNKLHVSERSQRIVKQAMLTEANGDYIIRAKTGYSTRIEPKIGWWVGWVELDDNVWFFAMNMD
MPTSDGLGLRQAITKEVLKQEKIIP
;
B
#
loop_
_chem_comp.id
_chem_comp.type
_chem_comp.name
_chem_comp.formula
2RG non-polymer '(2S,3R,4S)-4-({(3S,5S)-5-[(3-carboxyphenyl)carbamoyl]pyrrolidin-3-yl}sulfanyl)-2-[(1S,2R)-1-formyl-2-hydroxypropyl]-3-methyl-3,4-dihydro-2H-pyrrole-5-carboxylic acid' 'C22 H27 N3 O7 S'
CL non-polymer 'CHLORIDE ION' 'Cl -1'
EDO non-polymer 1,2-ETHANEDIOL 'C2 H6 O2'
PGE non-polymer 'TRIETHYLENE GLYCOL' 'C6 H14 O4'
#
# COMPACT_ATOMS: atom_id res chain seq x y z
N LYS A 23 74.44 -9.31 -23.65
CA LYS A 23 75.45 -10.11 -22.91
C LYS A 23 74.77 -11.30 -22.26
N GLU A 24 75.57 -12.13 -21.59
CA GLU A 24 75.09 -13.33 -20.93
C GLU A 24 74.23 -12.98 -19.72
N TRP A 25 74.64 -11.95 -18.95
CA TRP A 25 73.91 -11.56 -17.75
C TRP A 25 73.47 -10.11 -17.82
N GLN A 26 72.19 -9.86 -17.48
CA GLN A 26 71.61 -8.53 -17.51
C GLN A 26 70.93 -8.24 -16.18
N GLU A 27 71.19 -7.04 -15.63
CA GLU A 27 70.65 -6.65 -14.33
C GLU A 27 69.46 -5.73 -14.52
N ASN A 28 68.33 -6.09 -13.90
CA ASN A 28 67.07 -5.40 -14.09
C ASN A 28 66.57 -4.96 -12.72
N LYS A 29 67.04 -3.81 -12.22
CA LYS A 29 66.66 -3.36 -10.89
C LYS A 29 65.17 -3.03 -10.82
N SER A 30 64.51 -3.03 -11.98
CA SER A 30 63.08 -2.80 -12.11
CA SER A 30 63.07 -2.78 -12.09
C SER A 30 62.28 -3.65 -11.12
N TRP A 31 62.70 -4.92 -10.92
CA TRP A 31 61.89 -5.87 -10.15
C TRP A 31 61.93 -5.59 -8.64
N ASN A 32 62.97 -4.88 -8.16
CA ASN A 32 63.08 -4.46 -6.76
C ASN A 32 61.77 -3.90 -6.27
N ALA A 33 61.02 -3.32 -7.21
CA ALA A 33 59.72 -2.73 -6.93
C ALA A 33 58.69 -3.79 -6.52
N HIS A 34 58.87 -5.07 -6.89
CA HIS A 34 57.94 -6.10 -6.46
C HIS A 34 58.21 -6.51 -5.00
N PHE A 35 59.47 -6.40 -4.58
CA PHE A 35 59.83 -6.65 -3.18
C PHE A 35 59.23 -5.60 -2.23
N THR A 36 59.41 -4.31 -2.54
CA THR A 36 59.05 -3.25 -1.60
C THR A 36 57.54 -2.98 -1.61
N GLU A 37 56.89 -3.17 -2.78
CA GLU A 37 55.45 -3.05 -2.91
C GLU A 37 54.72 -4.10 -2.05
N HIS A 38 55.47 -5.11 -1.56
CA HIS A 38 54.94 -6.14 -0.68
C HIS A 38 55.69 -6.14 0.66
N LYS A 39 56.47 -5.09 0.86
CA LYS A 39 57.20 -4.73 2.10
C LYS A 39 58.24 -5.76 2.52
N SER A 40 59.19 -6.07 1.64
CA SER A 40 60.30 -6.96 1.96
C SER A 40 61.48 -6.68 1.02
N GLN A 41 62.45 -7.60 1.05
CA GLN A 41 63.69 -7.49 0.27
C GLN A 41 64.13 -8.90 -0.16
N GLY A 42 64.89 -9.01 -1.27
CA GLY A 42 65.39 -10.28 -1.81
C GLY A 42 65.91 -10.23 -3.25
N VAL A 43 66.06 -11.40 -3.91
CA VAL A 43 66.53 -11.52 -5.30
C VAL A 43 65.66 -12.50 -6.12
N VAL A 44 65.72 -12.37 -7.46
CA VAL A 44 65.15 -13.32 -8.42
C VAL A 44 66.19 -13.57 -9.52
N VAL A 45 66.43 -14.83 -9.84
CA VAL A 45 67.30 -15.15 -10.95
C VAL A 45 66.47 -15.94 -11.96
N LEU A 46 66.57 -15.54 -13.23
CA LEU A 46 65.87 -16.18 -14.34
C LEU A 46 66.93 -16.62 -15.34
N TRP A 47 66.67 -17.75 -16.01
CA TRP A 47 67.58 -18.25 -17.02
C TRP A 47 66.80 -18.75 -18.22
N ASN A 48 67.05 -18.09 -19.36
CA ASN A 48 66.47 -18.46 -20.65
C ASN A 48 67.26 -19.63 -21.22
N GLU A 49 66.61 -20.80 -21.29
CA GLU A 49 67.31 -21.97 -21.77
C GLU A 49 67.58 -21.88 -23.26
N ASN A 50 66.60 -21.42 -24.06
CA ASN A 50 66.86 -21.41 -25.50
C ASN A 50 68.02 -20.47 -25.80
N LYS A 51 67.98 -19.26 -25.23
CA LYS A 51 68.91 -18.20 -25.58
C LYS A 51 70.15 -18.22 -24.69
N GLN A 52 70.22 -19.14 -23.71
CA GLN A 52 71.35 -19.23 -22.80
C GLN A 52 71.66 -17.86 -22.17
N GLN A 53 70.61 -17.15 -21.72
CA GLN A 53 70.81 -15.83 -21.11
C GLN A 53 70.19 -15.82 -19.71
N GLY A 54 70.79 -15.01 -18.81
CA GLY A 54 70.38 -14.84 -17.42
C GLY A 54 69.90 -13.41 -17.12
N PHE A 55 69.03 -13.30 -16.13
CA PHE A 55 68.43 -12.03 -15.74
C PHE A 55 68.19 -12.08 -14.22
N THR A 56 68.56 -11.00 -13.54
CA THR A 56 68.30 -10.86 -12.08
C THR A 56 68.26 -9.39 -11.71
N ASN A 57 67.63 -9.10 -10.59
CA ASN A 57 67.58 -7.73 -10.11
C ASN A 57 68.79 -7.41 -9.23
N ASN A 58 69.65 -8.39 -8.94
CA ASN A 58 70.72 -8.15 -7.98
C ASN A 58 71.83 -9.16 -8.25
N LEU A 59 72.77 -8.80 -9.12
CA LEU A 59 73.84 -9.69 -9.52
C LEU A 59 74.60 -10.18 -8.29
N LYS A 60 74.55 -9.35 -7.22
CA LYS A 60 75.32 -9.58 -6.01
C LYS A 60 74.69 -10.73 -5.21
N ARG A 61 73.43 -10.53 -4.79
CA ARG A 61 72.72 -11.45 -3.93
C ARG A 61 72.38 -12.76 -4.66
N ALA A 62 72.45 -12.72 -6.00
CA ALA A 62 72.25 -13.86 -6.89
C ALA A 62 73.37 -14.88 -6.70
N ASN A 63 74.52 -14.40 -6.20
CA ASN A 63 75.74 -15.20 -6.10
C ASN A 63 76.01 -15.55 -4.63
N GLN A 64 75.12 -15.13 -3.74
CA GLN A 64 75.29 -15.29 -2.31
C GLN A 64 74.67 -16.60 -1.80
N ALA A 65 75.46 -17.39 -1.05
CA ALA A 65 75.05 -18.71 -0.58
C ALA A 65 74.27 -18.64 0.74
N PHE A 66 73.13 -19.34 0.81
CA PHE A 66 72.35 -19.52 2.03
C PHE A 66 72.11 -21.00 2.25
N LEU A 67 71.61 -21.34 3.45
CA LEU A 67 71.13 -22.68 3.76
C LEU A 67 70.01 -23.04 2.77
N PRO A 68 70.02 -24.25 2.18
CA PRO A 68 68.97 -24.65 1.24
C PRO A 68 67.62 -24.93 1.88
N ALA A 69 67.58 -25.23 3.19
CA ALA A 69 66.33 -25.59 3.91
C ALA A 69 65.47 -26.64 3.15
N SER A 70 64.14 -26.43 2.94
CA SER A 70 63.52 -27.61 2.30
C SER A 70 63.80 -27.74 0.79
N THR A 71 64.61 -26.86 0.20
CA THR A 71 64.94 -27.02 -1.22
C THR A 71 65.91 -28.19 -1.39
N PHE A 72 66.46 -28.62 -0.25
CA PHE A 72 67.36 -29.76 -0.20
C PHE A 72 66.62 -31.07 -0.46
N KCX A 73 65.30 -31.04 -0.37
CA KCX A 73 64.46 -32.21 -0.70
CB KCX A 73 62.99 -31.94 -0.34
CG KCX A 73 62.74 -32.02 1.16
CD KCX A 73 61.33 -31.68 1.60
CE KCX A 73 61.19 -31.75 3.11
NZ KCX A 73 61.94 -30.71 3.82
C KCX A 73 64.65 -32.69 -2.14
O KCX A 73 64.53 -33.89 -2.37
CX KCX A 73 63.24 -30.87 4.21
OQ1 KCX A 73 63.84 -31.94 4.25
OQ2 KCX A 73 63.87 -29.77 4.54
N ILE A 74 65.03 -31.80 -3.06
CA ILE A 74 65.29 -32.22 -4.43
C ILE A 74 66.48 -33.19 -4.44
N PRO A 75 67.73 -32.80 -4.05
CA PRO A 75 68.86 -33.75 -4.03
C PRO A 75 68.66 -34.96 -3.13
N ASN A 76 68.05 -34.74 -1.96
CA ASN A 76 67.75 -35.79 -0.99
C ASN A 76 66.88 -36.86 -1.66
N SER A 77 65.81 -36.42 -2.34
CA SER A 77 64.90 -37.33 -3.03
C SER A 77 65.67 -38.15 -4.07
N LEU A 78 66.47 -37.46 -4.87
CA LEU A 78 67.23 -38.08 -5.93
C LEU A 78 68.12 -39.18 -5.37
N ILE A 79 68.81 -38.83 -4.27
CA ILE A 79 69.78 -39.75 -3.69
C ILE A 79 69.02 -40.92 -3.07
N ALA A 80 67.90 -40.63 -2.39
CA ALA A 80 67.17 -41.72 -1.75
C ALA A 80 66.67 -42.75 -2.79
N LEU A 81 66.13 -42.24 -3.92
CA LEU A 81 65.57 -43.12 -4.97
C LEU A 81 66.64 -43.96 -5.62
N ASP A 82 67.76 -43.30 -5.97
CA ASP A 82 68.88 -43.94 -6.65
C ASP A 82 69.52 -45.04 -5.83
N LEU A 83 69.51 -44.92 -4.50
CA LEU A 83 70.13 -45.95 -3.68
C LEU A 83 69.10 -47.01 -3.31
N GLY A 84 67.82 -46.73 -3.58
CA GLY A 84 66.76 -47.67 -3.28
C GLY A 84 66.31 -47.57 -1.83
N VAL A 85 66.68 -46.49 -1.14
CA VAL A 85 66.16 -46.18 0.17
C VAL A 85 64.66 -45.93 0.06
N VAL A 86 64.26 -45.35 -1.08
CA VAL A 86 62.87 -45.19 -1.44
C VAL A 86 62.60 -46.01 -2.71
N LYS A 87 61.59 -46.88 -2.66
CA LYS A 87 61.32 -47.77 -3.78
C LYS A 87 60.77 -47.01 -4.98
N ASP A 88 59.77 -46.14 -4.75
CA ASP A 88 59.06 -45.46 -5.81
C ASP A 88 58.20 -44.38 -5.13
N GLU A 89 57.42 -43.64 -5.94
CA GLU A 89 56.68 -42.48 -5.48
C GLU A 89 55.41 -42.89 -4.74
N HIS A 90 55.15 -44.21 -4.63
CA HIS A 90 53.93 -44.64 -3.97
C HIS A 90 54.20 -45.21 -2.57
N GLN A 91 55.45 -45.55 -2.26
CA GLN A 91 55.78 -46.16 -0.98
C GLN A 91 55.28 -45.27 0.16
N VAL A 92 54.69 -45.90 1.18
CA VAL A 92 54.10 -45.14 2.26
C VAL A 92 55.08 -45.01 3.43
N PHE A 93 55.27 -43.78 3.91
CA PHE A 93 55.98 -43.53 5.17
C PHE A 93 54.94 -43.19 6.25
N LYS A 94 54.75 -44.14 7.17
CA LYS A 94 53.68 -44.05 8.16
C LYS A 94 54.01 -42.96 9.19
N TRP A 95 52.99 -42.22 9.61
CA TRP A 95 53.15 -41.26 10.68
C TRP A 95 53.56 -42.02 11.94
N ASP A 96 54.51 -41.48 12.71
CA ASP A 96 54.91 -42.12 13.97
C ASP A 96 53.96 -41.83 15.14
N GLY A 97 52.92 -41.00 14.96
CA GLY A 97 51.97 -40.74 16.04
C GLY A 97 52.39 -39.58 16.95
N GLN A 98 53.50 -38.91 16.61
CA GLN A 98 53.92 -37.76 17.39
C GLN A 98 53.50 -36.51 16.63
N THR A 99 52.77 -35.62 17.31
CA THR A 99 52.27 -34.39 16.72
C THR A 99 53.38 -33.36 16.66
N ARG A 100 53.55 -32.78 15.47
CA ARG A 100 54.55 -31.74 15.29
C ARG A 100 53.81 -30.47 14.94
N ASP A 101 54.60 -29.45 14.62
CA ASP A 101 54.15 -28.07 14.57
C ASP A 101 53.22 -27.86 13.39
N ILE A 102 53.58 -28.49 12.26
CA ILE A 102 52.88 -28.36 11.01
C ILE A 102 51.87 -29.50 10.89
N ALA A 103 50.59 -29.15 10.84
CA ALA A 103 49.52 -30.12 10.96
C ALA A 103 49.60 -31.21 9.86
N THR A 104 49.99 -30.81 8.64
CA THR A 104 50.03 -31.73 7.51
C THR A 104 51.15 -32.77 7.65
N TRP A 105 52.06 -32.62 8.64
CA TRP A 105 53.12 -33.60 8.87
C TRP A 105 52.57 -34.80 9.62
N ASN A 106 51.44 -34.58 10.30
CA ASN A 106 50.94 -35.55 11.25
C ASN A 106 50.01 -36.54 10.54
N ARG A 107 50.51 -37.17 9.46
CA ARG A 107 49.73 -38.12 8.67
C ARG A 107 50.71 -39.01 7.89
N ASP A 108 50.21 -40.09 7.27
CA ASP A 108 51.04 -40.90 6.37
C ASP A 108 51.37 -40.05 5.15
N HIS A 109 52.51 -40.35 4.51
CA HIS A 109 52.98 -39.64 3.30
C HIS A 109 53.68 -40.60 2.35
N ASN A 110 53.71 -40.21 1.06
CA ASN A 110 54.54 -40.89 0.09
C ASN A 110 55.50 -39.81 -0.38
N LEU A 111 56.35 -40.10 -1.37
CA LEU A 111 57.32 -39.09 -1.80
C LEU A 111 56.66 -37.83 -2.35
N ILE A 112 55.56 -37.97 -3.11
CA ILE A 112 54.83 -36.85 -3.68
C ILE A 112 54.27 -35.97 -2.57
N THR A 113 53.53 -36.56 -1.62
CA THR A 113 52.94 -35.74 -0.56
C THR A 113 54.03 -35.18 0.36
N ALA A 114 55.13 -35.94 0.58
CA ALA A 114 56.20 -35.52 1.49
C ALA A 114 56.91 -34.27 0.95
N MET A 115 57.04 -34.20 -0.38
N MET A 115 56.99 -34.14 -0.38
CA MET A 115 57.54 -33.04 -1.09
CA MET A 115 57.59 -32.96 -0.97
C MET A 115 56.57 -31.88 -0.92
C MET A 115 56.58 -31.80 -1.02
N LYS A 116 55.30 -32.11 -1.31
CA LYS A 116 54.29 -31.06 -1.34
C LYS A 116 54.22 -30.34 0.01
N TYR A 117 54.23 -31.12 1.11
CA TYR A 117 54.03 -30.60 2.46
C TYR A 117 55.36 -30.41 3.19
N SER A 118 56.49 -30.56 2.48
CA SER A 118 57.79 -30.32 3.08
C SER A 118 58.01 -31.09 4.38
N VAL A 119 57.75 -32.42 4.37
CA VAL A 119 57.72 -33.22 5.60
C VAL A 119 59.13 -33.63 6.03
N VAL A 120 59.77 -32.77 6.86
CA VAL A 120 61.13 -32.95 7.35
C VAL A 120 61.34 -34.35 7.94
N PRO A 121 60.46 -34.85 8.85
CA PRO A 121 60.70 -36.14 9.49
C PRO A 121 60.96 -37.30 8.53
N VAL A 122 60.18 -37.36 7.43
CA VAL A 122 60.34 -38.36 6.38
C VAL A 122 61.73 -38.26 5.79
N TYR A 123 62.13 -37.03 5.44
CA TYR A 123 63.41 -36.75 4.81
C TYR A 123 64.61 -36.98 5.73
N GLN A 124 64.42 -36.83 7.05
CA GLN A 124 65.54 -37.09 7.95
C GLN A 124 65.80 -38.58 7.94
N GLU A 125 64.71 -39.33 7.98
CA GLU A 125 64.81 -40.79 7.94
C GLU A 125 65.56 -41.18 6.68
N PHE A 126 65.31 -40.51 5.55
CA PHE A 126 66.07 -40.79 4.33
C PHE A 126 67.56 -40.51 4.55
N ALA A 127 67.86 -39.34 5.12
CA ALA A 127 69.26 -38.95 5.28
C ALA A 127 70.00 -39.98 6.12
N ARG A 128 69.36 -40.44 7.21
CA ARG A 128 70.01 -41.43 8.06
C ARG A 128 70.31 -42.72 7.30
N GLN A 129 69.40 -43.16 6.41
CA GLN A 129 69.60 -44.42 5.72
C GLN A 129 70.61 -44.24 4.58
N ILE A 130 70.64 -43.07 3.94
CA ILE A 130 71.68 -42.74 2.98
C ILE A 130 73.05 -42.78 3.67
N GLY A 131 73.17 -42.03 4.78
CA GLY A 131 74.37 -41.95 5.59
C GLY A 131 75.34 -40.88 5.10
N GLU A 132 76.30 -40.49 5.98
CA GLU A 132 77.17 -39.35 5.76
C GLU A 132 78.08 -39.55 4.53
N ALA A 133 78.61 -40.77 4.37
CA ALA A 133 79.59 -41.04 3.34
C ALA A 133 78.95 -41.01 1.93
N ARG A 134 77.78 -41.65 1.75
CA ARG A 134 77.10 -41.61 0.45
C ARG A 134 76.57 -40.21 0.17
N MET A 135 76.05 -39.55 1.19
CA MET A 135 75.49 -38.22 1.00
C MET A 135 76.58 -37.27 0.49
N SER A 136 77.75 -37.29 1.15
CA SER A 136 78.84 -36.37 0.81
CA SER A 136 78.86 -36.40 0.82
C SER A 136 79.33 -36.63 -0.61
N LYS A 137 79.44 -37.90 -0.98
CA LYS A 137 79.93 -38.32 -2.30
C LYS A 137 78.95 -37.86 -3.40
N MET A 138 77.66 -38.08 -3.16
CA MET A 138 76.60 -37.72 -4.08
CA MET A 138 76.63 -37.73 -4.11
C MET A 138 76.56 -36.21 -4.29
N LEU A 139 76.69 -35.44 -3.21
CA LEU A 139 76.65 -34.00 -3.42
C LEU A 139 77.90 -33.49 -4.14
N HIS A 140 79.02 -34.19 -3.95
CA HIS A 140 80.19 -33.85 -4.73
C HIS A 140 79.90 -34.07 -6.21
N ALA A 141 79.30 -35.22 -6.58
CA ALA A 141 79.00 -35.53 -7.98
C ALA A 141 77.92 -34.63 -8.56
N PHE A 142 77.04 -34.06 -7.72
CA PHE A 142 76.03 -33.12 -8.16
C PHE A 142 76.59 -31.70 -8.30
N ASP A 143 77.79 -31.47 -7.74
CA ASP A 143 78.42 -30.16 -7.73
C ASP A 143 77.55 -29.17 -6.98
N TYR A 144 76.97 -29.62 -5.86
CA TYR A 144 75.87 -28.91 -5.23
C TYR A 144 76.40 -27.88 -4.23
N GLY A 145 76.23 -26.57 -4.54
CA GLY A 145 76.57 -25.46 -3.65
C GLY A 145 78.00 -25.57 -3.11
N ASN A 146 78.17 -25.44 -1.78
CA ASN A 146 79.49 -25.52 -1.18
C ASN A 146 79.84 -26.97 -0.86
N GLU A 147 78.94 -27.89 -1.23
CA GLU A 147 79.16 -29.34 -1.09
C GLU A 147 79.58 -29.74 0.33
N ASP A 148 79.35 -28.87 1.33
CA ASP A 148 79.81 -29.10 2.70
C ASP A 148 78.67 -29.61 3.58
N ILE A 149 78.80 -30.83 4.12
CA ILE A 149 77.75 -31.45 4.92
C ILE A 149 78.13 -31.53 6.40
N SER A 150 79.08 -30.69 6.87
CA SER A 150 79.38 -30.62 8.30
C SER A 150 78.11 -30.30 9.10
N GLY A 151 77.92 -30.96 10.27
CA GLY A 151 76.67 -30.91 11.01
C GLY A 151 76.01 -32.29 11.12
N ASN A 152 74.72 -32.33 11.47
CA ASN A 152 74.01 -33.61 11.55
C ASN A 152 73.71 -34.12 10.14
N VAL A 153 73.95 -35.43 9.89
CA VAL A 153 73.56 -36.03 8.61
C VAL A 153 72.05 -35.89 8.37
N ASP A 154 71.28 -35.85 9.45
CA ASP A 154 69.84 -35.71 9.37
C ASP A 154 69.39 -34.27 9.60
N SER A 155 70.30 -33.26 9.53
CA SER A 155 69.87 -31.87 9.72
C SER A 155 70.78 -30.81 9.08
N PHE A 156 71.89 -31.20 8.43
CA PHE A 156 72.87 -30.25 7.90
C PHE A 156 72.25 -29.17 6.98
N TRP A 157 71.25 -29.53 6.15
CA TRP A 157 70.66 -28.55 5.22
C TRP A 157 69.85 -27.49 5.97
N LEU A 158 69.50 -27.81 7.22
CA LEU A 158 68.66 -27.02 8.10
C LEU A 158 69.47 -26.12 9.03
N ASP A 159 70.51 -26.67 9.67
CA ASP A 159 71.22 -25.91 10.71
C ASP A 159 72.72 -26.20 10.65
N GLY A 160 73.15 -26.78 9.53
CA GLY A 160 74.51 -27.26 9.31
C GLY A 160 75.29 -26.30 8.41
N GLY A 161 76.30 -26.84 7.73
CA GLY A 161 77.31 -26.05 7.05
C GLY A 161 77.04 -25.80 5.56
N ILE A 162 76.07 -26.52 4.95
CA ILE A 162 75.83 -26.44 3.51
C ILE A 162 75.14 -25.13 3.14
N ARG A 163 75.60 -24.54 2.05
CA ARG A 163 75.13 -23.25 1.55
C ARG A 163 75.10 -23.33 0.03
N ILE A 164 74.15 -22.62 -0.58
CA ILE A 164 74.04 -22.64 -2.04
C ILE A 164 73.48 -21.28 -2.49
N SER A 165 73.98 -20.79 -3.63
CA SER A 165 73.42 -19.58 -4.23
C SER A 165 72.25 -19.90 -5.16
N ALA A 166 71.43 -18.88 -5.41
CA ALA A 166 70.39 -18.93 -6.43
C ALA A 166 71.00 -19.38 -7.77
N THR A 167 72.14 -18.82 -8.18
CA THR A 167 72.70 -19.24 -9.47
C THR A 167 73.24 -20.67 -9.43
N GLU A 168 73.64 -21.15 -8.25
CA GLU A 168 74.06 -22.54 -8.16
C GLU A 168 72.84 -23.46 -8.13
N GLN A 169 71.71 -22.95 -7.63
CA GLN A 169 70.46 -23.72 -7.63
C GLN A 169 70.09 -23.97 -9.11
N ILE A 170 70.17 -22.92 -9.93
CA ILE A 170 69.80 -22.99 -11.34
C ILE A 170 70.74 -23.92 -12.06
N SER A 171 72.04 -23.82 -11.78
N SER A 171 72.05 -23.80 -11.81
CA SER A 171 73.01 -24.72 -12.36
CA SER A 171 73.00 -24.74 -12.40
C SER A 171 72.65 -26.19 -12.10
C SER A 171 72.55 -26.19 -12.14
N PHE A 172 72.21 -26.48 -10.88
CA PHE A 172 71.84 -27.83 -10.48
C PHE A 172 70.55 -28.25 -11.18
N LEU A 173 69.58 -27.33 -11.22
CA LEU A 173 68.25 -27.59 -11.72
C LEU A 173 68.29 -27.84 -13.24
N ARG A 174 69.22 -27.18 -13.96
CA ARG A 174 69.41 -27.37 -15.37
C ARG A 174 69.85 -28.80 -15.67
N LYS A 175 70.78 -29.32 -14.85
CA LYS A 175 71.28 -30.67 -15.02
CA LYS A 175 71.29 -30.67 -14.99
C LYS A 175 70.15 -31.67 -14.81
N LEU A 176 69.29 -31.39 -13.82
CA LEU A 176 68.16 -32.28 -13.51
C LEU A 176 67.17 -32.28 -14.68
N TYR A 177 66.74 -31.08 -15.12
CA TYR A 177 65.94 -30.92 -16.32
C TYR A 177 66.43 -31.84 -17.42
N HIS A 178 67.74 -31.83 -17.72
CA HIS A 178 68.29 -32.55 -18.86
C HIS A 178 68.67 -33.99 -18.54
N ASN A 179 68.34 -34.48 -17.33
CA ASN A 179 68.69 -35.86 -16.97
C ASN A 179 70.20 -36.09 -16.97
N LYS A 180 70.95 -35.05 -16.58
CA LYS A 180 72.39 -35.17 -16.65
C LYS A 180 73.05 -35.20 -15.27
N LEU A 181 72.26 -35.33 -14.19
CA LEU A 181 72.87 -35.60 -12.89
C LEU A 181 73.33 -37.05 -12.84
N HIS A 182 74.33 -37.33 -11.97
CA HIS A 182 74.89 -38.67 -11.83
C HIS A 182 74.01 -39.59 -10.99
N VAL A 183 72.74 -39.75 -11.40
CA VAL A 183 71.84 -40.75 -10.87
C VAL A 183 71.06 -41.30 -12.07
N SER A 184 70.24 -42.33 -11.86
CA SER A 184 69.54 -42.91 -13.00
C SER A 184 68.56 -41.90 -13.62
N GLU A 185 68.21 -42.12 -14.89
CA GLU A 185 67.18 -41.31 -15.51
C GLU A 185 65.87 -41.43 -14.72
N ARG A 186 65.58 -42.65 -14.25
CA ARG A 186 64.36 -42.91 -13.51
C ARG A 186 64.28 -42.05 -12.26
N SER A 187 65.40 -41.97 -11.51
CA SER A 187 65.40 -41.16 -10.29
C SER A 187 65.08 -39.71 -10.64
N GLN A 188 65.66 -39.22 -11.75
CA GLN A 188 65.47 -37.83 -12.11
C GLN A 188 64.00 -37.58 -12.51
N ARG A 189 63.40 -38.51 -13.29
CA ARG A 189 62.03 -38.35 -13.76
C ARG A 189 61.07 -38.44 -12.58
N ILE A 190 61.31 -39.36 -11.65
CA ILE A 190 60.43 -39.41 -10.47
C ILE A 190 60.48 -38.10 -9.67
N VAL A 191 61.69 -37.58 -9.42
CA VAL A 191 61.81 -36.36 -8.64
C VAL A 191 61.17 -35.17 -9.39
N LYS A 192 61.37 -35.06 -10.71
CA LYS A 192 60.70 -34.01 -11.49
C LYS A 192 59.17 -34.13 -11.42
N GLN A 193 58.67 -35.38 -11.33
CA GLN A 193 57.23 -35.56 -11.12
C GLN A 193 56.85 -34.99 -9.76
N ALA A 194 57.66 -35.30 -8.72
CA ALA A 194 57.37 -34.87 -7.35
C ALA A 194 57.40 -33.35 -7.22
N MET A 195 58.18 -32.68 -8.09
CA MET A 195 58.32 -31.22 -8.04
C MET A 195 57.16 -30.48 -8.67
N LEU A 196 56.23 -31.21 -9.32
CA LEU A 196 55.12 -30.59 -9.99
C LEU A 196 54.32 -29.73 -9.02
N THR A 197 54.19 -28.44 -9.36
CA THR A 197 53.56 -27.48 -8.46
C THR A 197 52.29 -26.88 -9.08
N GLU A 198 52.32 -26.55 -10.37
CA GLU A 198 51.17 -25.94 -11.02
C GLU A 198 51.19 -26.32 -12.49
N ALA A 199 50.01 -26.49 -13.13
CA ALA A 199 49.95 -26.59 -14.58
C ALA A 199 48.59 -26.13 -15.06
N ASN A 200 48.60 -25.47 -16.24
CA ASN A 200 47.38 -25.16 -16.98
C ASN A 200 47.70 -25.10 -18.47
N GLY A 201 46.76 -24.57 -19.28
CA GLY A 201 46.95 -24.56 -20.72
C GLY A 201 48.06 -23.62 -21.17
N ASP A 202 48.72 -22.95 -20.23
CA ASP A 202 49.66 -21.89 -20.51
C ASP A 202 51.09 -22.28 -20.11
N TYR A 203 51.26 -22.89 -18.93
CA TYR A 203 52.59 -23.29 -18.48
C TYR A 203 52.51 -24.40 -17.43
N ILE A 204 53.67 -25.00 -17.17
CA ILE A 204 53.85 -25.95 -16.09
C ILE A 204 54.94 -25.40 -15.17
N ILE A 205 54.70 -25.43 -13.85
CA ILE A 205 55.79 -25.10 -12.93
C ILE A 205 56.19 -26.35 -12.14
N ARG A 206 57.48 -26.67 -12.22
CA ARG A 206 58.08 -27.65 -11.29
C ARG A 206 59.00 -26.90 -10.36
N ALA A 207 58.79 -27.02 -9.04
CA ALA A 207 59.57 -26.17 -8.14
C ALA A 207 59.58 -26.76 -6.73
N LYS A 208 60.37 -26.11 -5.85
CA LYS A 208 60.35 -26.46 -4.43
C LYS A 208 60.61 -25.21 -3.59
N THR A 209 59.80 -25.03 -2.53
CA THR A 209 59.92 -23.94 -1.58
C THR A 209 60.95 -24.27 -0.50
N GLY A 210 61.50 -23.21 0.10
CA GLY A 210 62.41 -23.29 1.23
C GLY A 210 62.17 -22.15 2.23
N TYR A 211 62.26 -22.47 3.53
CA TYR A 211 62.19 -21.51 4.62
C TYR A 211 63.31 -21.84 5.61
N SER A 212 64.37 -21.01 5.65
CA SER A 212 65.50 -21.22 6.55
C SER A 212 65.39 -20.33 7.80
N THR A 213 65.25 -20.95 8.99
CA THR A 213 64.96 -20.16 10.18
C THR A 213 66.00 -20.34 11.29
N ARG A 214 66.91 -21.31 11.17
CA ARG A 214 67.75 -21.64 12.31
C ARG A 214 69.03 -20.79 12.37
N ILE A 215 69.50 -20.31 11.22
CA ILE A 215 70.69 -19.48 11.15
C ILE A 215 70.31 -18.21 10.38
N GLU A 216 70.87 -17.07 10.80
CA GLU A 216 70.54 -15.78 10.18
C GLU A 216 71.32 -15.62 8.89
N PRO A 217 70.82 -14.80 7.95
CA PRO A 217 69.49 -14.22 8.05
C PRO A 217 68.46 -15.26 7.65
N LYS A 218 67.29 -15.21 8.30
CA LYS A 218 66.17 -16.05 7.92
C LYS A 218 65.73 -15.68 6.50
N ILE A 219 65.45 -16.70 5.67
CA ILE A 219 65.11 -16.45 4.28
C ILE A 219 64.03 -17.43 3.82
N GLY A 220 63.36 -17.05 2.74
CA GLY A 220 62.50 -17.97 2.00
C GLY A 220 63.14 -18.25 0.66
N TRP A 221 62.97 -19.47 0.13
CA TRP A 221 63.39 -19.76 -1.24
C TRP A 221 62.16 -20.16 -2.06
N TRP A 222 62.26 -19.99 -3.38
CA TRP A 222 61.50 -20.80 -4.33
C TRP A 222 62.39 -21.04 -5.54
N VAL A 223 62.59 -22.30 -5.90
CA VAL A 223 63.50 -22.61 -6.99
C VAL A 223 62.80 -23.63 -7.92
N GLY A 224 63.07 -23.56 -9.23
CA GLY A 224 62.47 -24.51 -10.14
C GLY A 224 62.51 -24.03 -11.58
N TRP A 225 61.45 -24.34 -12.34
CA TRP A 225 61.38 -23.90 -13.73
C TRP A 225 59.95 -23.76 -14.20
N VAL A 226 59.83 -23.02 -15.32
CA VAL A 226 58.57 -22.79 -16.00
C VAL A 226 58.74 -23.40 -17.39
N GLU A 227 57.91 -24.40 -17.69
CA GLU A 227 57.93 -25.06 -18.99
C GLU A 227 56.88 -24.38 -19.86
N LEU A 228 57.30 -23.95 -21.04
CA LEU A 228 56.41 -23.38 -22.05
C LEU A 228 56.41 -24.31 -23.26
N ASP A 229 55.53 -24.04 -24.23
CA ASP A 229 55.49 -24.85 -25.44
C ASP A 229 56.88 -25.02 -26.06
N ASP A 230 57.67 -23.95 -26.22
CA ASP A 230 58.93 -24.13 -26.94
C ASP A 230 60.14 -23.54 -26.20
N ASN A 231 60.10 -23.50 -24.86
CA ASN A 231 61.24 -23.00 -24.10
C ASN A 231 61.04 -23.40 -22.63
N VAL A 232 62.11 -23.27 -21.83
N VAL A 232 62.12 -23.24 -21.85
CA VAL A 232 62.06 -23.45 -20.38
CA VAL A 232 62.12 -23.43 -20.41
C VAL A 232 62.83 -22.32 -19.72
C VAL A 232 62.79 -22.20 -19.81
N TRP A 233 62.20 -21.69 -18.73
CA TRP A 233 62.76 -20.61 -17.91
C TRP A 233 63.01 -21.14 -16.50
N PHE A 234 64.29 -21.33 -16.17
CA PHE A 234 64.65 -21.67 -14.80
C PHE A 234 64.60 -20.45 -13.89
N PHE A 235 64.17 -20.69 -12.63
CA PHE A 235 64.19 -19.60 -11.66
C PHE A 235 64.79 -20.07 -10.34
N ALA A 236 65.32 -19.10 -9.61
CA ALA A 236 65.73 -19.30 -8.22
C ALA A 236 65.59 -17.97 -7.53
N MET A 237 64.83 -17.94 -6.44
CA MET A 237 64.63 -16.69 -5.74
CA MET A 237 64.55 -16.70 -5.73
C MET A 237 64.75 -16.91 -4.23
N ASN A 238 65.24 -15.87 -3.52
CA ASN A 238 65.29 -15.90 -2.07
C ASN A 238 64.98 -14.49 -1.55
N MET A 239 64.25 -14.42 -0.43
CA MET A 239 63.78 -13.17 0.13
C MET A 239 63.87 -13.23 1.66
N ASP A 240 63.94 -12.07 2.31
CA ASP A 240 64.03 -12.01 3.76
C ASP A 240 62.70 -12.43 4.39
N MET A 241 62.80 -13.28 5.41
CA MET A 241 61.62 -13.79 6.07
C MET A 241 61.85 -13.71 7.57
N PRO A 242 61.88 -12.48 8.16
CA PRO A 242 61.94 -12.33 9.61
C PRO A 242 60.70 -12.89 10.28
N THR A 243 59.61 -13.02 9.51
CA THR A 243 58.38 -13.57 10.05
C THR A 243 57.74 -14.51 9.02
N SER A 244 57.02 -15.53 9.52
CA SER A 244 56.38 -16.55 8.70
C SER A 244 55.18 -15.99 7.91
N ASP A 245 54.91 -14.70 8.06
CA ASP A 245 53.76 -14.07 7.41
C ASP A 245 54.06 -13.75 5.96
N GLY A 246 55.35 -13.65 5.61
CA GLY A 246 55.68 -13.33 4.22
C GLY A 246 55.79 -14.56 3.31
N LEU A 247 55.48 -15.76 3.81
CA LEU A 247 55.84 -16.99 3.11
C LEU A 247 55.21 -17.03 1.70
N GLY A 248 53.91 -16.71 1.65
CA GLY A 248 53.10 -16.52 0.47
C GLY A 248 53.76 -15.66 -0.60
N LEU A 249 54.71 -14.80 -0.19
CA LEU A 249 55.32 -13.82 -1.07
C LEU A 249 56.34 -14.48 -1.97
N ARG A 250 56.86 -15.63 -1.53
CA ARG A 250 57.83 -16.39 -2.31
C ARG A 250 57.29 -16.65 -3.71
N GLN A 251 56.09 -17.19 -3.78
CA GLN A 251 55.54 -17.43 -5.11
C GLN A 251 55.07 -16.11 -5.75
N ALA A 252 54.39 -15.27 -4.95
CA ALA A 252 53.74 -14.06 -5.44
C ALA A 252 54.71 -13.12 -6.15
N ILE A 253 55.90 -12.89 -5.57
CA ILE A 253 56.87 -11.98 -6.15
C ILE A 253 57.44 -12.60 -7.42
N THR A 254 57.61 -13.93 -7.41
CA THR A 254 58.19 -14.60 -8.57
C THR A 254 57.22 -14.47 -9.75
N LYS A 255 55.94 -14.69 -9.50
CA LYS A 255 54.97 -14.67 -10.59
C LYS A 255 54.78 -13.23 -11.08
N GLU A 256 54.86 -12.27 -10.14
CA GLU A 256 54.87 -10.87 -10.50
C GLU A 256 56.00 -10.64 -11.51
N VAL A 257 57.17 -11.16 -11.21
CA VAL A 257 58.29 -10.97 -12.11
C VAL A 257 58.04 -11.69 -13.44
N LEU A 258 57.53 -12.93 -13.34
CA LEU A 258 57.28 -13.76 -14.51
CA LEU A 258 57.29 -13.76 -14.52
C LEU A 258 56.32 -13.04 -15.45
N LYS A 259 55.26 -12.45 -14.89
CA LYS A 259 54.23 -11.73 -15.61
C LYS A 259 54.83 -10.50 -16.28
N GLN A 260 55.69 -9.79 -15.56
CA GLN A 260 56.26 -8.56 -16.09
C GLN A 260 57.13 -8.89 -17.29
N GLU A 261 57.84 -10.02 -17.22
CA GLU A 261 58.76 -10.41 -18.28
C GLU A 261 58.02 -11.11 -19.42
N LYS A 262 56.68 -11.22 -19.33
CA LYS A 262 55.83 -11.76 -20.38
C LYS A 262 56.11 -13.25 -20.56
N ILE A 263 56.34 -13.95 -19.45
CA ILE A 263 56.68 -15.37 -19.50
C ILE A 263 55.42 -16.18 -19.24
N ILE A 264 54.64 -15.77 -18.23
CA ILE A 264 53.30 -16.27 -18.02
C ILE A 264 52.33 -15.11 -18.25
N PRO A 265 51.07 -15.37 -18.65
CA PRO A 265 50.07 -14.31 -18.76
C PRO A 265 49.77 -13.72 -17.37
N LYS B 23 35.15 -54.43 -8.34
CA LYS B 23 34.44 -54.36 -9.69
C LYS B 23 32.93 -54.17 -9.49
N GLU B 24 32.54 -53.23 -8.58
CA GLU B 24 31.14 -53.03 -8.16
C GLU B 24 30.67 -51.59 -8.45
N TRP B 25 29.39 -51.49 -8.83
CA TRP B 25 28.91 -50.39 -9.66
C TRP B 25 27.62 -49.80 -9.12
N GLN B 26 27.48 -48.49 -9.31
CA GLN B 26 26.25 -47.79 -8.96
C GLN B 26 25.91 -46.86 -10.12
N GLU B 27 24.64 -46.92 -10.56
CA GLU B 27 24.13 -46.00 -11.55
C GLU B 27 23.52 -44.80 -10.84
N ASN B 28 23.95 -43.59 -11.19
CA ASN B 28 23.40 -42.36 -10.63
C ASN B 28 22.79 -41.54 -11.76
N LYS B 29 21.51 -41.78 -12.02
CA LYS B 29 20.76 -41.10 -13.08
C LYS B 29 20.75 -39.60 -12.80
N SER B 30 21.08 -39.21 -11.55
CA SER B 30 21.06 -37.81 -11.15
C SER B 30 22.06 -36.97 -11.95
N TRP B 31 23.15 -37.60 -12.46
CA TRP B 31 24.11 -36.84 -13.24
C TRP B 31 23.57 -36.48 -14.61
N ASN B 32 22.53 -37.19 -15.10
CA ASN B 32 21.92 -36.84 -16.38
C ASN B 32 21.56 -35.35 -16.46
N ALA B 33 21.38 -34.70 -15.29
CA ALA B 33 21.02 -33.29 -15.26
C ALA B 33 22.15 -32.40 -15.76
N HIS B 34 23.41 -32.82 -15.55
CA HIS B 34 24.53 -32.04 -16.06
C HIS B 34 24.53 -32.08 -17.58
N PHE B 35 24.02 -33.17 -18.18
CA PHE B 35 23.87 -33.23 -19.63
C PHE B 35 22.65 -32.47 -20.13
N THR B 36 21.47 -32.68 -19.50
CA THR B 36 20.22 -32.12 -20.00
C THR B 36 20.25 -30.59 -19.93
N GLU B 37 21.01 -30.06 -18.96
CA GLU B 37 21.23 -28.64 -18.78
C GLU B 37 21.76 -28.01 -20.06
N HIS B 38 22.51 -28.78 -20.87
CA HIS B 38 23.17 -28.24 -22.05
C HIS B 38 22.48 -28.77 -23.30
N LYS B 39 21.29 -29.36 -23.11
CA LYS B 39 20.56 -30.02 -24.18
C LYS B 39 21.48 -31.04 -24.87
N SER B 40 22.18 -31.87 -24.08
CA SER B 40 23.09 -32.87 -24.61
CA SER B 40 23.00 -32.90 -24.70
C SER B 40 22.76 -34.24 -24.02
N GLN B 41 23.54 -35.23 -24.44
CA GLN B 41 23.42 -36.60 -23.96
C GLN B 41 24.84 -37.12 -23.79
N GLY B 42 25.09 -37.94 -22.78
CA GLY B 42 26.42 -38.51 -22.70
C GLY B 42 26.58 -39.38 -21.48
N VAL B 43 27.83 -39.74 -21.21
CA VAL B 43 28.08 -40.60 -20.09
C VAL B 43 29.31 -40.09 -19.36
N VAL B 44 29.26 -40.08 -18.02
CA VAL B 44 30.47 -39.96 -17.22
C VAL B 44 30.62 -41.24 -16.40
N VAL B 45 31.83 -41.79 -16.37
CA VAL B 45 32.14 -42.95 -15.57
C VAL B 45 33.26 -42.53 -14.64
N LEU B 46 33.10 -42.75 -13.32
CA LEU B 46 34.17 -42.55 -12.36
C LEU B 46 34.50 -43.89 -11.68
N TRP B 47 35.77 -44.04 -11.30
CA TRP B 47 36.26 -45.18 -10.56
C TRP B 47 37.06 -44.66 -9.37
N ASN B 48 36.62 -45.04 -8.17
CA ASN B 48 37.32 -44.74 -6.94
C ASN B 48 38.38 -45.81 -6.75
N GLU B 49 39.67 -45.44 -6.78
CA GLU B 49 40.70 -46.50 -6.77
C GLU B 49 40.80 -47.19 -5.41
N ASN B 50 40.86 -46.39 -4.32
CA ASN B 50 41.02 -46.95 -2.98
C ASN B 50 39.90 -47.96 -2.75
N LYS B 51 38.67 -47.55 -3.08
CA LYS B 51 37.49 -48.31 -2.69
C LYS B 51 37.10 -49.31 -3.77
N GLN B 52 37.73 -49.24 -4.96
CA GLN B 52 37.45 -50.19 -6.05
C GLN B 52 35.95 -50.22 -6.37
N GLN B 53 35.37 -49.04 -6.57
CA GLN B 53 33.96 -48.91 -6.89
C GLN B 53 33.79 -47.95 -8.04
N GLY B 54 32.84 -48.26 -8.95
CA GLY B 54 32.48 -47.44 -10.11
C GLY B 54 31.12 -46.76 -9.96
N PHE B 55 30.99 -45.61 -10.62
CA PHE B 55 29.79 -44.77 -10.65
C PHE B 55 29.62 -44.25 -12.07
N THR B 56 28.38 -44.29 -12.58
CA THR B 56 28.09 -43.77 -13.92
C THR B 56 26.64 -43.32 -13.95
N ASN B 57 26.30 -42.36 -14.84
CA ASN B 57 24.91 -41.95 -15.01
C ASN B 57 24.18 -42.93 -15.92
N ASN B 58 24.90 -43.80 -16.65
CA ASN B 58 24.27 -44.58 -17.71
C ASN B 58 25.11 -45.84 -17.96
N LEU B 59 24.77 -46.92 -17.26
CA LEU B 59 25.49 -48.18 -17.40
C LEU B 59 25.53 -48.65 -18.86
N LYS B 60 24.43 -48.49 -19.60
CA LYS B 60 24.41 -48.96 -20.98
C LYS B 60 25.48 -48.20 -21.78
N ARG B 61 25.37 -46.87 -21.78
CA ARG B 61 26.27 -46.12 -22.62
C ARG B 61 27.72 -46.24 -22.12
N ALA B 62 27.91 -46.50 -20.83
CA ALA B 62 29.25 -46.60 -20.28
C ALA B 62 30.01 -47.76 -20.93
N ASN B 63 29.25 -48.74 -21.45
CA ASN B 63 29.82 -49.99 -21.95
C ASN B 63 29.68 -50.09 -23.47
N GLN B 64 29.17 -49.03 -24.10
CA GLN B 64 29.09 -48.93 -25.54
C GLN B 64 30.42 -48.45 -26.13
N ALA B 65 30.84 -49.05 -27.26
CA ALA B 65 32.13 -48.74 -27.85
C ALA B 65 32.02 -47.62 -28.90
N PHE B 66 32.91 -46.62 -28.80
CA PHE B 66 32.95 -45.54 -29.77
C PHE B 66 34.37 -45.45 -30.37
N LEU B 67 34.50 -44.71 -31.49
CA LEU B 67 35.80 -44.40 -32.07
C LEU B 67 36.58 -43.58 -31.04
N PRO B 68 37.87 -43.91 -30.76
CA PRO B 68 38.63 -43.21 -29.73
C PRO B 68 39.17 -41.84 -30.13
N ALA B 69 39.20 -41.59 -31.46
CA ALA B 69 39.79 -40.39 -32.05
C ALA B 69 41.07 -40.01 -31.29
N SER B 70 41.19 -38.68 -30.86
CA SER B 70 42.48 -38.30 -30.25
C SER B 70 42.80 -38.97 -28.91
N THR B 71 41.87 -39.72 -28.28
CA THR B 71 42.27 -40.41 -27.04
C THR B 71 43.24 -41.54 -27.36
N PHE B 72 43.27 -41.92 -28.65
CA PHE B 72 44.16 -43.01 -29.09
C PHE B 72 45.64 -42.55 -29.05
N LYS B 73 45.88 -41.26 -28.93
CA LYS B 73 47.25 -40.78 -28.81
C LYS B 73 47.92 -41.32 -27.54
N ILE B 74 47.16 -41.73 -26.51
CA ILE B 74 47.76 -42.36 -25.33
C ILE B 74 48.44 -43.69 -25.72
N PRO B 75 47.76 -44.76 -26.24
CA PRO B 75 48.49 -45.97 -26.60
C PRO B 75 49.48 -45.75 -27.76
N ASN B 76 49.14 -44.87 -28.71
CA ASN B 76 50.03 -44.55 -29.82
C ASN B 76 51.36 -44.02 -29.24
N SER B 77 51.28 -43.05 -28.30
CA SER B 77 52.48 -42.56 -27.61
C SER B 77 53.30 -43.68 -26.97
N LEU B 78 52.67 -44.51 -26.11
CA LEU B 78 53.32 -45.62 -25.43
C LEU B 78 54.11 -46.51 -26.40
N ILE B 79 53.47 -46.89 -27.50
CA ILE B 79 54.08 -47.80 -28.45
C ILE B 79 55.24 -47.13 -29.19
N ALA B 80 55.10 -45.86 -29.56
CA ALA B 80 56.16 -45.18 -30.29
C ALA B 80 57.41 -45.03 -29.41
N LEU B 81 57.21 -44.68 -28.13
CA LEU B 81 58.31 -44.65 -27.17
C LEU B 81 58.94 -46.02 -26.98
N ASP B 82 58.11 -47.05 -26.76
CA ASP B 82 58.67 -48.33 -26.37
C ASP B 82 59.51 -48.94 -27.50
N LEU B 83 59.09 -48.71 -28.75
CA LEU B 83 59.81 -49.14 -29.93
C LEU B 83 60.87 -48.12 -30.38
N GLY B 84 61.07 -47.03 -29.63
CA GLY B 84 62.10 -46.07 -29.99
C GLY B 84 61.78 -45.36 -31.30
N VAL B 85 60.53 -45.50 -31.77
CA VAL B 85 60.09 -44.66 -32.87
C VAL B 85 60.23 -43.21 -32.46
N VAL B 86 59.89 -42.91 -31.20
CA VAL B 86 60.17 -41.61 -30.61
C VAL B 86 61.24 -41.80 -29.52
N LYS B 87 62.29 -40.97 -29.52
CA LYS B 87 63.43 -41.24 -28.65
C LYS B 87 63.14 -40.77 -27.23
N ASP B 88 62.57 -39.58 -27.08
CA ASP B 88 62.25 -39.02 -25.77
C ASP B 88 61.25 -37.89 -26.00
N GLU B 89 60.85 -37.19 -24.92
CA GLU B 89 59.82 -36.17 -25.04
C GLU B 89 60.32 -34.84 -25.64
N HIS B 90 61.60 -34.75 -26.02
CA HIS B 90 62.15 -33.50 -26.55
C HIS B 90 62.43 -33.62 -28.04
N GLN B 91 62.48 -34.83 -28.60
CA GLN B 91 62.68 -34.96 -30.03
C GLN B 91 61.67 -34.11 -30.80
N VAL B 92 62.17 -33.36 -31.80
CA VAL B 92 61.36 -32.43 -32.55
C VAL B 92 60.91 -33.10 -33.86
N PHE B 93 59.61 -32.98 -34.10
CA PHE B 93 58.99 -33.39 -35.35
C PHE B 93 58.65 -32.11 -36.10
N LYS B 94 59.43 -31.80 -37.13
CA LYS B 94 59.28 -30.56 -37.87
C LYS B 94 57.99 -30.60 -38.68
N TRP B 95 57.33 -29.44 -38.73
CA TRP B 95 56.19 -29.20 -39.58
C TRP B 95 56.61 -29.44 -41.02
N ASP B 96 55.68 -29.99 -41.82
CA ASP B 96 55.96 -30.39 -43.20
C ASP B 96 55.69 -29.26 -44.19
N GLY B 97 55.27 -28.09 -43.69
CA GLY B 97 55.09 -26.93 -44.54
C GLY B 97 53.70 -26.86 -45.18
N GLN B 98 52.88 -27.89 -45.00
CA GLN B 98 51.53 -27.90 -45.55
C GLN B 98 50.62 -27.28 -44.48
N THR B 99 49.90 -26.22 -44.84
CA THR B 99 49.08 -25.58 -43.83
C THR B 99 47.71 -26.27 -43.77
N ARG B 100 47.40 -26.74 -42.54
CA ARG B 100 46.18 -27.45 -42.20
C ARG B 100 45.28 -26.43 -41.52
N ASP B 101 44.01 -26.76 -41.26
CA ASP B 101 43.10 -25.69 -40.88
C ASP B 101 43.06 -25.51 -39.36
N ILE B 102 43.83 -26.33 -38.63
CA ILE B 102 44.03 -26.08 -37.21
C ILE B 102 45.41 -25.45 -37.07
N ALA B 103 45.46 -24.22 -36.55
CA ALA B 103 46.66 -23.40 -36.64
C ALA B 103 47.80 -24.01 -35.83
N THR B 104 47.47 -24.69 -34.73
CA THR B 104 48.51 -25.08 -33.82
C THR B 104 49.27 -26.27 -34.41
N TRP B 105 48.69 -26.88 -35.44
CA TRP B 105 49.33 -28.01 -36.11
C TRP B 105 50.45 -27.54 -37.03
N ASN B 106 50.43 -26.25 -37.39
CA ASN B 106 51.26 -25.74 -38.47
C ASN B 106 52.57 -25.18 -37.91
N ARG B 107 53.34 -26.02 -37.21
CA ARG B 107 54.50 -25.65 -36.40
C ARG B 107 55.21 -26.92 -35.96
N ASP B 108 56.47 -26.80 -35.49
CA ASP B 108 57.24 -27.96 -35.02
C ASP B 108 56.65 -28.45 -33.71
N HIS B 109 56.76 -29.75 -33.42
CA HIS B 109 56.18 -30.31 -32.19
C HIS B 109 57.16 -31.29 -31.56
N ASN B 110 57.05 -31.44 -30.24
CA ASN B 110 57.59 -32.63 -29.59
C ASN B 110 56.42 -33.47 -29.12
N LEU B 111 56.71 -34.54 -28.39
CA LEU B 111 55.67 -35.42 -27.89
C LEU B 111 54.69 -34.70 -26.95
N ILE B 112 55.20 -33.77 -26.12
CA ILE B 112 54.37 -33.07 -25.16
C ILE B 112 53.41 -32.16 -25.91
N THR B 113 53.94 -31.35 -26.84
CA THR B 113 53.07 -30.39 -27.47
C THR B 113 52.19 -31.08 -28.51
N ALA B 114 52.65 -32.21 -29.06
CA ALA B 114 51.85 -32.95 -30.03
C ALA B 114 50.60 -33.52 -29.35
N MET B 115 50.78 -33.99 -28.11
CA MET B 115 49.64 -34.49 -27.35
CA MET B 115 49.68 -34.48 -27.29
C MET B 115 48.73 -33.31 -26.97
N LYS B 116 49.32 -32.20 -26.49
CA LYS B 116 48.57 -31.04 -26.04
C LYS B 116 47.65 -30.51 -27.13
N TYR B 117 48.16 -30.38 -28.35
CA TYR B 117 47.38 -29.84 -29.45
C TYR B 117 46.73 -30.91 -30.34
N SER B 118 46.75 -32.18 -29.91
CA SER B 118 46.22 -33.33 -30.67
C SER B 118 46.65 -33.34 -32.15
N VAL B 119 47.97 -33.32 -32.41
CA VAL B 119 48.49 -33.07 -33.74
C VAL B 119 48.54 -34.37 -34.54
N VAL B 120 47.44 -34.65 -35.26
CA VAL B 120 47.21 -35.90 -35.96
C VAL B 120 48.36 -36.24 -36.91
N PRO B 121 48.79 -35.34 -37.81
CA PRO B 121 49.88 -35.65 -38.75
C PRO B 121 51.16 -36.23 -38.11
N VAL B 122 51.58 -35.70 -36.96
CA VAL B 122 52.69 -36.28 -36.20
C VAL B 122 52.40 -37.73 -35.83
N TYR B 123 51.22 -37.96 -35.23
CA TYR B 123 50.83 -39.28 -34.76
C TYR B 123 50.67 -40.26 -35.92
N GLN B 124 50.31 -39.77 -37.11
CA GLN B 124 50.12 -40.61 -38.27
C GLN B 124 51.50 -41.14 -38.71
N GLU B 125 52.51 -40.26 -38.66
CA GLU B 125 53.88 -40.62 -38.95
C GLU B 125 54.37 -41.66 -37.94
N PHE B 126 54.09 -41.46 -36.63
CA PHE B 126 54.40 -42.48 -35.63
C PHE B 126 53.84 -43.85 -36.02
N ALA B 127 52.57 -43.87 -36.43
CA ALA B 127 51.86 -45.13 -36.67
C ALA B 127 52.50 -45.88 -37.85
N ARG B 128 52.88 -45.14 -38.88
CA ARG B 128 53.54 -45.67 -40.08
C ARG B 128 54.85 -46.37 -39.71
N GLN B 129 55.65 -45.71 -38.83
CA GLN B 129 56.90 -46.27 -38.35
C GLN B 129 56.65 -47.48 -37.45
N ILE B 130 55.61 -47.42 -36.60
CA ILE B 130 55.26 -48.59 -35.82
C ILE B 130 54.97 -49.77 -36.75
N GLY B 131 54.19 -49.49 -37.81
CA GLY B 131 53.74 -50.51 -38.75
C GLY B 131 52.54 -51.29 -38.22
N GLU B 132 51.79 -51.91 -39.15
CA GLU B 132 50.55 -52.59 -38.82
C GLU B 132 50.81 -53.80 -37.92
N ALA B 133 51.88 -54.57 -38.15
CA ALA B 133 52.02 -55.79 -37.37
C ALA B 133 52.33 -55.50 -35.90
N ARG B 134 53.27 -54.60 -35.61
CA ARG B 134 53.57 -54.28 -34.21
C ARG B 134 52.39 -53.55 -33.54
N MET B 135 51.70 -52.69 -34.28
CA MET B 135 50.57 -51.93 -33.75
C MET B 135 49.52 -52.92 -33.24
N SER B 136 49.14 -53.89 -34.09
CA SER B 136 48.13 -54.87 -33.75
CA SER B 136 48.16 -54.91 -33.77
C SER B 136 48.54 -55.68 -32.53
N LYS B 137 49.80 -56.16 -32.50
CA LYS B 137 50.23 -56.99 -31.38
C LYS B 137 50.26 -56.21 -30.05
N MET B 138 50.79 -54.99 -30.06
CA MET B 138 50.84 -54.17 -28.85
C MET B 138 49.42 -53.85 -28.35
N LEU B 139 48.47 -53.60 -29.26
CA LEU B 139 47.12 -53.28 -28.80
C LEU B 139 46.47 -54.51 -28.18
N HIS B 140 46.84 -55.71 -28.69
CA HIS B 140 46.37 -56.96 -28.12
C HIS B 140 47.00 -57.16 -26.74
N ALA B 141 48.31 -56.85 -26.61
CA ALA B 141 48.95 -56.92 -25.31
C ALA B 141 48.27 -55.96 -24.32
N PHE B 142 47.85 -54.78 -24.80
CA PHE B 142 47.22 -53.81 -23.90
C PHE B 142 45.77 -54.19 -23.58
N ASP B 143 45.20 -55.16 -24.33
CA ASP B 143 43.78 -55.47 -24.26
C ASP B 143 42.96 -54.20 -24.59
N TYR B 144 43.40 -53.42 -25.58
CA TYR B 144 42.80 -52.15 -25.94
C TYR B 144 41.95 -52.35 -27.19
N GLY B 145 40.66 -52.03 -27.12
CA GLY B 145 39.89 -52.03 -28.35
C GLY B 145 39.32 -53.42 -28.69
N ASN B 146 38.57 -53.45 -29.79
CA ASN B 146 37.83 -54.62 -30.25
C ASN B 146 38.82 -55.62 -30.83
N GLU B 147 38.47 -56.93 -30.73
CA GLU B 147 39.33 -58.06 -31.04
C GLU B 147 39.84 -58.00 -32.48
N ASP B 148 38.97 -57.69 -33.44
CA ASP B 148 39.37 -57.58 -34.84
C ASP B 148 39.28 -56.14 -35.32
N ILE B 149 40.39 -55.39 -35.12
CA ILE B 149 40.57 -54.05 -35.68
C ILE B 149 40.77 -54.19 -37.19
N SER B 150 40.82 -53.06 -37.92
CA SER B 150 40.95 -53.04 -39.38
C SER B 150 41.23 -51.64 -39.90
N GLY B 151 41.46 -51.49 -41.22
CA GLY B 151 41.91 -50.25 -41.83
C GLY B 151 43.43 -50.19 -41.98
N ASN B 152 43.94 -49.09 -42.55
CA ASN B 152 45.38 -48.88 -42.71
C ASN B 152 46.00 -48.34 -41.40
N VAL B 153 47.33 -48.45 -41.27
CA VAL B 153 47.95 -48.26 -39.96
C VAL B 153 47.79 -46.81 -39.50
N ASP B 154 47.82 -45.86 -40.46
CA ASP B 154 47.76 -44.45 -40.11
C ASP B 154 46.34 -43.91 -40.24
N SER B 155 45.34 -44.80 -40.30
CA SER B 155 43.98 -44.39 -40.58
C SER B 155 42.97 -45.05 -39.64
N PHE B 156 43.22 -46.32 -39.26
CA PHE B 156 42.27 -47.14 -38.51
C PHE B 156 41.70 -46.45 -37.27
N TRP B 157 42.53 -45.66 -36.56
CA TRP B 157 42.15 -45.01 -35.31
C TRP B 157 41.40 -43.70 -35.58
N LEU B 158 41.09 -43.43 -36.85
CA LEU B 158 40.40 -42.21 -37.29
C LEU B 158 39.12 -42.58 -38.05
N ASP B 159 39.18 -43.68 -38.82
CA ASP B 159 38.23 -43.91 -39.90
C ASP B 159 37.18 -44.94 -39.47
N GLY B 160 37.47 -45.70 -38.40
CA GLY B 160 36.47 -46.54 -37.78
C GLY B 160 36.91 -47.98 -37.61
N GLY B 161 38.22 -48.23 -37.71
CA GLY B 161 38.72 -49.58 -37.56
C GLY B 161 38.88 -50.03 -36.10
N ILE B 162 38.72 -49.12 -35.11
CA ILE B 162 38.90 -49.50 -33.71
C ILE B 162 37.89 -48.74 -32.84
N ARG B 163 37.33 -49.40 -31.83
CA ARG B 163 36.29 -48.83 -30.98
C ARG B 163 36.61 -49.17 -29.53
N ILE B 164 36.21 -48.30 -28.59
CA ILE B 164 36.42 -48.57 -27.16
C ILE B 164 35.33 -47.84 -26.35
N SER B 165 34.88 -48.47 -25.25
CA SER B 165 33.88 -47.97 -24.31
C SER B 165 34.55 -47.14 -23.20
N ALA B 166 33.77 -46.23 -22.56
CA ALA B 166 34.30 -45.49 -21.42
C ALA B 166 34.80 -46.44 -20.34
N THR B 167 34.09 -47.55 -20.04
CA THR B 167 34.61 -48.42 -18.99
C THR B 167 35.94 -49.07 -19.39
N GLU B 168 36.09 -49.40 -20.68
CA GLU B 168 37.32 -50.00 -21.18
C GLU B 168 38.44 -48.94 -21.16
N GLN B 169 38.11 -47.66 -21.35
CA GLN B 169 39.12 -46.60 -21.25
C GLN B 169 39.66 -46.58 -19.82
N ILE B 170 38.77 -46.74 -18.81
CA ILE B 170 39.19 -46.72 -17.42
C ILE B 170 40.14 -47.89 -17.11
N SER B 171 39.81 -49.08 -17.62
CA SER B 171 40.59 -50.27 -17.31
C SER B 171 42.01 -50.12 -17.86
N PHE B 172 42.11 -49.54 -19.05
CA PHE B 172 43.37 -49.19 -19.71
C PHE B 172 44.15 -48.15 -18.90
N LEU B 173 43.46 -47.10 -18.41
CA LEU B 173 44.16 -46.04 -17.72
C LEU B 173 44.67 -46.52 -16.37
N ARG B 174 43.96 -47.45 -15.72
CA ARG B 174 44.40 -47.96 -14.43
C ARG B 174 45.68 -48.78 -14.63
N LYS B 175 45.76 -49.54 -15.71
CA LYS B 175 47.00 -50.23 -16.04
C LYS B 175 48.15 -49.22 -16.20
N LEU B 176 47.93 -48.17 -17.00
CA LEU B 176 48.97 -47.17 -17.23
C LEU B 176 49.39 -46.53 -15.90
N TYR B 177 48.41 -46.13 -15.08
CA TYR B 177 48.66 -45.50 -13.80
C TYR B 177 49.66 -46.37 -13.01
N HIS B 178 49.43 -47.68 -13.05
CA HIS B 178 50.16 -48.60 -12.19
C HIS B 178 51.44 -49.14 -12.85
N ASN B 179 51.78 -48.64 -14.05
CA ASN B 179 52.94 -49.13 -14.80
C ASN B 179 52.79 -50.63 -15.16
N LYS B 180 51.56 -51.08 -15.37
CA LYS B 180 51.26 -52.49 -15.60
C LYS B 180 51.14 -52.85 -17.07
N LEU B 181 51.20 -51.88 -17.99
CA LEU B 181 51.12 -52.24 -19.40
C LEU B 181 52.42 -52.93 -19.81
N HIS B 182 52.35 -53.69 -20.91
CA HIS B 182 53.41 -54.49 -21.51
C HIS B 182 54.39 -53.61 -22.30
N VAL B 183 54.88 -52.53 -21.68
CA VAL B 183 55.87 -51.66 -22.29
C VAL B 183 56.74 -51.26 -21.12
N SER B 184 57.86 -50.55 -21.38
CA SER B 184 58.77 -50.25 -20.27
C SER B 184 58.11 -49.28 -19.29
N GLU B 185 58.64 -49.24 -18.07
CA GLU B 185 58.24 -48.26 -17.08
C GLU B 185 58.49 -46.86 -17.62
N ARG B 186 59.66 -46.70 -18.26
CA ARG B 186 60.04 -45.41 -18.84
C ARG B 186 58.99 -44.91 -19.82
N SER B 187 58.53 -45.78 -20.74
CA SER B 187 57.51 -45.39 -21.71
CA SER B 187 57.54 -45.31 -21.71
C SER B 187 56.26 -44.89 -20.99
N GLN B 188 55.82 -45.65 -19.98
CA GLN B 188 54.63 -45.23 -19.23
C GLN B 188 54.82 -43.89 -18.47
N ARG B 189 55.98 -43.72 -17.80
CA ARG B 189 56.21 -42.46 -17.10
C ARG B 189 56.18 -41.29 -18.09
N ILE B 190 56.84 -41.43 -19.25
CA ILE B 190 56.88 -40.36 -20.24
C ILE B 190 55.45 -40.02 -20.71
N VAL B 191 54.64 -41.04 -20.97
CA VAL B 191 53.31 -40.74 -21.47
C VAL B 191 52.48 -40.07 -20.36
N LYS B 192 52.64 -40.51 -19.11
CA LYS B 192 51.86 -39.86 -18.04
C LYS B 192 52.28 -38.38 -17.90
N GLN B 193 53.57 -38.10 -18.13
CA GLN B 193 54.03 -36.72 -18.13
C GLN B 193 53.31 -35.97 -19.25
N ALA B 194 53.23 -36.57 -20.44
CA ALA B 194 52.61 -35.93 -21.58
C ALA B 194 51.11 -35.70 -21.40
N MET B 195 50.46 -36.52 -20.57
CA MET B 195 49.04 -36.37 -20.30
C MET B 195 48.72 -35.23 -19.32
N LEU B 196 49.75 -34.61 -18.70
CA LEU B 196 49.50 -33.61 -17.68
C LEU B 196 48.67 -32.47 -18.28
N THR B 197 47.55 -32.17 -17.61
CA THR B 197 46.59 -31.21 -18.15
C THR B 197 46.36 -30.06 -17.16
N GLU B 198 46.31 -30.33 -15.85
CA GLU B 198 46.08 -29.28 -14.88
C GLU B 198 46.65 -29.71 -13.54
N ALA B 199 47.16 -28.75 -12.77
CA ALA B 199 47.65 -29.07 -11.44
C ALA B 199 47.57 -27.82 -10.58
N ASN B 200 47.15 -28.03 -9.33
CA ASN B 200 47.11 -26.97 -8.33
C ASN B 200 47.40 -27.59 -6.95
N GLY B 201 47.13 -26.83 -5.88
CA GLY B 201 47.36 -27.36 -4.55
C GLY B 201 46.31 -28.38 -4.11
N ASP B 202 45.24 -28.53 -4.90
CA ASP B 202 44.19 -29.47 -4.52
C ASP B 202 44.30 -30.79 -5.29
N TYR B 203 44.72 -30.74 -6.56
CA TYR B 203 44.57 -31.91 -7.42
C TYR B 203 45.50 -31.81 -8.63
N ILE B 204 45.81 -32.98 -9.25
CA ILE B 204 46.45 -33.06 -10.55
C ILE B 204 45.52 -33.84 -11.47
N ILE B 205 45.32 -33.34 -12.69
CA ILE B 205 44.59 -34.10 -13.70
C ILE B 205 45.55 -34.44 -14.83
N ARG B 206 45.63 -35.75 -15.12
CA ARG B 206 46.28 -36.25 -16.33
C ARG B 206 45.19 -36.84 -17.22
N ALA B 207 45.15 -36.42 -18.48
CA ALA B 207 43.99 -36.77 -19.30
C ALA B 207 44.24 -36.48 -20.78
N LYS B 208 43.30 -36.94 -21.61
CA LYS B 208 43.35 -36.63 -23.03
C LYS B 208 41.93 -36.43 -23.59
N THR B 209 41.74 -35.39 -24.39
CA THR B 209 40.45 -35.10 -25.02
C THR B 209 40.37 -35.84 -26.36
N GLY B 210 39.14 -36.10 -26.80
CA GLY B 210 38.97 -36.55 -28.17
C GLY B 210 37.73 -35.95 -28.81
N TYR B 211 37.73 -35.93 -30.16
CA TYR B 211 36.58 -35.45 -30.90
C TYR B 211 36.44 -36.29 -32.17
N SER B 212 35.41 -37.14 -32.20
CA SER B 212 35.25 -38.07 -33.31
C SER B 212 34.13 -37.59 -34.22
N THR B 213 34.44 -37.33 -35.49
CA THR B 213 33.50 -36.72 -36.41
C THR B 213 33.27 -37.57 -37.66
N ARG B 214 34.02 -38.65 -37.86
CA ARG B 214 34.02 -39.26 -39.18
C ARG B 214 32.95 -40.34 -39.34
N ILE B 215 32.41 -40.86 -38.23
CA ILE B 215 31.33 -41.81 -38.24
C ILE B 215 30.34 -41.30 -37.20
N GLU B 216 29.02 -41.50 -37.45
CA GLU B 216 28.01 -41.11 -36.48
C GLU B 216 28.02 -42.12 -35.32
N PRO B 217 27.60 -41.72 -34.09
CA PRO B 217 27.24 -40.34 -33.80
C PRO B 217 28.52 -39.58 -33.47
N LYS B 218 28.60 -38.32 -33.89
CA LYS B 218 29.75 -37.51 -33.56
C LYS B 218 29.79 -37.30 -32.05
N ILE B 219 30.97 -37.53 -31.46
CA ILE B 219 31.06 -37.47 -30.00
C ILE B 219 32.33 -36.75 -29.57
N GLY B 220 32.32 -36.26 -28.33
CA GLY B 220 33.55 -35.82 -27.70
C GLY B 220 33.88 -36.71 -26.52
N TRP B 221 35.18 -36.75 -26.18
CA TRP B 221 35.72 -37.60 -25.15
C TRP B 221 36.55 -36.76 -24.18
N TRP B 222 36.59 -37.20 -22.93
CA TRP B 222 37.65 -36.78 -22.03
C TRP B 222 37.94 -37.95 -21.10
N VAL B 223 39.17 -38.48 -21.12
CA VAL B 223 39.49 -39.64 -20.30
C VAL B 223 40.77 -39.36 -19.51
N GLY B 224 40.83 -39.88 -18.28
CA GLY B 224 42.03 -39.57 -17.51
C GLY B 224 41.86 -39.93 -16.04
N TRP B 225 42.61 -39.24 -15.16
CA TRP B 225 42.39 -39.40 -13.74
C TRP B 225 42.65 -38.10 -13.00
N VAL B 226 42.17 -38.10 -11.75
CA VAL B 226 42.45 -37.03 -10.81
C VAL B 226 43.25 -37.61 -9.66
N GLU B 227 44.47 -37.13 -9.46
CA GLU B 227 45.29 -37.50 -8.32
C GLU B 227 45.00 -36.57 -7.14
N LEU B 228 44.65 -37.18 -6.00
CA LEU B 228 44.59 -36.47 -4.72
C LEU B 228 45.69 -36.98 -3.80
N ASP B 229 45.88 -36.34 -2.64
CA ASP B 229 46.91 -36.75 -1.70
C ASP B 229 46.77 -38.23 -1.35
N ASP B 230 45.50 -38.66 -1.21
CA ASP B 230 45.07 -39.87 -0.54
C ASP B 230 44.40 -40.88 -1.48
N ASN B 231 44.22 -40.56 -2.77
CA ASN B 231 43.43 -41.45 -3.62
C ASN B 231 43.57 -40.98 -5.07
N VAL B 232 43.08 -41.80 -6.00
N VAL B 232 43.05 -41.82 -5.98
CA VAL B 232 43.01 -41.35 -7.39
CA VAL B 232 42.98 -41.48 -7.40
C VAL B 232 41.64 -41.72 -7.95
C VAL B 232 41.56 -41.73 -7.88
N TRP B 233 41.02 -40.78 -8.65
CA TRP B 233 39.73 -41.00 -9.29
C TRP B 233 39.95 -41.07 -10.80
N PHE B 234 39.68 -42.22 -11.41
CA PHE B 234 39.76 -42.34 -12.85
C PHE B 234 38.43 -41.92 -13.46
N PHE B 235 38.47 -41.34 -14.64
CA PHE B 235 37.23 -40.95 -15.26
C PHE B 235 37.33 -41.17 -16.75
N ALA B 236 36.18 -41.38 -17.39
CA ALA B 236 36.07 -41.40 -18.83
C ALA B 236 34.67 -40.92 -19.17
N MET B 237 34.56 -39.96 -20.07
CA MET B 237 33.27 -39.42 -20.45
C MET B 237 33.21 -39.31 -21.96
N ASN B 238 32.02 -39.53 -22.52
CA ASN B 238 31.80 -39.14 -23.89
C ASN B 238 30.42 -38.49 -23.97
N MET B 239 30.21 -37.72 -25.02
CA MET B 239 28.97 -36.99 -25.17
C MET B 239 28.73 -36.69 -26.64
N ASP B 240 27.45 -36.59 -27.00
CA ASP B 240 27.08 -36.26 -28.37
C ASP B 240 27.65 -34.89 -28.67
N MET B 241 28.20 -34.72 -29.88
CA MET B 241 28.89 -33.48 -30.19
C MET B 241 28.59 -33.13 -31.65
N PRO B 242 27.35 -32.71 -32.01
CA PRO B 242 26.99 -32.47 -33.41
C PRO B 242 27.70 -31.28 -34.03
N THR B 243 28.15 -30.32 -33.20
CA THR B 243 29.04 -29.28 -33.72
C THR B 243 30.15 -29.01 -32.71
N SER B 244 31.18 -28.30 -33.17
CA SER B 244 32.37 -28.02 -32.39
C SER B 244 32.09 -27.04 -31.27
N ASP B 245 30.87 -26.49 -31.25
CA ASP B 245 30.47 -25.43 -30.35
C ASP B 245 30.45 -25.96 -28.91
N GLY B 246 30.16 -27.25 -28.75
CA GLY B 246 29.99 -27.81 -27.41
C GLY B 246 31.28 -28.37 -26.80
N LEU B 247 32.43 -28.17 -27.47
CA LEU B 247 33.61 -28.97 -27.18
C LEU B 247 34.10 -28.71 -25.76
N GLY B 248 33.95 -27.47 -25.30
CA GLY B 248 34.32 -27.08 -23.94
C GLY B 248 33.55 -27.82 -22.85
N LEU B 249 32.41 -28.41 -23.20
CA LEU B 249 31.59 -29.15 -22.24
C LEU B 249 32.22 -30.46 -21.82
N ARG B 250 33.13 -30.98 -22.66
CA ARG B 250 33.78 -32.23 -22.30
C ARG B 250 34.40 -32.06 -20.91
N GLN B 251 35.22 -31.01 -20.76
CA GLN B 251 35.83 -30.71 -19.47
C GLN B 251 34.81 -30.15 -18.46
N ALA B 252 33.94 -29.22 -18.89
CA ALA B 252 33.12 -28.55 -17.87
C ALA B 252 32.13 -29.50 -17.18
N ILE B 253 31.47 -30.35 -17.99
CA ILE B 253 30.54 -31.33 -17.42
C ILE B 253 31.28 -32.31 -16.54
N THR B 254 32.47 -32.78 -16.96
CA THR B 254 33.20 -33.66 -16.07
C THR B 254 33.52 -32.95 -14.74
N LYS B 255 33.94 -31.68 -14.80
CA LYS B 255 34.29 -30.98 -13.57
C LYS B 255 33.06 -30.70 -12.70
N GLU B 256 31.90 -30.53 -13.32
CA GLU B 256 30.67 -30.37 -12.55
C GLU B 256 30.39 -31.64 -11.74
N VAL B 257 30.58 -32.80 -12.36
CA VAL B 257 30.37 -34.06 -11.66
C VAL B 257 31.42 -34.25 -10.55
N LEU B 258 32.70 -33.97 -10.83
CA LEU B 258 33.71 -34.05 -9.79
C LEU B 258 33.39 -33.15 -8.59
N LYS B 259 32.94 -31.91 -8.84
CA LYS B 259 32.52 -30.98 -7.79
C LYS B 259 31.33 -31.53 -7.00
N GLN B 260 30.29 -31.99 -7.69
CA GLN B 260 29.10 -32.54 -7.05
C GLN B 260 29.47 -33.71 -6.15
N GLU B 261 30.50 -34.48 -6.56
CA GLU B 261 30.82 -35.68 -5.82
C GLU B 261 31.86 -35.38 -4.74
N LYS B 262 32.20 -34.09 -4.59
CA LYS B 262 33.16 -33.61 -3.60
C LYS B 262 34.57 -34.14 -3.87
N ILE B 263 34.87 -34.49 -5.13
CA ILE B 263 36.19 -35.00 -5.46
C ILE B 263 37.17 -33.84 -5.60
N ILE B 264 36.74 -32.72 -6.21
CA ILE B 264 37.51 -31.49 -6.25
C ILE B 264 36.67 -30.37 -5.63
N PRO B 265 37.28 -29.24 -5.20
CA PRO B 265 36.51 -28.10 -4.66
C PRO B 265 35.62 -27.46 -5.74
N LYS C 23 -22.43 -52.19 28.16
CA LYS C 23 -21.67 -51.86 29.40
C LYS C 23 -20.80 -50.64 29.15
N GLU C 24 -21.11 -49.52 29.83
CA GLU C 24 -20.43 -48.24 29.66
C GLU C 24 -18.92 -48.41 29.88
N TRP C 25 -18.53 -49.28 30.82
CA TRP C 25 -17.11 -49.51 31.04
C TRP C 25 -16.79 -50.98 30.90
N GLN C 26 -15.56 -51.25 30.45
CA GLN C 26 -14.99 -52.58 30.41
C GLN C 26 -13.55 -52.45 30.86
N GLU C 27 -13.11 -53.42 31.68
CA GLU C 27 -11.74 -53.50 32.10
C GLU C 27 -11.04 -54.51 31.19
N ASN C 28 -9.87 -54.19 30.65
CA ASN C 28 -9.16 -55.21 29.89
C ASN C 28 -7.75 -55.39 30.46
N LYS C 29 -7.66 -56.33 31.39
CA LYS C 29 -6.46 -56.59 32.18
C LYS C 29 -5.30 -56.96 31.27
N SER C 30 -5.62 -57.45 30.06
CA SER C 30 -4.59 -57.96 29.16
C SER C 30 -3.60 -56.88 28.73
N TRP C 31 -3.94 -55.60 28.95
CA TRP C 31 -3.01 -54.54 28.58
C TRP C 31 -1.84 -54.46 29.59
N ASN C 32 -2.02 -55.03 30.79
CA ASN C 32 -0.99 -55.01 31.82
C ASN C 32 0.27 -55.64 31.27
N ALA C 33 0.08 -56.54 30.30
CA ALA C 33 1.19 -57.11 29.57
C ALA C 33 2.03 -55.98 28.97
N HIS C 34 1.37 -54.89 28.58
CA HIS C 34 2.02 -53.75 27.97
C HIS C 34 2.83 -52.96 29.00
N PHE C 35 2.28 -52.84 30.22
CA PHE C 35 3.04 -52.26 31.31
C PHE C 35 4.17 -53.19 31.78
N THR C 36 3.81 -54.42 32.13
CA THR C 36 4.78 -55.35 32.69
C THR C 36 5.90 -55.60 31.68
N GLU C 37 5.56 -55.69 30.38
CA GLU C 37 6.53 -55.90 29.33
C GLU C 37 7.66 -54.88 29.44
N HIS C 38 7.33 -53.59 29.20
CA HIS C 38 8.28 -52.48 29.17
C HIS C 38 8.78 -52.15 30.58
N LYS C 39 8.28 -52.93 31.56
CA LYS C 39 8.67 -52.99 32.97
C LYS C 39 8.24 -51.73 33.71
N SER C 40 6.94 -51.69 34.06
CA SER C 40 6.24 -50.50 34.49
C SER C 40 4.94 -50.88 35.20
N GLN C 41 4.43 -49.96 36.02
CA GLN C 41 3.08 -49.98 36.57
C GLN C 41 2.34 -48.72 36.11
N GLY C 42 1.05 -48.83 35.74
CA GLY C 42 0.29 -47.68 35.28
C GLY C 42 -1.13 -48.04 34.78
N VAL C 43 -1.75 -47.08 34.08
CA VAL C 43 -3.14 -47.16 33.63
C VAL C 43 -3.29 -46.45 32.27
N VAL C 44 -4.11 -47.04 31.39
CA VAL C 44 -4.50 -46.42 30.13
C VAL C 44 -6.01 -46.43 30.12
N VAL C 45 -6.60 -45.27 29.88
CA VAL C 45 -8.03 -45.16 29.70
C VAL C 45 -8.30 -44.76 28.24
N LEU C 46 -9.20 -45.50 27.56
CA LEU C 46 -9.66 -45.20 26.20
C LEU C 46 -11.14 -44.87 26.25
N TRP C 47 -11.55 -43.94 25.40
CA TRP C 47 -12.97 -43.71 25.26
C TRP C 47 -13.33 -43.63 23.78
N ASN C 48 -14.25 -44.49 23.38
CA ASN C 48 -14.79 -44.52 22.02
C ASN C 48 -15.93 -43.50 21.95
N GLU C 49 -15.69 -42.37 21.27
CA GLU C 49 -16.67 -41.30 21.23
C GLU C 49 -17.94 -41.73 20.50
N ASN C 50 -17.83 -42.42 19.35
CA ASN C 50 -19.06 -42.77 18.63
C ASN C 50 -19.92 -43.67 19.50
N LYS C 51 -19.30 -44.65 20.15
CA LYS C 51 -20.00 -45.72 20.83
C LYS C 51 -20.14 -45.44 22.32
N GLN C 52 -19.45 -44.40 22.83
CA GLN C 52 -19.63 -43.92 24.20
C GLN C 52 -19.30 -45.02 25.20
N GLN C 53 -18.17 -45.68 24.98
CA GLN C 53 -17.74 -46.74 25.88
C GLN C 53 -16.31 -46.48 26.29
N GLY C 54 -16.02 -46.74 27.57
CA GLY C 54 -14.67 -46.67 28.07
C GLY C 54 -14.07 -48.06 28.21
N PHE C 55 -12.74 -48.08 28.20
CA PHE C 55 -11.92 -49.26 28.37
C PHE C 55 -10.70 -48.84 29.17
N THR C 56 -10.34 -49.63 30.20
CA THR C 56 -9.09 -49.42 30.94
C THR C 56 -8.50 -50.73 31.46
N ASN C 57 -7.20 -50.72 31.77
CA ASN C 57 -6.55 -51.90 32.32
C ASN C 57 -6.71 -51.96 33.84
N ASN C 58 -7.28 -50.91 34.41
CA ASN C 58 -7.29 -50.77 35.90
C ASN C 58 -8.31 -49.72 36.28
N LEU C 59 -9.58 -50.10 36.39
CA LEU C 59 -10.65 -49.23 36.83
C LEU C 59 -10.44 -48.74 38.26
N LYS C 60 -9.27 -49.03 38.84
CA LYS C 60 -8.96 -48.39 40.13
C LYS C 60 -8.11 -47.16 39.83
N ARG C 61 -6.93 -47.36 39.27
CA ARG C 61 -6.03 -46.27 38.96
C ARG C 61 -6.65 -45.27 37.98
N ALA C 62 -7.65 -45.71 37.18
CA ALA C 62 -8.30 -44.87 36.18
C ALA C 62 -9.00 -43.68 36.85
N ASN C 63 -9.37 -43.82 38.14
CA ASN C 63 -10.15 -42.81 38.82
C ASN C 63 -9.32 -42.11 39.90
N GLN C 64 -8.04 -42.48 39.97
CA GLN C 64 -7.12 -41.94 40.96
C GLN C 64 -6.52 -40.61 40.47
N ALA C 65 -6.63 -39.57 41.31
CA ALA C 65 -6.30 -38.20 40.95
C ALA C 65 -4.86 -37.91 41.29
N PHE C 66 -4.10 -37.37 40.33
CA PHE C 66 -2.71 -36.99 40.57
C PHE C 66 -2.52 -35.54 40.16
N LEU C 67 -1.36 -34.99 40.53
CA LEU C 67 -0.91 -33.71 40.04
C LEU C 67 -0.90 -33.78 38.51
N PRO C 68 -1.52 -32.80 37.80
CA PRO C 68 -1.52 -32.76 36.32
C PRO C 68 -0.18 -32.51 35.64
N ALA C 69 0.75 -31.88 36.36
CA ALA C 69 2.07 -31.47 35.81
C ALA C 69 1.93 -30.72 34.47
N SER C 70 2.75 -31.02 33.47
CA SER C 70 2.63 -30.24 32.23
C SER C 70 1.34 -30.49 31.44
N THR C 71 0.49 -31.44 31.88
CA THR C 71 -0.79 -31.61 31.21
C THR C 71 -1.66 -30.38 31.48
N PHE C 72 -1.28 -29.62 32.53
CA PHE C 72 -1.99 -28.42 32.91
C PHE C 72 -1.79 -27.32 31.87
N KCX C 73 -0.82 -27.46 30.98
CA KCX C 73 -0.65 -26.49 29.90
CB KCX C 73 0.64 -26.80 29.13
CG KCX C 73 1.88 -26.33 29.86
CD KCX C 73 3.16 -26.96 29.36
CE KCX C 73 4.31 -26.31 30.12
NZ KCX C 73 4.66 -27.07 31.30
C KCX C 73 -1.87 -26.40 28.98
O KCX C 73 -2.09 -25.35 28.36
CX KCX C 73 4.02 -26.97 32.50
OQ1 KCX C 73 4.06 -27.85 33.32
OQ2 KCX C 73 3.37 -25.80 32.77
N ILE C 74 -2.73 -27.44 28.96
CA ILE C 74 -3.91 -27.37 28.11
C ILE C 74 -4.87 -26.32 28.67
N PRO C 75 -5.39 -26.47 29.91
CA PRO C 75 -6.24 -25.42 30.50
C PRO C 75 -5.53 -24.07 30.59
N ASN C 76 -4.22 -24.07 30.93
CA ASN C 76 -3.51 -22.81 31.12
C ASN C 76 -3.53 -21.97 29.83
N SER C 77 -3.24 -22.65 28.70
CA SER C 77 -3.25 -22.05 27.36
C SER C 77 -4.60 -21.46 27.02
N LEU C 78 -5.67 -22.24 27.26
CA LEU C 78 -7.01 -21.81 26.91
C LEU C 78 -7.34 -20.50 27.62
N ILE C 79 -7.02 -20.43 28.92
CA ILE C 79 -7.35 -19.27 29.75
C ILE C 79 -6.50 -18.09 29.32
N ALA C 80 -5.19 -18.29 29.15
CA ALA C 80 -4.33 -17.21 28.70
C ALA C 80 -4.84 -16.61 27.38
N LEU C 81 -5.26 -17.47 26.45
CA LEU C 81 -5.72 -16.95 25.16
C LEU C 81 -7.04 -16.21 25.31
N ASP C 82 -7.95 -16.73 26.14
CA ASP C 82 -9.28 -16.17 26.18
C ASP C 82 -9.28 -14.81 26.88
N LEU C 83 -8.35 -14.64 27.80
CA LEU C 83 -8.21 -13.40 28.56
C LEU C 83 -7.34 -12.42 27.80
N GLY C 84 -6.70 -12.85 26.71
CA GLY C 84 -5.85 -11.92 25.98
C GLY C 84 -4.47 -11.78 26.61
N VAL C 85 -4.15 -12.61 27.59
CA VAL C 85 -2.79 -12.65 28.07
C VAL C 85 -1.85 -13.05 26.93
N VAL C 86 -2.34 -13.91 26.02
CA VAL C 86 -1.57 -14.30 24.85
C VAL C 86 -2.41 -13.88 23.65
N LYS C 87 -1.81 -13.13 22.72
CA LYS C 87 -2.57 -12.60 21.59
C LYS C 87 -2.95 -13.75 20.65
N ASP C 88 -1.95 -14.52 20.23
CA ASP C 88 -2.16 -15.59 19.26
C ASP C 88 -0.98 -16.54 19.36
N GLU C 89 -0.90 -17.54 18.47
CA GLU C 89 0.05 -18.62 18.56
C GLU C 89 1.41 -18.21 18.01
N HIS C 90 1.52 -16.96 17.49
CA HIS C 90 2.75 -16.43 16.94
C HIS C 90 3.46 -15.50 17.94
N GLN C 91 2.73 -14.91 18.89
CA GLN C 91 3.35 -14.00 19.85
C GLN C 91 4.58 -14.63 20.48
N VAL C 92 5.67 -13.87 20.52
CA VAL C 92 6.95 -14.41 20.96
C VAL C 92 7.17 -14.15 22.46
N PHE C 93 7.67 -15.17 23.18
CA PHE C 93 8.11 -15.05 24.58
C PHE C 93 9.61 -15.28 24.61
N LYS C 94 10.38 -14.18 24.74
CA LYS C 94 11.81 -14.30 24.53
C LYS C 94 12.48 -14.88 25.78
N TRP C 95 13.56 -15.62 25.55
CA TRP C 95 14.44 -16.12 26.58
C TRP C 95 14.92 -14.99 27.49
N ASP C 96 15.04 -15.28 28.79
CA ASP C 96 15.62 -14.33 29.74
C ASP C 96 17.14 -14.52 29.91
N GLY C 97 17.77 -15.39 29.11
CA GLY C 97 19.23 -15.51 29.15
C GLY C 97 19.74 -16.32 30.36
N GLN C 98 18.82 -16.81 31.19
CA GLN C 98 19.19 -17.71 32.27
C GLN C 98 19.03 -19.15 31.80
N THR C 99 20.14 -19.92 31.85
CA THR C 99 20.17 -21.32 31.45
C THR C 99 19.55 -22.25 32.49
N ARG C 100 18.55 -23.00 32.03
CA ARG C 100 17.85 -23.98 32.83
C ARG C 100 18.25 -25.39 32.38
N ASP C 101 17.77 -26.39 33.11
CA ASP C 101 18.13 -27.79 33.00
C ASP C 101 17.75 -28.38 31.65
N ILE C 102 16.63 -27.89 31.11
CA ILE C 102 16.11 -28.38 29.85
C ILE C 102 16.66 -27.48 28.74
N ALA C 103 17.56 -28.01 27.91
CA ALA C 103 18.17 -27.21 26.83
C ALA C 103 17.12 -26.45 26.02
N THR C 104 16.00 -27.12 25.70
CA THR C 104 15.05 -26.58 24.73
C THR C 104 14.33 -25.35 25.29
N TRP C 105 14.42 -25.14 26.61
CA TRP C 105 13.80 -23.98 27.25
C TRP C 105 14.64 -22.72 27.04
N ASN C 106 15.89 -22.89 26.63
CA ASN C 106 16.82 -21.77 26.72
C ASN C 106 16.88 -21.03 25.40
N ARG C 107 15.73 -20.47 25.00
CA ARG C 107 15.50 -19.89 23.67
C ARG C 107 14.14 -19.19 23.64
N ASP C 108 13.89 -18.48 22.54
CA ASP C 108 12.62 -17.83 22.33
C ASP C 108 11.54 -18.90 22.07
N HIS C 109 10.35 -18.66 22.60
CA HIS C 109 9.23 -19.57 22.35
C HIS C 109 8.00 -18.79 21.89
N ASN C 110 7.12 -19.50 21.19
CA ASN C 110 5.75 -19.07 21.04
C ASN C 110 4.84 -20.14 21.69
N LEU C 111 3.51 -20.01 21.58
CA LEU C 111 2.60 -20.98 22.20
C LEU C 111 2.82 -22.41 21.69
N ILE C 112 3.01 -22.58 20.36
CA ILE C 112 3.20 -23.88 19.76
C ILE C 112 4.46 -24.52 20.34
N THR C 113 5.59 -23.80 20.30
CA THR C 113 6.86 -24.36 20.74
C THR C 113 6.87 -24.46 22.28
N ALA C 114 6.16 -23.57 22.99
CA ALA C 114 6.12 -23.67 24.45
C ALA C 114 5.41 -24.95 24.88
N MET C 115 4.36 -25.30 24.12
CA MET C 115 3.62 -26.52 24.40
CA MET C 115 3.60 -26.52 24.34
C MET C 115 4.47 -27.74 23.98
N LYS C 116 5.18 -27.64 22.86
CA LYS C 116 5.92 -28.80 22.36
C LYS C 116 7.01 -29.18 23.34
N TYR C 117 7.75 -28.20 23.88
CA TYR C 117 8.88 -28.47 24.77
C TYR C 117 8.54 -28.27 26.24
N SER C 118 7.23 -28.20 26.58
CA SER C 118 6.80 -28.04 27.96
C SER C 118 7.50 -26.91 28.73
N VAL C 119 7.46 -25.67 28.20
CA VAL C 119 8.33 -24.61 28.70
C VAL C 119 7.70 -23.92 29.93
N VAL C 120 8.01 -24.48 31.10
CA VAL C 120 7.38 -24.08 32.34
C VAL C 120 7.48 -22.58 32.59
N PRO C 121 8.66 -21.94 32.41
CA PRO C 121 8.80 -20.51 32.70
C PRO C 121 7.77 -19.67 31.94
N VAL C 122 7.50 -20.07 30.68
CA VAL C 122 6.56 -19.34 29.85
C VAL C 122 5.16 -19.37 30.48
N TYR C 123 4.74 -20.54 30.95
CA TYR C 123 3.43 -20.76 31.55
C TYR C 123 3.30 -20.18 32.96
N GLN C 124 4.40 -20.13 33.71
CA GLN C 124 4.36 -19.46 35.02
C GLN C 124 3.94 -18.00 34.84
N GLU C 125 4.55 -17.34 33.85
CA GLU C 125 4.25 -15.95 33.49
C GLU C 125 2.78 -15.80 33.16
N PHE C 126 2.27 -16.59 32.18
CA PHE C 126 0.84 -16.67 31.90
C PHE C 126 0.05 -16.77 33.21
N ALA C 127 0.46 -17.67 34.11
CA ALA C 127 -0.31 -17.92 35.33
C ALA C 127 -0.34 -16.67 36.21
N ARG C 128 0.80 -15.99 36.30
CA ARG C 128 0.87 -14.76 37.07
C ARG C 128 -0.11 -13.73 36.52
N GLN C 129 -0.13 -13.54 35.19
CA GLN C 129 -1.02 -12.55 34.60
C GLN C 129 -2.48 -12.97 34.70
N ILE C 130 -2.76 -14.28 34.62
CA ILE C 130 -4.14 -14.70 34.87
C ILE C 130 -4.55 -14.36 36.32
N GLY C 131 -3.71 -14.74 37.29
CA GLY C 131 -3.97 -14.48 38.70
C GLY C 131 -4.97 -15.46 39.31
N GLU C 132 -4.81 -15.67 40.63
CA GLU C 132 -5.58 -16.63 41.41
C GLU C 132 -7.06 -16.55 41.07
N ALA C 133 -7.59 -15.33 41.07
CA ALA C 133 -9.02 -15.16 41.00
C ALA C 133 -9.57 -15.78 39.71
N ARG C 134 -9.02 -15.36 38.57
CA ARG C 134 -9.53 -15.77 37.27
C ARG C 134 -9.26 -17.27 37.08
N MET C 135 -8.05 -17.69 37.48
CA MET C 135 -7.64 -19.08 37.41
C MET C 135 -8.66 -19.94 38.15
N SER C 136 -8.92 -19.59 39.41
CA SER C 136 -9.87 -20.36 40.20
C SER C 136 -11.22 -20.41 39.49
N LYS C 137 -11.66 -19.26 38.99
CA LYS C 137 -12.97 -19.14 38.37
C LYS C 137 -13.07 -20.00 37.10
N MET C 138 -12.03 -19.93 36.27
CA MET C 138 -12.01 -20.66 35.01
CA MET C 138 -12.02 -20.65 35.00
C MET C 138 -11.97 -22.17 35.25
N LEU C 139 -11.20 -22.62 36.25
CA LEU C 139 -11.08 -24.06 36.45
C LEU C 139 -12.41 -24.62 36.97
N HIS C 140 -13.13 -23.80 37.74
CA HIS C 140 -14.49 -24.18 38.10
C HIS C 140 -15.40 -24.28 36.87
N ALA C 141 -15.42 -23.24 36.01
CA ALA C 141 -16.22 -23.33 34.79
C ALA C 141 -15.86 -24.57 33.96
N PHE C 142 -14.59 -24.97 34.00
CA PHE C 142 -14.07 -26.07 33.20
C PHE C 142 -14.40 -27.42 33.84
N ASP C 143 -14.86 -27.41 35.10
CA ASP C 143 -15.09 -28.62 35.88
C ASP C 143 -13.81 -29.47 35.93
N TYR C 144 -12.67 -28.83 36.23
CA TYR C 144 -11.38 -29.47 35.99
C TYR C 144 -10.87 -30.16 37.25
N GLY C 145 -10.85 -31.50 37.25
CA GLY C 145 -10.34 -32.27 38.38
C GLY C 145 -11.01 -31.88 39.69
N ASN C 146 -10.20 -31.67 40.74
CA ASN C 146 -10.75 -31.29 42.04
C ASN C 146 -10.83 -29.77 42.20
N GLU C 147 -10.57 -29.02 41.10
CA GLU C 147 -10.82 -27.58 41.02
C GLU C 147 -10.19 -26.79 42.17
N ASP C 148 -9.00 -27.20 42.66
CA ASP C 148 -8.37 -26.54 43.80
C ASP C 148 -7.02 -25.95 43.37
N ILE C 149 -6.82 -24.64 43.56
CA ILE C 149 -5.59 -23.98 43.12
C ILE C 149 -4.63 -23.67 44.28
N SER C 150 -4.86 -24.24 45.46
CA SER C 150 -4.06 -23.88 46.62
C SER C 150 -2.57 -24.17 46.39
N GLY C 151 -1.70 -23.26 46.88
CA GLY C 151 -0.27 -23.28 46.58
C GLY C 151 0.18 -22.06 45.78
N ASN C 152 1.37 -22.13 45.15
CA ASN C 152 1.85 -21.04 44.32
C ASN C 152 1.02 -20.95 43.03
N VAL C 153 0.47 -19.75 42.78
CA VAL C 153 -0.36 -19.50 41.62
C VAL C 153 0.41 -19.86 40.33
N ASP C 154 1.75 -19.92 40.44
CA ASP C 154 2.61 -20.20 39.31
C ASP C 154 3.29 -21.56 39.46
N SER C 155 2.75 -22.45 40.32
CA SER C 155 3.32 -23.78 40.43
C SER C 155 2.35 -24.82 41.03
N PHE C 156 1.09 -24.42 41.25
CA PHE C 156 0.13 -25.27 41.93
C PHE C 156 -0.14 -26.57 41.17
N TRP C 157 -0.04 -26.55 39.84
CA TRP C 157 -0.21 -27.76 39.02
C TRP C 157 1.00 -28.68 39.16
N LEU C 158 2.08 -28.16 39.78
CA LEU C 158 3.33 -28.88 39.99
C LEU C 158 3.46 -29.40 41.43
N ASP C 159 3.12 -28.56 42.42
CA ASP C 159 3.37 -28.91 43.81
C ASP C 159 2.29 -28.33 44.72
N GLY C 160 1.14 -28.00 44.12
CA GLY C 160 0.01 -27.41 44.84
C GLY C 160 -1.07 -28.46 45.12
N GLY C 161 -2.30 -27.98 45.31
CA GLY C 161 -3.38 -28.87 45.70
C GLY C 161 -4.18 -29.46 44.54
N ILE C 162 -3.88 -29.09 43.27
CA ILE C 162 -4.74 -29.50 42.16
C ILE C 162 -4.57 -30.99 41.85
N ARG C 163 -5.67 -31.73 41.65
CA ARG C 163 -5.54 -33.15 41.35
C ARG C 163 -6.54 -33.53 40.27
N ILE C 164 -6.11 -34.37 39.33
CA ILE C 164 -7.04 -34.81 38.30
C ILE C 164 -6.77 -36.29 38.02
N SER C 165 -7.85 -37.05 37.71
CA SER C 165 -7.72 -38.46 37.33
C SER C 165 -7.75 -38.60 35.81
N ALA C 166 -7.27 -39.76 35.32
CA ALA C 166 -7.32 -40.09 33.92
C ALA C 166 -8.73 -39.92 33.35
N THR C 167 -9.77 -40.37 34.06
CA THR C 167 -11.09 -40.24 33.47
C THR C 167 -11.56 -38.79 33.53
N GLU C 168 -11.13 -38.03 34.57
CA GLU C 168 -11.44 -36.61 34.57
C GLU C 168 -10.69 -35.92 33.41
N GLN C 169 -9.48 -36.38 33.06
CA GLN C 169 -8.72 -35.78 31.95
C GLN C 169 -9.54 -35.98 30.67
N ILE C 170 -10.02 -37.22 30.44
CA ILE C 170 -10.87 -37.53 29.29
C ILE C 170 -12.13 -36.66 29.28
N SER C 171 -12.80 -36.46 30.43
CA SER C 171 -14.01 -35.65 30.49
CA SER C 171 -14.01 -35.66 30.47
C SER C 171 -13.75 -34.23 30.02
N PHE C 172 -12.58 -33.70 30.39
CA PHE C 172 -12.28 -32.32 30.03
C PHE C 172 -11.99 -32.25 28.52
N LEU C 173 -11.17 -33.19 28.06
CA LEU C 173 -10.70 -33.23 26.68
C LEU C 173 -11.88 -33.36 25.71
N ARG C 174 -12.96 -34.07 26.13
CA ARG C 174 -14.10 -34.27 25.26
C ARG C 174 -14.84 -32.94 25.03
N LYS C 175 -14.92 -32.11 26.08
CA LYS C 175 -15.51 -30.79 25.93
C LYS C 175 -14.63 -29.94 25.00
N LEU C 176 -13.32 -29.99 25.20
CA LEU C 176 -12.44 -29.18 24.34
C LEU C 176 -12.59 -29.60 22.86
N TYR C 177 -12.59 -30.91 22.61
CA TYR C 177 -12.79 -31.48 21.27
C TYR C 177 -14.02 -30.88 20.61
N HIS C 178 -15.09 -30.73 21.41
CA HIS C 178 -16.39 -30.34 20.92
C HIS C 178 -16.55 -28.81 20.99
N ASN C 179 -15.54 -28.07 21.46
CA ASN C 179 -15.63 -26.62 21.64
C ASN C 179 -16.73 -26.27 22.66
N LYS C 180 -16.86 -27.10 23.69
CA LYS C 180 -17.91 -26.89 24.68
C LYS C 180 -17.37 -26.29 25.99
N LEU C 181 -16.08 -25.95 26.05
CA LEU C 181 -15.59 -25.25 27.23
C LEU C 181 -16.05 -23.80 27.19
N HIS C 182 -16.15 -23.19 28.37
CA HIS C 182 -16.64 -21.83 28.49
C HIS C 182 -15.49 -20.86 28.23
N VAL C 183 -14.98 -20.88 26.98
CA VAL C 183 -14.07 -19.88 26.45
C VAL C 183 -14.43 -19.79 24.96
N SER C 184 -13.85 -18.85 24.21
CA SER C 184 -14.20 -18.69 22.80
C SER C 184 -13.88 -19.93 21.98
N GLU C 185 -14.58 -20.11 20.84
CA GLU C 185 -14.27 -21.20 19.94
C GLU C 185 -12.82 -21.03 19.46
N ARG C 186 -12.46 -19.77 19.19
CA ARG C 186 -11.12 -19.42 18.71
C ARG C 186 -10.09 -19.93 19.71
N SER C 187 -10.28 -19.64 21.02
CA SER C 187 -9.30 -20.10 21.98
C SER C 187 -9.17 -21.63 21.92
N GLN C 188 -10.31 -22.32 21.79
CA GLN C 188 -10.24 -23.77 21.75
C GLN C 188 -9.50 -24.28 20.50
N ARG C 189 -9.79 -23.69 19.33
CA ARG C 189 -9.13 -24.11 18.09
C ARG C 189 -7.61 -23.93 18.20
N ILE C 190 -7.16 -22.80 18.75
CA ILE C 190 -5.73 -22.54 18.81
C ILE C 190 -5.05 -23.56 19.72
N VAL C 191 -5.71 -23.86 20.85
CA VAL C 191 -5.07 -24.82 21.74
C VAL C 191 -5.07 -26.20 21.08
N LYS C 192 -6.17 -26.60 20.41
CA LYS C 192 -6.14 -27.87 19.66
C LYS C 192 -5.05 -27.93 18.57
N GLN C 193 -4.80 -26.79 17.90
CA GLN C 193 -3.62 -26.70 17.02
C GLN C 193 -2.35 -26.92 17.82
N ALA C 194 -2.17 -26.26 18.96
CA ALA C 194 -0.91 -26.42 19.69
C ALA C 194 -0.76 -27.84 20.22
N MET C 195 -1.86 -28.61 20.35
CA MET C 195 -1.77 -29.96 20.87
C MET C 195 -1.29 -30.96 19.83
N LEU C 196 -1.21 -30.55 18.55
CA LEU C 196 -0.84 -31.47 17.49
C LEU C 196 0.52 -32.10 17.81
N THR C 197 0.50 -33.44 17.80
CA THR C 197 1.63 -34.27 18.22
C THR C 197 2.06 -35.16 17.05
N GLU C 198 1.13 -35.80 16.36
CA GLU C 198 1.52 -36.68 15.28
C GLU C 198 0.42 -36.76 14.24
N ALA C 199 0.83 -36.89 12.97
CA ALA C 199 -0.17 -37.00 11.91
C ALA C 199 0.46 -37.72 10.73
N ASN C 200 -0.34 -38.60 10.12
CA ASN C 200 0.03 -39.34 8.93
C ASN C 200 -1.28 -39.69 8.22
N GLY C 201 -1.18 -40.56 7.21
CA GLY C 201 -2.35 -40.90 6.42
C GLY C 201 -3.31 -41.81 7.16
N ASP C 202 -2.94 -42.26 8.38
CA ASP C 202 -3.78 -43.18 9.13
C ASP C 202 -4.47 -42.52 10.34
N TYR C 203 -3.79 -41.56 11.00
CA TYR C 203 -4.36 -40.97 12.21
C TYR C 203 -3.75 -39.60 12.51
N ILE C 204 -4.46 -38.80 13.32
CA ILE C 204 -3.88 -37.61 13.93
C ILE C 204 -3.93 -37.79 15.46
N ILE C 205 -2.82 -37.47 16.13
CA ILE C 205 -2.80 -37.40 17.59
C ILE C 205 -2.62 -35.95 18.05
N ARG C 206 -3.60 -35.46 18.82
CA ARG C 206 -3.50 -34.22 19.59
C ARG C 206 -3.40 -34.61 21.07
N ALA C 207 -2.32 -34.18 21.75
CA ALA C 207 -2.04 -34.68 23.09
C ALA C 207 -1.07 -33.76 23.82
N LYS C 208 -0.83 -34.10 25.10
CA LYS C 208 0.13 -33.36 25.90
C LYS C 208 0.73 -34.29 26.96
N THR C 209 2.06 -34.29 27.06
CA THR C 209 2.72 -35.11 28.05
C THR C 209 2.73 -34.36 29.38
N GLY C 210 2.87 -35.12 30.48
CA GLY C 210 3.18 -34.57 31.80
C GLY C 210 4.17 -35.47 32.56
N TYR C 211 4.95 -34.86 33.46
CA TYR C 211 5.91 -35.58 34.30
C TYR C 211 5.85 -34.97 35.69
N SER C 212 5.17 -35.63 36.63
CA SER C 212 5.06 -35.10 37.99
C SER C 212 6.22 -35.64 38.83
N THR C 213 7.05 -34.72 39.36
CA THR C 213 8.33 -35.09 39.95
C THR C 213 8.48 -34.59 41.39
N ARG C 214 7.66 -33.63 41.80
CA ARG C 214 7.98 -32.90 43.03
C ARG C 214 7.28 -33.52 44.23
N ILE C 215 6.13 -34.16 44.01
CA ILE C 215 5.38 -34.80 45.08
C ILE C 215 5.17 -36.27 44.70
N GLU C 216 5.31 -37.17 45.68
CA GLU C 216 5.15 -38.59 45.43
C GLU C 216 3.66 -38.89 45.24
N PRO C 217 3.26 -39.91 44.43
CA PRO C 217 4.20 -40.71 43.64
C PRO C 217 4.62 -40.00 42.35
N LYS C 218 5.87 -40.17 41.94
CA LYS C 218 6.37 -39.55 40.73
C LYS C 218 5.74 -40.27 39.54
N ILE C 219 4.94 -39.57 38.72
CA ILE C 219 4.22 -40.25 37.66
C ILE C 219 4.45 -39.52 36.34
N GLY C 220 4.22 -40.22 35.23
CA GLY C 220 4.24 -39.58 33.92
C GLY C 220 2.85 -39.65 33.31
N TRP C 221 2.48 -38.66 32.46
CA TRP C 221 1.13 -38.60 31.89
C TRP C 221 1.23 -38.54 30.37
N TRP C 222 0.19 -39.06 29.69
CA TRP C 222 -0.09 -38.76 28.27
C TRP C 222 -1.60 -38.68 28.07
N VAL C 223 -2.12 -37.50 27.72
CA VAL C 223 -3.54 -37.32 27.53
C VAL C 223 -3.79 -36.63 26.18
N GLY C 224 -4.89 -37.02 25.53
CA GLY C 224 -5.23 -36.47 24.22
C GLY C 224 -6.27 -37.35 23.54
N TRP C 225 -6.22 -37.37 22.21
CA TRP C 225 -7.13 -38.20 21.43
C TRP C 225 -6.46 -38.55 20.11
N VAL C 226 -7.00 -39.58 19.47
CA VAL C 226 -6.60 -40.00 18.14
C VAL C 226 -7.79 -39.69 17.22
N GLU C 227 -7.58 -38.88 16.18
CA GLU C 227 -8.64 -38.69 15.20
C GLU C 227 -8.46 -39.71 14.10
N LEU C 228 -9.52 -40.46 13.80
CA LEU C 228 -9.64 -41.33 12.64
C LEU C 228 -10.62 -40.71 11.64
N ASP C 229 -10.79 -41.37 10.49
CA ASP C 229 -11.70 -40.89 9.45
C ASP C 229 -13.12 -40.76 9.99
N ASP C 230 -13.58 -41.70 10.83
CA ASP C 230 -14.99 -41.61 11.21
C ASP C 230 -15.21 -41.90 12.68
N ASN C 231 -14.21 -41.61 13.49
CA ASN C 231 -14.39 -41.68 14.94
C ASN C 231 -13.20 -40.96 15.56
N VAL C 232 -13.30 -40.74 16.87
CA VAL C 232 -12.20 -40.24 17.67
CA VAL C 232 -12.26 -40.18 17.70
C VAL C 232 -12.15 -41.06 18.95
N TRP C 233 -10.91 -41.45 19.34
CA TRP C 233 -10.61 -42.20 20.55
C TRP C 233 -9.84 -41.28 21.51
N PHE C 234 -10.49 -40.85 22.59
CA PHE C 234 -9.83 -40.15 23.69
C PHE C 234 -8.95 -41.12 24.48
N PHE C 235 -7.83 -40.61 25.01
CA PHE C 235 -7.05 -41.46 25.88
C PHE C 235 -6.48 -40.61 27.01
N ALA C 236 -6.13 -41.31 28.08
CA ALA C 236 -5.38 -40.69 29.16
C ALA C 236 -4.65 -41.82 29.87
N MET C 237 -3.32 -41.69 29.99
CA MET C 237 -2.60 -42.74 30.64
C MET C 237 -1.68 -42.10 31.67
N ASN C 238 -1.40 -42.83 32.76
CA ASN C 238 -0.35 -42.42 33.68
C ASN C 238 0.44 -43.66 34.12
N MET C 239 1.69 -43.45 34.51
CA MET C 239 2.50 -44.58 34.89
C MET C 239 3.49 -44.11 35.94
N ASP C 240 3.75 -44.97 36.94
CA ASP C 240 4.75 -44.70 37.95
C ASP C 240 6.04 -44.41 37.18
N MET C 241 6.77 -43.38 37.62
CA MET C 241 7.96 -42.92 36.89
CA MET C 241 7.92 -42.86 36.90
C MET C 241 9.05 -42.56 37.90
N PRO C 242 9.65 -43.58 38.57
CA PRO C 242 10.60 -43.32 39.65
C PRO C 242 11.91 -42.77 39.10
N THR C 243 12.18 -43.06 37.82
CA THR C 243 13.31 -42.47 37.11
C THR C 243 12.88 -41.93 35.75
N SER C 244 13.58 -40.90 35.26
CA SER C 244 13.29 -40.30 33.97
C SER C 244 13.81 -41.16 32.82
N ASP C 245 14.14 -42.42 33.11
CA ASP C 245 14.65 -43.33 32.11
C ASP C 245 13.49 -43.90 31.28
N GLY C 246 12.28 -43.84 31.82
CA GLY C 246 11.14 -44.47 31.18
C GLY C 246 10.12 -43.51 30.56
N LEU C 247 10.54 -42.27 30.24
CA LEU C 247 9.55 -41.27 29.81
C LEU C 247 8.97 -41.67 28.46
N GLY C 248 9.85 -42.12 27.56
CA GLY C 248 9.45 -42.56 26.23
C GLY C 248 8.34 -43.62 26.29
N LEU C 249 8.16 -44.21 27.48
CA LEU C 249 7.21 -45.29 27.65
C LEU C 249 5.79 -44.75 27.71
N ARG C 250 5.61 -43.49 28.11
CA ARG C 250 4.29 -42.86 28.09
C ARG C 250 3.64 -43.06 26.72
N GLN C 251 4.38 -42.71 25.66
CA GLN C 251 3.88 -42.84 24.30
C GLN C 251 3.93 -44.31 23.85
N ALA C 252 5.09 -44.97 24.05
CA ALA C 252 5.33 -46.34 23.58
C ALA C 252 4.26 -47.32 24.07
N ILE C 253 3.85 -47.22 25.34
CA ILE C 253 2.88 -48.13 25.91
C ILE C 253 1.48 -47.82 25.39
N THR C 254 1.10 -46.53 25.38
CA THR C 254 -0.22 -46.14 24.88
C THR C 254 -0.42 -46.68 23.45
N LYS C 255 0.61 -46.51 22.62
CA LYS C 255 0.53 -46.93 21.24
C LYS C 255 0.37 -48.46 21.16
N GLU C 256 0.93 -49.17 22.16
CA GLU C 256 0.78 -50.62 22.13
C GLU C 256 -0.68 -50.96 22.39
N VAL C 257 -1.30 -50.27 23.34
CA VAL C 257 -2.73 -50.47 23.58
C VAL C 257 -3.52 -50.10 22.32
N LEU C 258 -3.10 -49.01 21.66
CA LEU C 258 -3.90 -48.54 20.55
C LEU C 258 -3.80 -49.53 19.39
N LYS C 259 -2.56 -50.01 19.15
CA LYS C 259 -2.26 -50.99 18.13
C LYS C 259 -3.01 -52.30 18.42
N GLN C 260 -2.96 -52.78 19.67
CA GLN C 260 -3.66 -53.99 19.99
C GLN C 260 -5.17 -53.79 19.83
N GLU C 261 -5.66 -52.56 20.07
CA GLU C 261 -7.09 -52.34 19.92
C GLU C 261 -7.50 -52.06 18.46
N LYS C 262 -6.58 -52.24 17.51
CA LYS C 262 -6.87 -52.03 16.08
C LYS C 262 -7.24 -50.56 15.82
N ILE C 263 -6.65 -49.63 16.57
CA ILE C 263 -7.03 -48.22 16.47
C ILE C 263 -6.08 -47.55 15.49
N ILE C 264 -4.80 -47.91 15.59
CA ILE C 264 -3.73 -47.43 14.73
C ILE C 264 -3.05 -48.68 14.18
N PRO C 265 -2.54 -48.65 12.93
CA PRO C 265 -1.88 -49.82 12.33
C PRO C 265 -0.67 -50.31 13.13
N GLU D 24 16.08 -12.15 -4.69
CA GLU D 24 14.63 -12.32 -4.38
C GLU D 24 14.14 -13.72 -4.80
N TRP D 25 14.29 -14.05 -6.09
CA TRP D 25 14.20 -15.44 -6.53
C TRP D 25 15.59 -15.92 -6.93
N GLN D 26 15.91 -17.17 -6.60
CA GLN D 26 17.18 -17.71 -7.01
C GLN D 26 16.96 -19.09 -7.63
N GLU D 27 17.55 -19.28 -8.82
CA GLU D 27 17.45 -20.55 -9.52
C GLU D 27 18.53 -21.50 -9.02
N ASN D 28 18.12 -22.64 -8.45
CA ASN D 28 19.04 -23.68 -8.03
C ASN D 28 18.89 -24.88 -8.97
N LYS D 29 19.70 -24.88 -10.04
CA LYS D 29 19.64 -25.93 -11.05
C LYS D 29 20.00 -27.32 -10.50
N SER D 30 20.70 -27.38 -9.36
CA SER D 30 21.09 -28.67 -8.79
C SER D 30 19.88 -29.55 -8.45
N TRP D 31 18.72 -28.92 -8.19
CA TRP D 31 17.55 -29.70 -7.83
C TRP D 31 17.06 -30.54 -9.00
N ASN D 32 17.50 -30.22 -10.24
CA ASN D 32 17.06 -31.01 -11.39
C ASN D 32 17.53 -32.46 -11.25
N ALA D 33 18.55 -32.67 -10.41
CA ALA D 33 19.03 -34.00 -10.09
C ALA D 33 17.87 -34.86 -9.58
N HIS D 34 16.95 -34.24 -8.80
CA HIS D 34 15.92 -35.02 -8.14
C HIS D 34 14.83 -35.43 -9.12
N PHE D 35 14.76 -34.75 -10.26
CA PHE D 35 13.80 -35.12 -11.28
C PHE D 35 14.35 -36.19 -12.24
N THR D 36 15.65 -36.11 -12.52
CA THR D 36 16.23 -37.01 -13.51
C THR D 36 16.32 -38.42 -12.93
N GLU D 37 16.47 -38.46 -11.60
N GLU D 37 16.47 -38.46 -11.60
CA GLU D 37 16.55 -39.76 -10.88
CA GLU D 37 16.55 -39.76 -10.88
C GLU D 37 15.29 -40.57 -11.18
C GLU D 37 15.29 -40.57 -11.18
N HIS D 38 14.25 -39.92 -11.73
CA HIS D 38 13.02 -40.64 -12.02
C HIS D 38 12.63 -40.59 -13.49
N LYS D 39 13.37 -39.78 -14.28
CA LYS D 39 13.08 -39.46 -15.66
C LYS D 39 11.93 -38.47 -15.78
N SER D 40 11.90 -37.46 -14.89
CA SER D 40 10.74 -36.58 -14.72
C SER D 40 11.04 -35.16 -15.18
N GLN D 41 9.98 -34.38 -15.41
CA GLN D 41 10.07 -33.00 -15.80
C GLN D 41 9.20 -32.22 -14.81
N GLY D 42 9.76 -31.19 -14.15
CA GLY D 42 8.89 -30.42 -13.28
C GLY D 42 9.60 -29.24 -12.63
N VAL D 43 8.88 -28.62 -11.69
CA VAL D 43 9.43 -27.49 -10.97
C VAL D 43 9.07 -27.67 -9.50
N VAL D 44 9.99 -27.24 -8.65
CA VAL D 44 9.74 -27.07 -7.21
C VAL D 44 10.07 -25.62 -6.91
N VAL D 45 9.15 -24.97 -6.21
CA VAL D 45 9.37 -23.62 -5.77
C VAL D 45 9.33 -23.66 -4.23
N LEU D 46 10.33 -23.03 -3.59
CA LEU D 46 10.38 -22.86 -2.15
C LEU D 46 10.39 -21.37 -1.79
N TRP D 47 9.83 -21.03 -0.62
CA TRP D 47 9.89 -19.67 -0.12
C TRP D 47 10.25 -19.73 1.36
N ASN D 48 11.35 -19.05 1.73
CA ASN D 48 11.83 -19.00 3.10
C ASN D 48 11.16 -17.82 3.77
N GLU D 49 10.31 -18.08 4.77
CA GLU D 49 9.49 -16.97 5.25
C GLU D 49 10.34 -15.94 5.99
N ASN D 50 11.21 -16.39 6.89
CA ASN D 50 11.98 -15.46 7.72
C ASN D 50 12.87 -14.60 6.81
N LYS D 51 13.42 -15.18 5.75
CA LYS D 51 14.39 -14.47 4.93
C LYS D 51 13.74 -13.76 3.74
N GLN D 52 12.44 -14.02 3.49
CA GLN D 52 11.71 -13.42 2.39
C GLN D 52 12.46 -13.66 1.06
N GLN D 53 12.81 -14.92 0.82
CA GLN D 53 13.50 -15.32 -0.40
C GLN D 53 12.96 -16.65 -0.92
N GLY D 54 12.93 -16.74 -2.26
CA GLY D 54 12.42 -17.89 -2.99
C GLY D 54 13.49 -18.53 -3.86
N PHE D 55 13.29 -19.79 -4.15
CA PHE D 55 14.26 -20.63 -4.84
C PHE D 55 13.45 -21.54 -5.75
N THR D 56 14.00 -21.80 -6.93
CA THR D 56 13.35 -22.77 -7.79
C THR D 56 14.42 -23.43 -8.66
N ASN D 57 14.11 -24.61 -9.20
CA ASN D 57 15.01 -25.24 -10.14
C ASN D 57 14.75 -24.70 -11.55
N ASN D 58 13.58 -24.09 -11.81
CA ASN D 58 13.21 -23.70 -13.17
C ASN D 58 12.36 -22.42 -13.13
N LEU D 59 13.00 -21.27 -13.31
CA LEU D 59 12.34 -19.97 -13.21
C LEU D 59 11.19 -19.88 -14.22
N LYS D 60 11.37 -20.47 -15.40
CA LYS D 60 10.36 -20.41 -16.44
C LYS D 60 9.11 -21.20 -16.05
N ARG D 61 9.29 -22.47 -15.70
CA ARG D 61 8.12 -23.27 -15.35
C ARG D 61 7.47 -22.79 -14.05
N ALA D 62 8.25 -22.25 -13.13
CA ALA D 62 7.74 -21.66 -11.88
C ALA D 62 6.66 -20.64 -12.19
N ASN D 63 6.76 -19.99 -13.36
CA ASN D 63 5.81 -18.93 -13.68
C ASN D 63 4.83 -19.33 -14.78
N GLN D 64 4.79 -20.61 -15.18
CA GLN D 64 3.78 -21.03 -16.12
C GLN D 64 2.51 -21.48 -15.37
N ALA D 65 1.34 -21.15 -15.94
CA ALA D 65 0.12 -21.40 -15.17
C ALA D 65 -0.51 -22.70 -15.67
N PHE D 66 -1.00 -23.55 -14.75
CA PHE D 66 -1.67 -24.78 -15.10
C PHE D 66 -3.01 -24.87 -14.38
N LEU D 67 -3.82 -25.82 -14.82
CA LEU D 67 -5.04 -26.17 -14.11
C LEU D 67 -4.71 -26.60 -12.68
N PRO D 68 -5.40 -26.03 -11.66
CA PRO D 68 -5.15 -26.38 -10.25
C PRO D 68 -5.59 -27.78 -9.81
N ALA D 69 -6.60 -28.29 -10.51
CA ALA D 69 -7.17 -29.62 -10.21
C ALA D 69 -7.56 -29.71 -8.71
N SER D 70 -7.13 -30.74 -7.98
CA SER D 70 -7.60 -30.79 -6.60
C SER D 70 -7.00 -29.71 -5.68
N THR D 71 -5.97 -28.97 -6.13
CA THR D 71 -5.44 -27.90 -5.30
C THR D 71 -6.50 -26.82 -5.04
N PHE D 72 -7.50 -26.79 -5.92
CA PHE D 72 -8.54 -25.77 -5.88
C PHE D 72 -9.43 -26.05 -4.67
N KCX D 73 -9.28 -27.23 -4.06
CA KCX D 73 -10.05 -27.52 -2.85
CB KCX D 73 -9.95 -28.98 -2.42
CG KCX D 73 -10.61 -29.92 -3.40
CD KCX D 73 -10.66 -31.36 -2.96
CE KCX D 73 -11.51 -32.15 -3.95
NZ KCX D 73 -10.99 -32.08 -5.30
C KCX D 73 -9.72 -26.54 -1.71
O KCX D 73 -10.57 -26.33 -0.83
CX KCX D 73 -11.47 -31.23 -6.25
OQ1 KCX D 73 -12.46 -30.55 -6.12
OQ2 KCX D 73 -10.73 -31.20 -7.38
N ILE D 74 -8.53 -25.91 -1.77
CA ILE D 74 -8.16 -24.94 -0.76
C ILE D 74 -9.07 -23.70 -0.82
N PRO D 75 -9.09 -22.93 -1.92
CA PRO D 75 -10.00 -21.78 -1.96
C PRO D 75 -11.49 -22.19 -1.92
N ASN D 76 -11.82 -23.34 -2.52
CA ASN D 76 -13.22 -23.81 -2.53
C ASN D 76 -13.71 -24.02 -1.08
N SER D 77 -12.90 -24.69 -0.24
CA SER D 77 -13.17 -24.82 1.21
C SER D 77 -13.37 -23.49 1.91
N LEU D 78 -12.41 -22.56 1.74
CA LEU D 78 -12.42 -21.25 2.38
C LEU D 78 -13.75 -20.54 2.11
N ILE D 79 -14.14 -20.54 0.81
CA ILE D 79 -15.29 -19.79 0.34
C ILE D 79 -16.58 -20.44 0.88
N ALA D 80 -16.69 -21.76 0.80
CA ALA D 80 -17.81 -22.51 1.40
C ALA D 80 -17.94 -22.26 2.90
N LEU D 81 -16.83 -22.25 3.64
CA LEU D 81 -16.93 -22.01 5.09
C LEU D 81 -17.40 -20.59 5.40
N ASP D 82 -16.81 -19.63 4.68
CA ASP D 82 -17.04 -18.23 5.01
C ASP D 82 -18.47 -17.82 4.66
N LEU D 83 -19.08 -18.45 3.65
CA LEU D 83 -20.44 -18.10 3.27
C LEU D 83 -21.45 -18.96 4.06
N GLY D 84 -20.98 -19.97 4.80
CA GLY D 84 -21.88 -20.75 5.60
C GLY D 84 -22.55 -21.84 4.78
N VAL D 85 -22.04 -22.06 3.56
CA VAL D 85 -22.37 -23.26 2.80
C VAL D 85 -21.98 -24.52 3.58
N VAL D 86 -20.80 -24.49 4.24
CA VAL D 86 -20.40 -25.54 5.16
C VAL D 86 -20.38 -24.92 6.56
N LYS D 87 -21.09 -25.55 7.50
CA LYS D 87 -21.22 -25.05 8.87
C LYS D 87 -19.89 -25.18 9.62
N ASP D 88 -19.29 -26.37 9.61
CA ASP D 88 -18.03 -26.56 10.31
C ASP D 88 -17.41 -27.82 9.74
N GLU D 89 -16.27 -28.24 10.29
CA GLU D 89 -15.52 -29.38 9.77
C GLU D 89 -16.16 -30.73 10.10
N HIS D 90 -17.29 -30.75 10.83
CA HIS D 90 -17.90 -31.99 11.31
C HIS D 90 -19.15 -32.37 10.51
N GLN D 91 -19.76 -31.36 9.86
CA GLN D 91 -20.94 -31.54 9.05
C GLN D 91 -20.71 -32.63 8.02
N VAL D 92 -21.69 -33.52 7.93
CA VAL D 92 -21.58 -34.72 7.14
C VAL D 92 -22.20 -34.50 5.75
N PHE D 93 -21.45 -34.86 4.71
CA PHE D 93 -21.98 -34.88 3.34
C PHE D 93 -22.18 -36.33 2.97
N LYS D 94 -23.46 -36.73 2.89
CA LYS D 94 -23.84 -38.11 2.68
C LYS D 94 -23.55 -38.57 1.25
N TRP D 95 -23.01 -39.79 1.15
CA TRP D 95 -22.76 -40.35 -0.16
C TRP D 95 -24.09 -40.42 -0.92
N ASP D 96 -24.07 -40.17 -2.24
CA ASP D 96 -25.29 -40.20 -3.04
C ASP D 96 -25.70 -41.61 -3.46
N GLY D 97 -24.83 -42.60 -3.26
CA GLY D 97 -25.18 -43.96 -3.62
C GLY D 97 -24.71 -44.33 -5.03
N GLN D 98 -24.07 -43.39 -5.75
CA GLN D 98 -23.52 -43.71 -7.05
C GLN D 98 -22.06 -44.17 -6.90
N THR D 99 -21.74 -45.40 -7.35
CA THR D 99 -20.40 -45.92 -7.23
C THR D 99 -19.46 -45.33 -8.28
N ARG D 100 -18.45 -44.59 -7.79
CA ARG D 100 -17.45 -43.99 -8.65
C ARG D 100 -16.17 -44.79 -8.54
N ASP D 101 -15.23 -44.51 -9.45
CA ASP D 101 -14.01 -45.29 -9.64
C ASP D 101 -13.12 -45.26 -8.40
N ILE D 102 -13.19 -44.18 -7.62
CA ILE D 102 -12.31 -44.06 -6.47
C ILE D 102 -13.07 -44.52 -5.22
N ALA D 103 -12.68 -45.69 -4.70
CA ALA D 103 -13.42 -46.35 -3.64
C ALA D 103 -13.62 -45.44 -2.44
N THR D 104 -12.63 -44.61 -2.09
CA THR D 104 -12.84 -43.79 -0.90
C THR D 104 -13.89 -42.70 -1.12
N TRP D 105 -14.34 -42.49 -2.38
CA TRP D 105 -15.35 -41.47 -2.64
C TRP D 105 -16.73 -42.05 -2.33
N ASN D 106 -16.82 -43.38 -2.24
CA ASN D 106 -18.14 -43.98 -2.17
C ASN D 106 -18.57 -44.15 -0.71
N ARG D 107 -18.51 -43.05 0.06
CA ARG D 107 -18.84 -43.09 1.49
C ARG D 107 -19.24 -41.70 1.95
N ASP D 108 -19.67 -41.56 3.22
CA ASP D 108 -19.97 -40.25 3.79
C ASP D 108 -18.67 -39.52 4.10
N HIS D 109 -18.71 -38.17 4.00
CA HIS D 109 -17.50 -37.39 4.19
C HIS D 109 -17.80 -36.16 5.05
N ASN D 110 -16.79 -35.64 5.76
CA ASN D 110 -16.89 -34.27 6.24
C ASN D 110 -15.87 -33.45 5.47
N LEU D 111 -15.59 -32.22 5.92
CA LEU D 111 -14.63 -31.39 5.21
C LEU D 111 -13.23 -32.01 5.30
N ILE D 112 -12.91 -32.60 6.47
CA ILE D 112 -11.58 -33.13 6.72
C ILE D 112 -11.38 -34.32 5.77
N THR D 113 -12.32 -35.27 5.80
CA THR D 113 -12.14 -36.46 4.97
C THR D 113 -12.26 -36.11 3.49
N ALA D 114 -13.10 -35.13 3.14
CA ALA D 114 -13.30 -34.77 1.74
C ALA D 114 -12.03 -34.15 1.15
N MET D 115 -11.27 -33.41 1.97
CA MET D 115 -9.97 -32.86 1.58
CA MET D 115 -9.99 -32.87 1.51
C MET D 115 -8.94 -33.99 1.47
N LYS D 116 -8.91 -34.87 2.47
CA LYS D 116 -7.90 -35.90 2.54
C LYS D 116 -8.03 -36.81 1.32
N TYR D 117 -9.26 -37.19 0.93
CA TYR D 117 -9.45 -38.10 -0.20
C TYR D 117 -9.79 -37.40 -1.51
N SER D 118 -9.58 -36.08 -1.56
CA SER D 118 -9.87 -35.32 -2.78
C SER D 118 -11.25 -35.63 -3.38
N VAL D 119 -12.34 -35.49 -2.58
CA VAL D 119 -13.64 -36.05 -2.98
C VAL D 119 -14.39 -35.06 -3.87
N VAL D 120 -14.20 -35.18 -5.18
CA VAL D 120 -14.75 -34.24 -6.15
C VAL D 120 -16.25 -33.97 -6.00
N PRO D 121 -17.15 -34.99 -5.98
CA PRO D 121 -18.58 -34.71 -5.82
C PRO D 121 -19.02 -33.85 -4.63
N VAL D 122 -18.35 -33.99 -3.47
CA VAL D 122 -18.65 -33.15 -2.31
C VAL D 122 -18.38 -31.69 -2.67
N TYR D 123 -17.23 -31.46 -3.34
CA TYR D 123 -16.79 -30.13 -3.70
C TYR D 123 -17.59 -29.50 -4.86
N GLN D 124 -18.12 -30.31 -5.77
CA GLN D 124 -19.00 -29.78 -6.81
C GLN D 124 -20.30 -29.25 -6.20
N GLU D 125 -20.86 -29.98 -5.22
CA GLU D 125 -22.00 -29.54 -4.45
C GLU D 125 -21.67 -28.23 -3.72
N PHE D 126 -20.49 -28.12 -3.06
CA PHE D 126 -20.11 -26.82 -2.50
C PHE D 126 -20.16 -25.67 -3.54
N ALA D 127 -19.53 -25.89 -4.70
CA ALA D 127 -19.47 -24.90 -5.76
C ALA D 127 -20.88 -24.48 -6.19
N ARG D 128 -21.76 -25.46 -6.41
CA ARG D 128 -23.13 -25.17 -6.83
C ARG D 128 -23.82 -24.30 -5.79
N GLN D 129 -23.61 -24.56 -4.49
CA GLN D 129 -24.22 -23.78 -3.44
C GLN D 129 -23.60 -22.38 -3.33
N ILE D 130 -22.29 -22.28 -3.58
CA ILE D 130 -21.63 -20.99 -3.61
C ILE D 130 -22.20 -20.15 -4.75
N GLY D 131 -22.35 -20.74 -5.94
CA GLY D 131 -22.86 -20.02 -7.08
C GLY D 131 -21.78 -19.22 -7.81
N GLU D 132 -22.06 -18.92 -9.09
CA GLU D 132 -21.11 -18.38 -10.02
C GLU D 132 -20.68 -16.99 -9.57
N ALA D 133 -21.64 -16.18 -9.12
CA ALA D 133 -21.34 -14.79 -8.87
C ALA D 133 -20.45 -14.66 -7.63
N ARG D 134 -20.76 -15.41 -6.56
CA ARG D 134 -19.95 -15.34 -5.35
C ARG D 134 -18.58 -16.01 -5.53
N MET D 135 -18.53 -17.12 -6.27
CA MET D 135 -17.27 -17.80 -6.50
C MET D 135 -16.31 -16.82 -7.17
N SER D 136 -16.80 -16.21 -8.24
CA SER D 136 -16.00 -15.28 -9.03
C SER D 136 -15.48 -14.10 -8.20
N LYS D 137 -16.37 -13.53 -7.39
CA LYS D 137 -16.03 -12.36 -6.61
C LYS D 137 -14.98 -12.72 -5.56
N MET D 138 -15.15 -13.85 -4.88
CA MET D 138 -14.20 -14.29 -3.86
C MET D 138 -12.81 -14.59 -4.46
N LEU D 139 -12.78 -15.24 -5.62
CA LEU D 139 -11.49 -15.60 -6.22
C LEU D 139 -10.77 -14.34 -6.67
N HIS D 140 -11.55 -13.33 -7.08
CA HIS D 140 -10.97 -12.03 -7.41
C HIS D 140 -10.36 -11.42 -6.15
N ALA D 141 -11.11 -11.48 -5.04
CA ALA D 141 -10.63 -10.92 -3.79
C ALA D 141 -9.38 -11.66 -3.32
N PHE D 142 -9.29 -12.96 -3.61
CA PHE D 142 -8.09 -13.72 -3.26
C PHE D 142 -6.90 -13.47 -4.21
N ASP D 143 -7.15 -12.77 -5.33
CA ASP D 143 -6.16 -12.67 -6.41
C ASP D 143 -5.75 -14.08 -6.83
N TYR D 144 -6.73 -14.98 -6.98
CA TYR D 144 -6.37 -16.37 -7.24
C TYR D 144 -6.45 -16.68 -8.72
N GLY D 145 -5.30 -17.04 -9.31
CA GLY D 145 -5.22 -17.45 -10.71
C GLY D 145 -5.55 -16.32 -11.67
N ASN D 146 -5.97 -16.72 -12.87
CA ASN D 146 -6.28 -15.81 -13.96
C ASN D 146 -7.64 -15.17 -13.67
N GLU D 147 -8.34 -15.84 -12.74
CA GLU D 147 -9.64 -15.53 -12.08
C GLU D 147 -10.89 -15.79 -12.94
N ASP D 148 -10.77 -16.62 -13.98
CA ASP D 148 -11.87 -16.92 -14.89
C ASP D 148 -12.67 -18.14 -14.39
N ILE D 149 -13.97 -17.97 -14.28
CA ILE D 149 -14.85 -19.08 -13.85
C ILE D 149 -15.29 -19.79 -15.14
N SER D 150 -14.75 -19.35 -16.29
CA SER D 150 -15.16 -19.72 -17.64
C SER D 150 -15.47 -21.20 -17.75
N GLY D 151 -16.76 -21.50 -17.99
CA GLY D 151 -17.35 -22.80 -17.78
C GLY D 151 -18.40 -22.73 -16.68
N ASN D 152 -18.89 -23.89 -16.23
CA ASN D 152 -19.86 -23.94 -15.15
C ASN D 152 -19.12 -23.94 -13.82
N VAL D 153 -19.79 -23.41 -12.79
CA VAL D 153 -19.17 -23.15 -11.49
C VAL D 153 -18.78 -24.47 -10.82
N ASP D 154 -19.39 -25.58 -11.25
CA ASP D 154 -19.09 -26.87 -10.61
C ASP D 154 -18.12 -27.72 -11.43
N SER D 155 -17.44 -27.15 -12.43
CA SER D 155 -16.51 -27.94 -13.23
C SER D 155 -15.32 -27.13 -13.76
N PHE D 156 -15.30 -25.81 -13.51
CA PHE D 156 -14.34 -24.94 -14.18
C PHE D 156 -12.89 -25.21 -13.73
N TRP D 157 -12.67 -25.64 -12.47
CA TRP D 157 -11.30 -25.82 -12.01
C TRP D 157 -10.69 -27.12 -12.55
N LEU D 158 -11.62 -28.01 -13.00
CA LEU D 158 -11.42 -29.38 -13.45
C LEU D 158 -10.99 -29.43 -14.92
N ASP D 159 -11.71 -28.72 -15.79
CA ASP D 159 -11.40 -28.82 -17.22
C ASP D 159 -11.57 -27.45 -17.87
N GLY D 160 -11.82 -26.45 -17.01
CA GLY D 160 -12.28 -25.15 -17.41
C GLY D 160 -11.13 -24.15 -17.45
N GLY D 161 -11.47 -22.91 -17.07
CA GLY D 161 -10.74 -21.75 -17.52
C GLY D 161 -9.62 -21.33 -16.56
N ILE D 162 -9.77 -21.74 -15.29
CA ILE D 162 -8.89 -21.24 -14.24
C ILE D 162 -7.53 -21.94 -14.32
N ARG D 163 -6.48 -21.12 -14.24
CA ARG D 163 -5.10 -21.56 -14.27
C ARG D 163 -4.35 -20.77 -13.18
N ILE D 164 -3.28 -21.37 -12.65
CA ILE D 164 -2.44 -20.76 -11.61
C ILE D 164 -1.04 -21.39 -11.72
N SER D 165 0.00 -20.56 -11.52
CA SER D 165 1.40 -20.95 -11.49
C SER D 165 1.83 -21.36 -10.08
N ALA D 166 2.96 -22.07 -10.01
CA ALA D 166 3.54 -22.46 -8.73
C ALA D 166 3.87 -21.23 -7.87
N THR D 167 4.46 -20.19 -8.46
CA THR D 167 4.75 -18.98 -7.71
C THR D 167 3.47 -18.32 -7.20
N GLU D 168 2.42 -18.30 -8.01
CA GLU D 168 1.13 -17.78 -7.58
C GLU D 168 0.51 -18.65 -6.47
N GLN D 169 0.76 -19.98 -6.47
CA GLN D 169 0.23 -20.80 -5.38
C GLN D 169 0.89 -20.36 -4.06
N ILE D 170 2.21 -20.08 -4.06
CA ILE D 170 2.92 -19.68 -2.83
C ILE D 170 2.31 -18.38 -2.32
N SER D 171 2.08 -17.43 -3.23
CA SER D 171 1.56 -16.13 -2.85
CA SER D 171 1.55 -16.12 -2.87
C SER D 171 0.20 -16.30 -2.18
N PHE D 172 -0.65 -17.17 -2.73
CA PHE D 172 -1.94 -17.44 -2.11
C PHE D 172 -1.80 -18.12 -0.73
N LEU D 173 -0.96 -19.17 -0.68
CA LEU D 173 -0.71 -19.91 0.54
C LEU D 173 -0.15 -18.99 1.60
N ARG D 174 0.64 -17.97 1.24
CA ARG D 174 1.26 -17.15 2.28
C ARG D 174 0.17 -16.30 2.97
N LYS D 175 -0.78 -15.82 2.16
CA LYS D 175 -1.91 -15.07 2.70
C LYS D 175 -2.74 -15.91 3.67
N LEU D 176 -3.09 -17.12 3.24
CA LEU D 176 -3.80 -18.08 4.07
C LEU D 176 -3.05 -18.34 5.41
N TYR D 177 -1.74 -18.59 5.35
CA TYR D 177 -0.95 -18.84 6.55
C TYR D 177 -1.06 -17.69 7.56
N HIS D 178 -1.03 -16.44 7.05
CA HIS D 178 -1.05 -15.25 7.91
C HIS D 178 -2.46 -14.72 8.19
N ASN D 179 -3.50 -15.44 7.77
CA ASN D 179 -4.91 -15.07 7.97
C ASN D 179 -5.22 -13.74 7.27
N LYS D 180 -4.57 -13.49 6.13
CA LYS D 180 -4.72 -12.25 5.38
C LYS D 180 -5.72 -12.38 4.21
N LEU D 181 -6.37 -13.52 4.02
CA LEU D 181 -7.36 -13.56 2.95
C LEU D 181 -8.65 -12.88 3.45
N HIS D 182 -9.49 -12.44 2.49
CA HIS D 182 -10.71 -11.68 2.78
C HIS D 182 -11.85 -12.64 3.09
N VAL D 183 -11.64 -13.43 4.15
CA VAL D 183 -12.65 -14.30 4.73
C VAL D 183 -12.37 -14.25 6.23
N SER D 184 -13.22 -14.86 7.05
CA SER D 184 -13.00 -14.79 8.51
C SER D 184 -11.71 -15.53 8.91
N GLU D 185 -11.14 -15.17 10.06
CA GLU D 185 -10.04 -15.93 10.65
C GLU D 185 -10.49 -17.38 10.85
N ARG D 186 -11.73 -17.55 11.31
CA ARG D 186 -12.23 -18.89 11.55
C ARG D 186 -12.14 -19.76 10.29
N SER D 187 -12.58 -19.22 9.15
CA SER D 187 -12.63 -20.01 7.92
CA SER D 187 -12.63 -20.04 7.95
C SER D 187 -11.20 -20.43 7.55
N GLN D 188 -10.24 -19.53 7.74
CA GLN D 188 -8.84 -19.82 7.40
C GLN D 188 -8.22 -20.85 8.35
N ARG D 189 -8.51 -20.77 9.65
CA ARG D 189 -8.00 -21.76 10.60
C ARG D 189 -8.62 -23.14 10.30
N ILE D 190 -9.92 -23.18 9.96
CA ILE D 190 -10.54 -24.46 9.65
C ILE D 190 -9.90 -25.10 8.40
N VAL D 191 -9.64 -24.28 7.39
CA VAL D 191 -9.02 -24.85 6.20
C VAL D 191 -7.59 -25.31 6.48
N LYS D 192 -6.79 -24.54 7.23
CA LYS D 192 -5.45 -24.96 7.60
C LYS D 192 -5.46 -26.29 8.38
N GLN D 193 -6.46 -26.46 9.26
CA GLN D 193 -6.63 -27.74 9.94
C GLN D 193 -6.85 -28.84 8.92
N ALA D 194 -7.75 -28.62 7.94
CA ALA D 194 -8.07 -29.67 6.97
C ALA D 194 -6.89 -29.95 6.02
N MET D 195 -5.97 -28.98 5.89
CA MET D 195 -4.78 -29.22 5.08
C MET D 195 -3.72 -30.11 5.76
N LEU D 196 -3.95 -30.48 7.03
CA LEU D 196 -2.90 -31.15 7.79
C LEU D 196 -2.65 -32.49 7.12
N THR D 197 -1.38 -32.71 6.75
CA THR D 197 -0.96 -33.86 5.96
C THR D 197 -0.03 -34.74 6.81
N GLU D 198 1.00 -34.13 7.42
CA GLU D 198 1.95 -34.94 8.14
C GLU D 198 2.47 -34.16 9.35
N ALA D 199 2.75 -34.85 10.47
CA ALA D 199 3.38 -34.16 11.58
C ALA D 199 4.16 -35.15 12.44
N ASN D 200 5.30 -34.65 12.95
CA ASN D 200 6.12 -35.42 13.89
C ASN D 200 6.91 -34.41 14.71
N GLY D 201 7.95 -34.88 15.41
CA GLY D 201 8.73 -34.03 16.31
C GLY D 201 9.66 -33.07 15.59
N ASP D 202 9.81 -33.23 14.27
CA ASP D 202 10.69 -32.36 13.50
C ASP D 202 9.96 -31.33 12.63
N TYR D 203 8.76 -31.63 12.14
CA TYR D 203 8.05 -30.69 11.27
C TYR D 203 6.55 -30.99 11.18
N ILE D 204 5.78 -30.02 10.66
CA ILE D 204 4.39 -30.23 10.29
C ILE D 204 4.23 -29.81 8.83
N ILE D 205 3.56 -30.66 8.05
CA ILE D 205 3.25 -30.28 6.67
C ILE D 205 1.74 -30.11 6.53
N ARG D 206 1.35 -28.92 6.05
CA ARG D 206 -0.02 -28.69 5.65
C ARG D 206 0.02 -28.46 4.14
N ALA D 207 -0.81 -29.19 3.38
CA ALA D 207 -0.65 -29.21 1.93
C ALA D 207 -1.88 -29.81 1.26
N LYS D 208 -1.88 -29.75 -0.08
CA LYS D 208 -2.90 -30.42 -0.86
C LYS D 208 -2.27 -30.90 -2.16
N THR D 209 -2.58 -32.14 -2.56
CA THR D 209 -2.13 -32.71 -3.82
C THR D 209 -3.13 -32.33 -4.92
N GLY D 210 -2.65 -32.38 -6.16
CA GLY D 210 -3.52 -32.25 -7.33
C GLY D 210 -3.06 -33.14 -8.47
N TYR D 211 -4.04 -33.51 -9.31
CA TYR D 211 -3.74 -34.37 -10.45
C TYR D 211 -4.66 -33.98 -11.60
N SER D 212 -4.09 -33.36 -12.66
CA SER D 212 -4.87 -32.78 -13.74
C SER D 212 -4.70 -33.66 -14.97
N THR D 213 -5.80 -34.25 -15.44
CA THR D 213 -5.80 -35.23 -16.52
C THR D 213 -6.75 -34.87 -17.66
N ARG D 214 -7.53 -33.81 -17.55
CA ARG D 214 -8.55 -33.61 -18.56
C ARG D 214 -8.00 -32.85 -19.76
N ILE D 215 -6.93 -32.08 -19.53
CA ILE D 215 -6.34 -31.28 -20.59
C ILE D 215 -4.82 -31.42 -20.50
N GLU D 216 -4.16 -31.50 -21.65
CA GLU D 216 -2.71 -31.64 -21.68
C GLU D 216 -2.12 -30.30 -21.26
N PRO D 217 -0.91 -30.28 -20.67
CA PRO D 217 -0.16 -31.50 -20.37
C PRO D 217 -0.66 -32.08 -19.04
N LYS D 218 -0.75 -33.41 -18.95
CA LYS D 218 -1.20 -33.99 -17.68
C LYS D 218 -0.13 -33.72 -16.59
N ILE D 219 -0.57 -33.22 -15.43
CA ILE D 219 0.39 -32.84 -14.40
C ILE D 219 -0.05 -33.30 -13.01
N GLY D 220 0.93 -33.41 -12.10
CA GLY D 220 0.61 -33.57 -10.70
C GLY D 220 1.08 -32.33 -9.94
N TRP D 221 0.37 -32.01 -8.83
CA TRP D 221 0.72 -30.88 -8.00
C TRP D 221 0.97 -31.33 -6.57
N TRP D 222 1.78 -30.55 -5.85
CA TRP D 222 1.79 -30.56 -4.39
C TRP D 222 2.14 -29.17 -3.87
N VAL D 223 1.18 -28.55 -3.16
CA VAL D 223 1.38 -27.20 -2.66
C VAL D 223 1.06 -27.18 -1.16
N GLY D 224 1.81 -26.35 -0.41
CA GLY D 224 1.60 -26.19 1.02
C GLY D 224 2.80 -25.54 1.71
N TRP D 225 3.05 -25.92 2.97
CA TRP D 225 4.19 -25.41 3.68
C TRP D 225 4.63 -26.43 4.70
N VAL D 226 5.86 -26.22 5.17
CA VAL D 226 6.51 -27.01 6.20
C VAL D 226 6.72 -26.06 7.37
N GLU D 227 6.08 -26.37 8.49
CA GLU D 227 6.27 -25.56 9.68
C GLU D 227 7.42 -26.16 10.50
N LEU D 228 8.42 -25.31 10.81
CA LEU D 228 9.46 -25.70 11.76
C LEU D 228 9.28 -24.91 13.05
N ASP D 229 10.13 -25.18 14.05
CA ASP D 229 10.08 -24.43 15.31
C ASP D 229 10.22 -22.92 15.10
N ASP D 230 11.10 -22.53 14.17
CA ASP D 230 11.39 -21.11 14.10
C ASP D 230 11.26 -20.53 12.70
N ASN D 231 10.71 -21.27 11.74
CA ASN D 231 10.54 -20.71 10.41
C ASN D 231 9.40 -21.46 9.71
N VAL D 232 8.93 -20.90 8.57
CA VAL D 232 8.03 -21.67 7.72
C VAL D 232 8.62 -21.65 6.32
N TRP D 233 8.57 -22.81 5.66
CA TRP D 233 8.94 -22.93 4.25
C TRP D 233 7.71 -23.29 3.42
N PHE D 234 7.29 -22.36 2.55
CA PHE D 234 6.20 -22.62 1.61
C PHE D 234 6.76 -23.43 0.45
N PHE D 235 5.96 -24.34 -0.13
CA PHE D 235 6.41 -25.02 -1.33
C PHE D 235 5.26 -25.14 -2.31
N ALA D 236 5.63 -25.23 -3.59
CA ALA D 236 4.65 -25.56 -4.63
C ALA D 236 5.37 -26.29 -5.74
N MET D 237 4.86 -27.46 -6.11
CA MET D 237 5.56 -28.24 -7.11
C MET D 237 4.53 -28.76 -8.12
N ASN D 238 4.92 -28.80 -9.41
CA ASN D 238 4.14 -29.51 -10.42
C ASN D 238 5.13 -30.26 -11.31
N MET D 239 4.62 -31.33 -11.91
CA MET D 239 5.48 -32.21 -12.69
C MET D 239 4.59 -32.91 -13.71
N ASP D 240 5.20 -33.27 -14.84
CA ASP D 240 4.50 -34.00 -15.89
C ASP D 240 4.12 -35.34 -15.28
N MET D 241 2.91 -35.80 -15.57
CA MET D 241 2.34 -37.00 -14.99
C MET D 241 1.58 -37.74 -16.09
N PRO D 242 2.30 -38.32 -17.09
CA PRO D 242 1.66 -38.98 -18.23
C PRO D 242 0.88 -40.24 -17.86
N THR D 243 1.22 -40.88 -16.73
CA THR D 243 0.43 -41.96 -16.15
C THR D 243 0.38 -41.81 -14.63
N SER D 244 -0.54 -42.53 -13.98
CA SER D 244 -0.79 -42.36 -12.55
C SER D 244 0.23 -43.07 -11.67
N ASP D 245 1.07 -43.94 -12.27
CA ASP D 245 1.95 -44.67 -11.37
C ASP D 245 3.09 -43.77 -10.91
N GLY D 246 3.13 -42.53 -11.40
CA GLY D 246 4.11 -41.57 -10.89
C GLY D 246 3.61 -40.69 -9.74
N LEU D 247 2.39 -40.93 -9.24
CA LEU D 247 1.75 -39.94 -8.37
C LEU D 247 2.59 -39.69 -7.11
N GLY D 248 3.25 -40.73 -6.61
CA GLY D 248 4.03 -40.68 -5.38
C GLY D 248 5.28 -39.83 -5.54
N LEU D 249 5.63 -39.50 -6.78
CA LEU D 249 6.81 -38.66 -6.98
C LEU D 249 6.49 -37.22 -6.61
N ARG D 250 5.19 -36.85 -6.60
CA ARG D 250 4.80 -35.52 -6.15
C ARG D 250 5.46 -35.22 -4.79
N GLN D 251 5.17 -36.06 -3.79
CA GLN D 251 5.74 -35.88 -2.46
C GLN D 251 7.23 -36.27 -2.41
N ALA D 252 7.60 -37.37 -3.06
CA ALA D 252 8.97 -37.88 -2.93
C ALA D 252 9.98 -36.85 -3.42
N ILE D 253 9.80 -36.35 -4.64
CA ILE D 253 10.68 -35.33 -5.21
C ILE D 253 10.75 -34.10 -4.32
N THR D 254 9.58 -33.60 -3.81
CA THR D 254 9.61 -32.44 -2.92
C THR D 254 10.48 -32.73 -1.69
N LYS D 255 10.28 -33.90 -1.06
CA LYS D 255 11.01 -34.25 0.15
C LYS D 255 12.51 -34.34 -0.11
N GLU D 256 12.92 -34.77 -1.32
CA GLU D 256 14.34 -34.78 -1.67
C GLU D 256 14.88 -33.35 -1.66
N VAL D 257 14.07 -32.42 -2.17
CA VAL D 257 14.54 -31.04 -2.25
C VAL D 257 14.65 -30.48 -0.82
N LEU D 258 13.61 -30.73 -0.02
CA LEU D 258 13.58 -30.32 1.37
C LEU D 258 14.78 -30.92 2.13
N LYS D 259 15.10 -32.20 1.87
CA LYS D 259 16.22 -32.85 2.54
C LYS D 259 17.56 -32.22 2.14
N GLN D 260 17.72 -31.98 0.83
CA GLN D 260 18.93 -31.35 0.35
C GLN D 260 19.09 -29.94 0.94
N GLU D 261 17.97 -29.24 1.21
CA GLU D 261 18.08 -27.90 1.75
C GLU D 261 18.17 -27.88 3.29
N LYS D 262 18.18 -29.07 3.92
CA LYS D 262 18.31 -29.23 5.37
C LYS D 262 17.04 -28.79 6.10
N ILE D 263 15.90 -28.76 5.39
CA ILE D 263 14.64 -28.28 5.95
C ILE D 263 14.02 -29.41 6.77
N ILE D 264 14.13 -30.64 6.26
CA ILE D 264 13.67 -31.82 6.98
C ILE D 264 14.85 -32.78 7.09
N PRO D 265 14.86 -33.74 8.05
CA PRO D 265 15.95 -34.72 8.19
C PRO D 265 15.97 -35.85 7.16
N GLU E 24 -8.44 16.89 21.99
CA GLU E 24 -7.33 15.88 21.99
C GLU E 24 -7.40 15.06 20.71
N TRP E 25 -6.35 15.21 19.88
CA TRP E 25 -6.04 14.33 18.77
C TRP E 25 -4.78 13.54 19.11
N GLN E 26 -4.63 12.37 18.50
CA GLN E 26 -3.46 11.54 18.70
C GLN E 26 -3.09 10.92 17.36
N GLU E 27 -1.79 10.95 17.01
CA GLU E 27 -1.29 10.32 15.80
C GLU E 27 -0.84 8.90 16.09
N ASN E 28 -1.15 7.99 15.16
CA ASN E 28 -0.74 6.60 15.26
C ASN E 28 -0.14 6.17 13.92
N LYS E 29 1.14 6.53 13.75
CA LYS E 29 1.89 6.37 12.51
C LYS E 29 2.00 4.88 12.16
N SER E 30 1.67 4.01 13.12
CA SER E 30 1.76 2.58 12.97
C SER E 30 0.74 2.04 11.97
N TRP E 31 -0.36 2.77 11.77
CA TRP E 31 -1.41 2.29 10.86
C TRP E 31 -0.87 2.19 9.43
N ASN E 32 0.15 3.00 9.11
CA ASN E 32 0.73 3.10 7.76
C ASN E 32 1.16 1.73 7.25
N ALA E 33 1.34 0.80 8.20
CA ALA E 33 1.58 -0.60 7.89
C ALA E 33 0.53 -1.08 6.88
N HIS E 34 -0.71 -0.61 7.07
CA HIS E 34 -1.87 -1.11 6.35
C HIS E 34 -1.89 -0.50 4.95
N PHE E 35 -1.38 0.74 4.84
CA PHE E 35 -1.29 1.42 3.55
C PHE E 35 -0.07 0.93 2.74
N THR E 36 1.10 0.88 3.39
CA THR E 36 2.37 0.49 2.78
C THR E 36 2.24 -0.92 2.19
N GLU E 37 1.73 -1.85 3.01
CA GLU E 37 1.56 -3.24 2.63
C GLU E 37 0.90 -3.37 1.26
N HIS E 38 0.14 -2.35 0.83
CA HIS E 38 -0.54 -2.37 -0.46
C HIS E 38 0.09 -1.38 -1.44
N LYS E 39 1.31 -0.91 -1.11
CA LYS E 39 2.06 0.04 -1.91
C LYS E 39 1.17 1.22 -2.31
N SER E 40 0.34 1.69 -1.36
CA SER E 40 -0.41 2.93 -1.48
C SER E 40 -0.25 3.75 -0.21
N GLN E 41 -0.86 4.94 -0.21
CA GLN E 41 -0.91 5.74 1.00
C GLN E 41 -2.26 6.46 1.10
N GLY E 42 -2.48 7.08 2.26
CA GLY E 42 -3.65 7.89 2.51
C GLY E 42 -3.82 8.12 4.00
N VAL E 43 -5.02 8.55 4.40
CA VAL E 43 -5.28 8.82 5.80
C VAL E 43 -6.58 8.12 6.20
N VAL E 44 -6.58 7.57 7.42
CA VAL E 44 -7.75 7.08 8.15
C VAL E 44 -7.86 7.97 9.38
N VAL E 45 -9.05 8.55 9.59
CA VAL E 45 -9.36 9.34 10.78
C VAL E 45 -10.48 8.64 11.57
N LEU E 46 -10.32 8.55 12.90
CA LEU E 46 -11.35 7.94 13.73
C LEU E 46 -11.79 8.95 14.80
N TRP E 47 -13.07 8.86 15.18
CA TRP E 47 -13.55 9.63 16.31
C TRP E 47 -14.39 8.79 17.26
N ASN E 48 -13.96 8.81 18.53
CA ASN E 48 -14.59 8.12 19.64
C ASN E 48 -15.66 9.03 20.22
N GLU E 49 -16.93 8.71 19.98
CA GLU E 49 -17.92 9.70 20.33
C GLU E 49 -18.01 9.83 21.84
N ASN E 50 -18.00 8.69 22.53
CA ASN E 50 -18.11 8.67 23.98
C ASN E 50 -17.00 9.53 24.59
N LYS E 51 -15.74 9.24 24.21
CA LYS E 51 -14.61 9.87 24.87
C LYS E 51 -14.28 11.22 24.22
N GLN E 52 -14.98 11.55 23.12
CA GLN E 52 -14.76 12.79 22.37
C GLN E 52 -13.29 12.95 22.00
N GLN E 53 -12.63 11.87 21.56
CA GLN E 53 -11.23 11.90 21.15
C GLN E 53 -11.09 11.45 19.70
N GLY E 54 -10.11 12.03 19.00
CA GLY E 54 -9.77 11.66 17.63
C GLY E 54 -8.42 10.95 17.51
N PHE E 55 -8.30 10.11 16.47
CA PHE E 55 -7.10 9.34 16.18
C PHE E 55 -6.86 9.33 14.68
N THR E 56 -5.58 9.49 14.27
CA THR E 56 -5.27 9.43 12.86
C THR E 56 -3.81 9.02 12.64
N ASN E 57 -3.55 8.50 11.43
CA ASN E 57 -2.20 8.09 11.04
C ASN E 57 -1.42 9.29 10.49
N ASN E 58 -2.12 10.39 10.18
CA ASN E 58 -1.49 11.51 9.47
C ASN E 58 -2.27 12.79 9.75
N LEU E 59 -1.89 13.48 10.84
CA LEU E 59 -2.52 14.70 11.27
C LEU E 59 -2.62 15.71 10.12
N LYS E 60 -1.60 15.77 9.24
CA LYS E 60 -1.61 16.78 8.20
C LYS E 60 -2.63 16.43 7.10
N ARG E 61 -2.63 15.16 6.68
CA ARG E 61 -3.55 14.73 5.62
C ARG E 61 -5.00 14.71 6.13
N ALA E 62 -5.19 14.37 7.41
CA ALA E 62 -6.50 14.44 8.05
C ALA E 62 -7.20 15.76 7.75
N ASN E 63 -6.41 16.82 7.55
CA ASN E 63 -6.92 18.17 7.44
C ASN E 63 -6.88 18.73 6.02
N GLN E 64 -6.34 17.95 5.07
CA GLN E 64 -6.31 18.37 3.67
C GLN E 64 -7.65 18.06 3.00
N ALA E 65 -8.11 19.03 2.20
CA ALA E 65 -9.42 19.01 1.59
C ALA E 65 -9.36 18.51 0.15
N PHE E 66 -10.38 17.73 -0.23
CA PHE E 66 -10.49 17.12 -1.54
C PHE E 66 -11.92 17.24 -2.05
N LEU E 67 -12.12 17.01 -3.37
CA LEU E 67 -13.45 16.89 -3.94
C LEU E 67 -14.13 15.70 -3.25
N PRO E 68 -15.39 15.84 -2.75
CA PRO E 68 -16.12 14.75 -2.08
C PRO E 68 -16.52 13.60 -3.00
N ALA E 69 -16.64 13.86 -4.30
CA ALA E 69 -17.07 12.83 -5.26
C ALA E 69 -18.39 12.18 -4.82
N SER E 70 -18.50 10.85 -4.72
CA SER E 70 -19.85 10.35 -4.43
C SER E 70 -20.20 10.47 -2.95
N THR E 71 -19.24 10.86 -2.06
CA THR E 71 -19.60 11.10 -0.68
C THR E 71 -20.61 12.26 -0.62
N PHE E 72 -20.69 13.04 -1.69
CA PHE E 72 -21.61 14.17 -1.72
C PHE E 72 -23.07 13.69 -1.81
N KCX E 73 -23.25 12.40 -2.12
CA KCX E 73 -24.61 11.86 -2.19
CB KCX E 73 -24.65 10.42 -2.71
CG KCX E 73 -24.28 10.30 -4.17
CD KCX E 73 -24.53 8.92 -4.79
CE KCX E 73 -23.82 8.72 -6.12
NZ KCX E 73 -23.83 9.91 -6.95
C KCX E 73 -25.29 12.03 -0.83
O KCX E 73 -26.52 12.19 -0.78
CX KCX E 73 -22.85 10.85 -6.89
OQ1 KCX E 73 -23.31 12.11 -6.99
OQ2 KCX E 73 -21.69 10.60 -6.71
N ILE E 74 -24.50 12.04 0.25
CA ILE E 74 -25.04 12.23 1.58
C ILE E 74 -25.77 13.58 1.67
N PRO E 75 -25.09 14.76 1.60
CA PRO E 75 -25.80 16.04 1.62
C PRO E 75 -26.82 16.21 0.49
N ASN E 76 -26.46 15.75 -0.72
CA ASN E 76 -27.37 15.83 -1.86
C ASN E 76 -28.70 15.16 -1.48
N SER E 77 -28.65 13.90 -0.98
CA SER E 77 -29.87 13.24 -0.49
C SER E 77 -30.65 14.08 0.53
N LEU E 78 -29.94 14.64 1.51
CA LEU E 78 -30.61 15.33 2.60
C LEU E 78 -31.41 16.52 2.08
N ILE E 79 -30.81 17.22 1.10
CA ILE E 79 -31.42 18.42 0.54
C ILE E 79 -32.60 18.02 -0.35
N ALA E 80 -32.40 17.02 -1.22
CA ALA E 80 -33.47 16.60 -2.11
C ALA E 80 -34.69 16.20 -1.28
N LEU E 81 -34.46 15.41 -0.23
CA LEU E 81 -35.57 14.96 0.62
C LEU E 81 -36.24 16.18 1.26
N ASP E 82 -35.43 17.05 1.87
CA ASP E 82 -35.97 18.12 2.71
C ASP E 82 -36.81 19.09 1.89
N LEU E 83 -36.50 19.22 0.59
CA LEU E 83 -37.20 20.16 -0.29
C LEU E 83 -38.40 19.48 -0.98
N GLY E 84 -38.47 18.14 -0.91
CA GLY E 84 -39.55 17.42 -1.53
C GLY E 84 -39.27 17.14 -3.00
N VAL E 85 -38.01 17.32 -3.42
CA VAL E 85 -37.56 16.79 -4.71
C VAL E 85 -37.63 15.27 -4.70
N VAL E 86 -37.32 14.66 -3.53
CA VAL E 86 -37.58 13.24 -3.32
C VAL E 86 -38.64 13.12 -2.22
N LYS E 87 -39.73 12.40 -2.52
CA LYS E 87 -40.86 12.25 -1.61
C LYS E 87 -40.45 11.28 -0.51
N ASP E 88 -39.89 10.14 -0.92
CA ASP E 88 -39.54 9.12 0.06
C ASP E 88 -38.57 8.12 -0.59
N GLU E 89 -38.12 7.17 0.24
CA GLU E 89 -37.08 6.23 -0.16
C GLU E 89 -37.60 5.18 -1.16
N HIS E 90 -38.89 5.23 -1.50
CA HIS E 90 -39.50 4.28 -2.43
C HIS E 90 -39.79 4.90 -3.81
N GLN E 91 -39.94 6.23 -3.88
CA GLN E 91 -40.19 6.92 -5.14
C GLN E 91 -39.21 6.41 -6.20
N VAL E 92 -39.72 6.14 -7.42
CA VAL E 92 -38.89 5.57 -8.48
C VAL E 92 -38.41 6.67 -9.44
N PHE E 93 -37.11 6.63 -9.76
CA PHE E 93 -36.50 7.49 -10.76
C PHE E 93 -36.19 6.63 -11.95
N LYS E 94 -36.99 6.82 -13.01
CA LYS E 94 -36.91 6.00 -14.20
C LYS E 94 -35.58 6.26 -14.90
N TRP E 95 -35.03 5.19 -15.49
CA TRP E 95 -33.87 5.25 -16.35
C TRP E 95 -34.17 6.14 -17.55
N ASP E 96 -33.17 6.92 -17.98
CA ASP E 96 -33.36 7.89 -19.06
C ASP E 96 -33.03 7.26 -20.41
N GLY E 97 -32.71 5.96 -20.41
CA GLY E 97 -32.52 5.22 -21.65
C GLY E 97 -31.10 5.29 -22.21
N GLN E 98 -30.23 6.12 -21.62
CA GLN E 98 -28.88 6.27 -22.17
C GLN E 98 -27.93 5.31 -21.48
N THR E 99 -27.23 4.50 -22.29
CA THR E 99 -26.45 3.37 -21.81
C THR E 99 -25.07 3.81 -21.34
N ARG E 100 -24.93 4.03 -20.03
CA ARG E 100 -23.66 4.41 -19.43
C ARG E 100 -22.85 3.17 -19.08
N ASP E 101 -21.59 3.38 -18.66
CA ASP E 101 -20.57 2.35 -18.60
C ASP E 101 -20.72 1.47 -17.36
N ILE E 102 -21.46 1.95 -16.34
CA ILE E 102 -21.78 1.13 -15.18
C ILE E 102 -23.18 0.53 -15.39
N ALA E 103 -23.20 -0.78 -15.61
CA ALA E 103 -24.40 -1.55 -15.93
C ALA E 103 -25.55 -1.19 -14.98
N THR E 104 -25.26 -1.27 -13.67
CA THR E 104 -26.27 -1.05 -12.64
C THR E 104 -26.86 0.35 -12.75
N TRP E 105 -26.26 1.26 -13.52
CA TRP E 105 -26.90 2.56 -13.71
C TRP E 105 -28.03 2.52 -14.76
N ASN E 106 -28.05 1.47 -15.59
CA ASN E 106 -28.98 1.40 -16.69
C ASN E 106 -30.20 0.59 -16.24
N ARG E 107 -30.99 1.21 -15.36
CA ARG E 107 -32.15 0.60 -14.73
C ARG E 107 -32.82 1.64 -13.84
N ASP E 108 -34.06 1.35 -13.42
CA ASP E 108 -34.76 2.22 -12.49
C ASP E 108 -34.13 2.13 -11.10
N HIS E 109 -34.23 3.22 -10.33
CA HIS E 109 -33.67 3.24 -8.98
C HIS E 109 -34.64 3.93 -8.03
N ASN E 110 -34.46 3.64 -6.74
CA ASN E 110 -35.02 4.50 -5.72
C ASN E 110 -33.86 5.12 -4.94
N LEU E 111 -34.15 5.82 -3.84
CA LEU E 111 -33.06 6.50 -3.14
C LEU E 111 -32.10 5.47 -2.55
N ILE E 112 -32.64 4.33 -2.11
CA ILE E 112 -31.83 3.31 -1.44
C ILE E 112 -30.87 2.70 -2.46
N THR E 113 -31.40 2.25 -3.61
CA THR E 113 -30.59 1.66 -4.67
C THR E 113 -29.66 2.69 -5.30
N ALA E 114 -30.14 3.94 -5.47
CA ALA E 114 -29.34 5.00 -6.09
C ALA E 114 -28.07 5.27 -5.28
N MET E 115 -28.25 5.31 -3.95
CA MET E 115 -27.11 5.51 -3.08
CA MET E 115 -27.15 5.47 -3.01
C MET E 115 -26.23 4.26 -3.12
N LYS E 116 -26.84 3.06 -3.05
CA LYS E 116 -26.13 1.79 -3.06
C LYS E 116 -25.21 1.69 -4.27
N TYR E 117 -25.69 2.05 -5.47
CA TYR E 117 -24.90 1.82 -6.67
C TYR E 117 -24.23 3.12 -7.13
N SER E 118 -24.18 4.14 -6.25
CA SER E 118 -23.67 5.47 -6.54
C SER E 118 -24.14 6.03 -7.90
N VAL E 119 -25.46 6.02 -8.17
CA VAL E 119 -26.02 6.32 -9.49
C VAL E 119 -26.05 7.82 -9.75
N VAL E 120 -25.01 8.32 -10.46
CA VAL E 120 -24.72 9.73 -10.66
C VAL E 120 -25.86 10.43 -11.41
N PRO E 121 -26.38 9.86 -12.52
CA PRO E 121 -27.46 10.49 -13.30
C PRO E 121 -28.63 10.91 -12.41
N VAL E 122 -29.04 10.03 -11.49
CA VAL E 122 -30.14 10.33 -10.56
C VAL E 122 -29.79 11.55 -9.70
N TYR E 123 -28.57 11.59 -9.19
CA TYR E 123 -28.15 12.68 -8.30
C TYR E 123 -28.01 14.01 -9.05
N GLN E 124 -27.61 13.96 -10.33
CA GLN E 124 -27.57 15.14 -11.19
C GLN E 124 -28.98 15.71 -11.38
N GLU E 125 -29.97 14.83 -11.59
CA GLU E 125 -31.34 15.30 -11.68
C GLU E 125 -31.74 16.00 -10.39
N PHE E 126 -31.39 15.42 -9.24
CA PHE E 126 -31.75 16.04 -7.97
C PHE E 126 -31.15 17.44 -7.86
N ALA E 127 -29.86 17.56 -8.22
CA ALA E 127 -29.13 18.83 -8.16
C ALA E 127 -29.79 19.86 -9.07
N ARG E 128 -30.13 19.46 -10.30
CA ARG E 128 -30.77 20.35 -11.27
C ARG E 128 -32.06 20.90 -10.70
N GLN E 129 -32.83 20.06 -10.00
CA GLN E 129 -34.13 20.47 -9.48
C GLN E 129 -33.98 21.32 -8.23
N ILE E 130 -32.97 21.00 -7.41
CA ILE E 130 -32.66 21.77 -6.21
C ILE E 130 -32.30 23.20 -6.62
N GLY E 131 -31.43 23.33 -7.64
CA GLY E 131 -30.94 24.60 -8.16
C GLY E 131 -29.82 25.20 -7.31
N GLU E 132 -29.08 26.16 -7.87
CA GLU E 132 -27.86 26.63 -7.22
C GLU E 132 -28.16 27.47 -5.98
N ALA E 133 -29.26 28.23 -5.99
CA ALA E 133 -29.54 29.13 -4.88
C ALA E 133 -29.79 28.34 -3.59
N ARG E 134 -30.72 27.37 -3.66
CA ARG E 134 -31.02 26.47 -2.56
C ARG E 134 -29.81 25.60 -2.21
N MET E 135 -29.11 25.07 -3.22
CA MET E 135 -27.99 24.20 -2.96
C MET E 135 -26.91 24.92 -2.14
N SER E 136 -26.45 26.10 -2.58
CA SER E 136 -25.36 26.64 -1.77
C SER E 136 -25.87 27.16 -0.42
N LYS E 137 -27.12 27.64 -0.39
CA LYS E 137 -27.77 27.98 0.87
C LYS E 137 -27.69 26.79 1.85
N MET E 138 -27.97 25.58 1.35
CA MET E 138 -28.02 24.41 2.22
C MET E 138 -26.63 23.97 2.68
N LEU E 139 -25.63 24.04 1.79
CA LEU E 139 -24.30 23.61 2.18
C LEU E 139 -23.70 24.56 3.23
N HIS E 140 -24.09 25.83 3.15
CA HIS E 140 -23.65 26.80 4.13
C HIS E 140 -24.30 26.48 5.48
N ALA E 141 -25.59 26.13 5.47
CA ALA E 141 -26.27 25.71 6.68
C ALA E 141 -25.58 24.48 7.26
N PHE E 142 -25.11 23.61 6.36
CA PHE E 142 -24.52 22.35 6.79
C PHE E 142 -23.10 22.57 7.25
N ASP E 143 -22.56 23.78 7.02
CA ASP E 143 -21.16 24.08 7.29
C ASP E 143 -20.28 23.01 6.64
N TYR E 144 -20.66 22.61 5.42
CA TYR E 144 -20.08 21.45 4.75
C TYR E 144 -18.88 21.89 3.93
N GLY E 145 -17.69 21.43 4.33
CA GLY E 145 -16.49 21.62 3.51
C GLY E 145 -16.22 23.10 3.26
N ASN E 146 -15.73 23.45 2.07
CA ASN E 146 -15.48 24.86 1.79
C ASN E 146 -16.78 25.58 1.41
N GLU E 147 -17.87 24.81 1.22
CA GLU E 147 -19.19 25.35 0.94
C GLU E 147 -19.30 25.96 -0.46
N ASP E 148 -18.33 25.68 -1.34
CA ASP E 148 -18.24 26.36 -2.63
C ASP E 148 -18.77 25.47 -3.75
N ILE E 149 -19.83 25.93 -4.44
CA ILE E 149 -20.54 25.11 -5.41
C ILE E 149 -20.24 25.56 -6.84
N SER E 150 -19.36 26.57 -6.99
CA SER E 150 -19.06 27.08 -8.31
C SER E 150 -18.65 25.94 -9.25
N GLY E 151 -19.11 26.03 -10.50
CA GLY E 151 -19.12 24.92 -11.43
C GLY E 151 -20.54 24.68 -11.97
N ASN E 152 -20.72 23.58 -12.71
CA ASN E 152 -22.03 23.08 -13.09
C ASN E 152 -22.81 22.69 -11.83
N VAL E 153 -24.10 23.06 -11.79
CA VAL E 153 -25.00 22.72 -10.70
C VAL E 153 -25.13 21.18 -10.54
N ASP E 154 -24.89 20.45 -11.63
CA ASP E 154 -25.07 19.00 -11.67
C ASP E 154 -23.72 18.27 -11.78
N SER E 155 -22.61 18.96 -11.50
CA SER E 155 -21.35 18.21 -11.43
C SER E 155 -20.29 18.86 -10.52
N PHE E 156 -20.65 19.87 -9.70
CA PHE E 156 -19.67 20.64 -8.95
C PHE E 156 -18.89 19.80 -7.94
N TRP E 157 -19.47 18.70 -7.44
CA TRP E 157 -18.84 17.82 -6.45
C TRP E 157 -17.84 16.86 -7.12
N LEU E 158 -17.86 16.83 -8.46
CA LEU E 158 -16.98 16.03 -9.29
C LEU E 158 -15.85 16.88 -9.89
N ASP E 159 -16.13 18.14 -10.28
CA ASP E 159 -15.16 18.92 -11.04
C ASP E 159 -15.29 20.43 -10.79
N GLY E 160 -15.98 20.80 -9.72
CA GLY E 160 -16.20 22.21 -9.42
C GLY E 160 -15.40 22.65 -8.20
N GLY E 161 -16.00 23.59 -7.45
CA GLY E 161 -15.31 24.36 -6.42
C GLY E 161 -15.17 23.61 -5.09
N ILE E 162 -16.16 22.75 -4.76
CA ILE E 162 -16.32 22.18 -3.41
C ILE E 162 -15.14 21.28 -3.04
N ARG E 163 -14.72 21.39 -1.76
CA ARG E 163 -13.70 20.53 -1.19
C ARG E 163 -14.06 20.33 0.28
N ILE E 164 -13.58 19.21 0.82
CA ILE E 164 -13.82 18.82 2.20
C ILE E 164 -12.66 17.91 2.60
N SER E 165 -12.22 18.05 3.86
CA SER E 165 -11.23 17.15 4.45
C SER E 165 -11.91 15.99 5.18
N ALA E 166 -11.11 14.98 5.54
CA ALA E 166 -11.50 13.86 6.36
C ALA E 166 -12.08 14.34 7.70
N THR E 167 -11.45 15.34 8.34
CA THR E 167 -11.97 15.77 9.63
C THR E 167 -13.28 16.55 9.44
N GLU E 168 -13.39 17.31 8.36
CA GLU E 168 -14.64 18.01 8.05
C GLU E 168 -15.78 17.00 7.77
N GLN E 169 -15.44 15.83 7.23
CA GLN E 169 -16.42 14.77 6.95
C GLN E 169 -16.98 14.24 8.27
N ILE E 170 -16.11 13.96 9.22
CA ILE E 170 -16.51 13.52 10.53
C ILE E 170 -17.42 14.55 11.19
N SER E 171 -17.04 15.84 11.10
CA SER E 171 -17.83 16.87 11.74
C SER E 171 -19.25 16.84 11.22
N PHE E 172 -19.37 16.76 9.89
CA PHE E 172 -20.65 16.72 9.21
C PHE E 172 -21.45 15.47 9.61
N LEU E 173 -20.79 14.31 9.59
CA LEU E 173 -21.44 13.04 9.89
C LEU E 173 -21.92 13.04 11.34
N ARG E 174 -21.15 13.64 12.26
CA ARG E 174 -21.54 13.69 13.65
C ARG E 174 -22.86 14.44 13.82
N LYS E 175 -23.02 15.52 13.06
CA LYS E 175 -24.26 16.29 13.12
C LYS E 175 -25.40 15.43 12.55
N LEU E 176 -25.15 14.71 11.44
CA LEU E 176 -26.18 13.87 10.85
C LEU E 176 -26.62 12.80 11.85
N TYR E 177 -25.65 12.14 12.50
CA TYR E 177 -25.92 11.09 13.49
C TYR E 177 -26.86 11.55 14.61
N HIS E 178 -26.60 12.76 15.12
CA HIS E 178 -27.39 13.28 16.23
C HIS E 178 -28.61 14.05 15.77
N ASN E 179 -28.90 14.06 14.45
CA ASN E 179 -29.99 14.82 13.83
C ASN E 179 -29.85 16.33 14.05
N LYS E 180 -28.65 16.90 13.90
CA LYS E 180 -28.44 18.31 14.22
C LYS E 180 -28.28 19.17 12.96
N LEU E 181 -28.32 18.53 11.79
CA LEU E 181 -28.30 19.31 10.56
C LEU E 181 -29.60 20.11 10.42
N HIS E 182 -29.54 21.21 9.67
CA HIS E 182 -30.75 22.03 9.55
C HIS E 182 -31.62 21.48 8.42
N VAL E 183 -32.06 20.23 8.60
CA VAL E 183 -33.16 19.65 7.84
C VAL E 183 -34.04 18.91 8.84
N SER E 184 -35.19 18.42 8.39
CA SER E 184 -36.05 17.68 9.31
C SER E 184 -35.35 16.44 9.85
N GLU E 185 -35.80 15.97 11.02
CA GLU E 185 -35.40 14.69 11.58
C GLU E 185 -35.70 13.58 10.57
N ARG E 186 -36.88 13.68 9.91
CA ARG E 186 -37.35 12.65 8.99
C ARG E 186 -36.34 12.54 7.85
N SER E 187 -35.92 13.70 7.33
CA SER E 187 -34.89 13.76 6.29
C SER E 187 -33.58 13.07 6.70
N GLN E 188 -33.16 13.28 7.96
CA GLN E 188 -31.91 12.70 8.44
C GLN E 188 -32.05 11.19 8.64
N ARG E 189 -33.16 10.76 9.24
CA ARG E 189 -33.43 9.33 9.46
C ARG E 189 -33.43 8.59 8.12
N ILE E 190 -34.07 9.16 7.10
CA ILE E 190 -34.14 8.47 5.82
C ILE E 190 -32.74 8.32 5.24
N VAL E 191 -31.94 9.40 5.28
CA VAL E 191 -30.60 9.32 4.70
C VAL E 191 -29.76 8.27 5.43
N LYS E 192 -29.91 8.18 6.76
CA LYS E 192 -29.09 7.27 7.55
C LYS E 192 -29.52 5.83 7.24
N GLN E 193 -30.83 5.64 6.99
CA GLN E 193 -31.32 4.34 6.51
C GLN E 193 -30.63 3.99 5.20
N ALA E 194 -30.51 4.97 4.28
CA ALA E 194 -29.92 4.71 2.96
C ALA E 194 -28.40 4.51 2.99
N MET E 195 -27.74 4.97 4.06
CA MET E 195 -26.29 4.80 4.15
C MET E 195 -25.94 3.40 4.68
N LEU E 196 -26.96 2.62 5.09
CA LEU E 196 -26.75 1.32 5.70
C LEU E 196 -25.97 0.42 4.76
N THR E 197 -24.84 -0.10 5.26
CA THR E 197 -23.87 -0.78 4.41
C THR E 197 -23.74 -2.23 4.85
N GLU E 198 -23.66 -2.44 6.17
CA GLU E 198 -23.38 -3.74 6.76
C GLU E 198 -23.93 -3.76 8.19
N ALA E 199 -24.48 -4.90 8.61
CA ALA E 199 -24.93 -5.10 9.98
C ALA E 199 -24.86 -6.58 10.33
N ASN E 200 -24.47 -6.85 11.58
CA ASN E 200 -24.39 -8.21 12.11
C ASN E 200 -24.53 -8.10 13.62
N GLY E 201 -24.26 -9.19 14.34
CA GLY E 201 -24.51 -9.17 15.76
C GLY E 201 -23.48 -8.34 16.53
N ASP E 202 -22.46 -7.84 15.82
CA ASP E 202 -21.30 -7.19 16.43
C ASP E 202 -21.32 -5.68 16.18
N TYR E 203 -21.73 -5.26 14.97
CA TYR E 203 -21.76 -3.84 14.67
C TYR E 203 -22.65 -3.53 13.47
N ILE E 204 -22.93 -2.23 13.28
CA ILE E 204 -23.57 -1.67 12.09
C ILE E 204 -22.65 -0.61 11.48
N ILE E 205 -22.47 -0.67 10.14
CA ILE E 205 -21.79 0.41 9.44
C ILE E 205 -22.79 1.16 8.56
N ARG E 206 -22.86 2.47 8.78
CA ARG E 206 -23.53 3.40 7.88
C ARG E 206 -22.45 4.22 7.20
N ALA E 207 -22.36 4.19 5.86
CA ALA E 207 -21.20 4.81 5.21
C ALA E 207 -21.50 5.08 3.74
N LYS E 208 -20.56 5.76 3.08
CA LYS E 208 -20.67 6.03 1.66
C LYS E 208 -19.27 6.13 1.09
N THR E 209 -19.08 5.55 -0.09
CA THR E 209 -17.78 5.55 -0.74
C THR E 209 -17.71 6.70 -1.74
N GLY E 210 -16.48 6.98 -2.16
CA GLY E 210 -16.22 8.06 -3.09
C GLY E 210 -15.01 7.68 -3.93
N TYR E 211 -14.99 8.21 -5.16
CA TYR E 211 -13.94 8.07 -6.13
C TYR E 211 -13.89 9.32 -7.02
N SER E 212 -12.82 10.11 -6.83
CA SER E 212 -12.52 11.33 -7.56
C SER E 212 -11.52 11.05 -8.69
N THR E 213 -11.83 11.52 -9.91
CA THR E 213 -11.11 11.10 -11.13
C THR E 213 -10.86 12.22 -12.12
N ARG E 214 -11.55 13.35 -11.98
CA ARG E 214 -11.56 14.38 -13.02
C ARG E 214 -10.50 15.44 -12.75
N ILE E 215 -10.26 15.74 -11.47
CA ILE E 215 -9.26 16.71 -11.06
C ILE E 215 -8.23 15.97 -10.20
N GLU E 216 -6.95 16.31 -10.40
CA GLU E 216 -5.84 15.69 -9.71
C GLU E 216 -5.79 16.15 -8.26
N PRO E 217 -5.33 15.30 -7.30
CA PRO E 217 -5.06 13.89 -7.55
C PRO E 217 -6.29 13.01 -7.36
N LYS E 218 -6.31 11.88 -8.07
CA LYS E 218 -7.37 10.91 -8.00
C LYS E 218 -7.29 10.20 -6.64
N ILE E 219 -8.40 10.25 -5.88
CA ILE E 219 -8.41 9.65 -4.56
C ILE E 219 -9.71 8.86 -4.36
N GLY E 220 -9.66 7.84 -3.51
CA GLY E 220 -10.84 7.13 -3.04
C GLY E 220 -11.20 7.55 -1.61
N TRP E 221 -12.52 7.60 -1.31
CA TRP E 221 -13.02 7.93 0.03
C TRP E 221 -13.82 6.75 0.61
N TRP E 222 -13.87 6.64 1.95
CA TRP E 222 -14.93 5.92 2.64
C TRP E 222 -15.25 6.69 3.92
N VAL E 223 -16.50 7.18 4.06
CA VAL E 223 -16.84 7.93 5.26
C VAL E 223 -18.09 7.32 5.90
N GLY E 224 -18.12 7.25 7.23
CA GLY E 224 -19.34 6.82 7.89
C GLY E 224 -19.13 6.64 9.39
N TRP E 225 -19.80 5.64 9.96
CA TRP E 225 -19.54 5.38 11.36
C TRP E 225 -19.79 3.90 11.64
N VAL E 226 -19.27 3.43 12.78
CA VAL E 226 -19.62 2.10 13.18
C VAL E 226 -20.35 2.16 14.53
N GLU E 227 -21.56 1.60 14.56
CA GLU E 227 -22.37 1.65 15.78
C GLU E 227 -22.09 0.38 16.57
N LEU E 228 -21.84 0.55 17.88
CA LEU E 228 -21.60 -0.56 18.81
C LEU E 228 -22.70 -0.55 19.86
N ASP E 229 -22.77 -1.60 20.68
CA ASP E 229 -23.77 -1.60 21.74
C ASP E 229 -23.74 -0.32 22.56
N ASP E 230 -22.55 0.20 22.90
CA ASP E 230 -22.57 1.38 23.77
C ASP E 230 -21.58 2.46 23.34
N ASN E 231 -21.30 2.57 22.03
CA ASN E 231 -20.53 3.70 21.49
C ASN E 231 -20.72 3.74 19.97
N VAL E 232 -20.24 4.85 19.38
CA VAL E 232 -20.21 5.02 17.93
C VAL E 232 -18.80 5.53 17.59
N TRP E 233 -18.15 4.86 16.62
CA TRP E 233 -16.88 5.31 16.07
C TRP E 233 -17.11 5.87 14.66
N PHE E 234 -16.88 7.18 14.50
CA PHE E 234 -16.98 7.80 13.20
C PHE E 234 -15.67 7.59 12.48
N PHE E 235 -15.73 7.50 11.15
CA PHE E 235 -14.51 7.30 10.39
C PHE E 235 -14.61 8.08 9.08
N ALA E 236 -13.42 8.46 8.58
CA ALA E 236 -13.32 8.99 7.24
C ALA E 236 -11.92 8.65 6.76
N MET E 237 -11.84 8.11 5.55
CA MET E 237 -10.54 7.79 5.00
C MET E 237 -10.52 8.31 3.57
N ASN E 238 -9.34 8.83 3.15
CA ASN E 238 -9.11 9.00 1.72
C ASN E 238 -7.73 8.43 1.39
N MET E 239 -7.54 8.05 0.12
CA MET E 239 -6.28 7.44 -0.27
C MET E 239 -6.06 7.64 -1.76
N ASP E 240 -4.78 7.79 -2.13
CA ASP E 240 -4.34 7.84 -3.51
C ASP E 240 -4.96 6.69 -4.28
N MET E 241 -5.62 7.03 -5.40
CA MET E 241 -6.28 6.04 -6.23
C MET E 241 -5.89 6.29 -7.69
N PRO E 242 -4.68 5.87 -8.11
CA PRO E 242 -4.19 6.14 -9.47
C PRO E 242 -4.92 5.38 -10.58
N THR E 243 -5.43 4.19 -10.27
CA THR E 243 -6.35 3.47 -11.15
C THR E 243 -7.49 2.92 -10.31
N SER E 244 -8.54 2.45 -11.00
CA SER E 244 -9.75 1.94 -10.39
C SER E 244 -9.53 0.56 -9.77
N ASP E 245 -8.37 -0.05 -10.02
CA ASP E 245 -8.13 -1.40 -9.51
C ASP E 245 -7.88 -1.38 -8.00
N GLY E 246 -7.61 -0.19 -7.42
CA GLY E 246 -7.33 -0.08 -5.99
C GLY E 246 -8.55 0.11 -5.07
N LEU E 247 -9.76 0.09 -5.64
CA LEU E 247 -10.94 0.69 -5.03
C LEU E 247 -11.41 -0.06 -3.78
N GLY E 248 -11.13 -1.37 -3.72
CA GLY E 248 -11.64 -2.17 -2.63
C GLY E 248 -10.81 -1.96 -1.37
N LEU E 249 -9.68 -1.25 -1.49
CA LEU E 249 -8.80 -1.04 -0.34
C LEU E 249 -9.46 -0.06 0.61
N ARG E 250 -10.35 0.78 0.05
CA ARG E 250 -11.06 1.82 0.78
C ARG E 250 -11.62 1.22 2.07
N GLN E 251 -12.42 0.15 1.89
CA GLN E 251 -13.01 -0.62 2.97
C GLN E 251 -11.97 -1.45 3.71
N ALA E 252 -11.11 -2.15 2.95
CA ALA E 252 -10.21 -3.16 3.52
C ALA E 252 -9.23 -2.50 4.50
N ILE E 253 -8.60 -1.40 4.10
CA ILE E 253 -7.64 -0.69 4.94
C ILE E 253 -8.38 -0.13 6.17
N THR E 254 -9.53 0.52 5.95
CA THR E 254 -10.38 0.95 7.05
C THR E 254 -10.63 -0.22 8.01
N LYS E 255 -11.01 -1.39 7.47
CA LYS E 255 -11.36 -2.50 8.34
C LYS E 255 -10.13 -3.00 9.12
N GLU E 256 -8.95 -2.93 8.50
CA GLU E 256 -7.74 -3.26 9.24
C GLU E 256 -7.58 -2.28 10.41
N VAL E 257 -7.76 -0.98 10.16
CA VAL E 257 -7.54 -0.04 11.26
C VAL E 257 -8.50 -0.36 12.41
N LEU E 258 -9.77 -0.65 12.05
CA LEU E 258 -10.81 -0.89 13.04
C LEU E 258 -10.50 -2.17 13.83
N LYS E 259 -10.09 -3.22 13.12
CA LYS E 259 -9.69 -4.48 13.73
C LYS E 259 -8.60 -4.22 14.76
N GLN E 260 -7.56 -3.50 14.32
CA GLN E 260 -6.39 -3.23 15.13
C GLN E 260 -6.80 -2.52 16.41
N GLU E 261 -7.68 -1.51 16.31
CA GLU E 261 -8.08 -0.68 17.44
C GLU E 261 -9.15 -1.36 18.30
N LYS E 262 -9.44 -2.64 18.00
CA LYS E 262 -10.32 -3.50 18.79
C LYS E 262 -11.76 -3.02 18.69
N ILE E 263 -12.11 -2.37 17.57
CA ILE E 263 -13.44 -1.78 17.44
C ILE E 263 -14.43 -2.80 16.85
N ILE E 264 -14.04 -3.42 15.74
CA ILE E 264 -14.74 -4.57 15.20
C ILE E 264 -13.87 -5.80 15.50
N PRO E 265 -14.44 -6.98 15.78
CA PRO E 265 -13.64 -8.19 15.85
C PRO E 265 -13.11 -8.38 14.43
N GLU F 24 -53.89 -16.13 -2.95
CA GLU F 24 -53.15 -17.36 -3.36
C GLU F 24 -52.01 -17.62 -2.38
N TRP F 25 -52.31 -18.50 -1.42
CA TRP F 25 -51.34 -19.27 -0.67
C TRP F 25 -50.94 -20.50 -1.48
N GLN F 26 -49.69 -20.95 -1.33
CA GLN F 26 -49.25 -22.24 -1.83
C GLN F 26 -48.54 -22.99 -0.71
N GLU F 27 -48.91 -24.27 -0.55
CA GLU F 27 -48.36 -25.13 0.47
C GLU F 27 -47.29 -25.99 -0.17
N ASN F 28 -46.06 -25.88 0.35
CA ASN F 28 -44.91 -26.55 -0.22
C ASN F 28 -44.34 -27.45 0.87
N LYS F 29 -44.73 -28.74 0.89
CA LYS F 29 -44.48 -29.53 2.09
C LYS F 29 -43.02 -29.99 2.16
N SER F 30 -42.31 -29.87 1.04
CA SER F 30 -40.93 -30.31 0.99
C SER F 30 -40.09 -29.53 1.99
N TRP F 31 -40.51 -28.28 2.29
CA TRP F 31 -39.78 -27.45 3.25
C TRP F 31 -39.71 -28.20 4.59
N ASN F 32 -40.65 -29.14 4.79
CA ASN F 32 -40.71 -29.90 6.04
C ASN F 32 -39.35 -30.50 6.36
N ALA F 33 -38.64 -30.89 5.28
CA ALA F 33 -37.32 -31.50 5.32
C ALA F 33 -36.40 -30.75 6.29
N HIS F 34 -36.47 -29.41 6.27
CA HIS F 34 -35.56 -28.55 7.02
C HIS F 34 -35.82 -28.66 8.51
N PHE F 35 -37.05 -29.05 8.88
CA PHE F 35 -37.38 -29.26 10.28
C PHE F 35 -37.04 -30.68 10.72
N THR F 36 -37.25 -31.65 9.82
CA THR F 36 -37.11 -33.05 10.20
C THR F 36 -35.63 -33.37 10.34
N GLU F 37 -34.82 -32.96 9.35
CA GLU F 37 -33.36 -33.06 9.41
C GLU F 37 -32.82 -32.57 10.76
N HIS F 38 -33.57 -31.74 11.50
CA HIS F 38 -33.11 -31.31 12.82
C HIS F 38 -33.99 -31.89 13.92
N LYS F 39 -34.82 -32.89 13.55
CA LYS F 39 -35.69 -33.61 14.49
C LYS F 39 -36.61 -32.63 15.23
N SER F 40 -37.28 -31.73 14.48
CA SER F 40 -38.16 -30.73 15.04
CA SER F 40 -38.23 -30.83 15.10
C SER F 40 -39.36 -30.51 14.11
N GLN F 41 -40.31 -29.68 14.54
CA GLN F 41 -41.37 -29.30 13.61
C GLN F 41 -41.79 -27.85 13.85
N GLY F 42 -42.37 -27.28 12.79
CA GLY F 42 -42.84 -25.91 12.81
C GLY F 42 -43.27 -25.46 11.43
N VAL F 43 -43.42 -24.14 11.27
CA VAL F 43 -43.92 -23.59 10.03
C VAL F 43 -43.01 -22.41 9.66
N VAL F 44 -42.82 -22.21 8.37
CA VAL F 44 -42.26 -20.99 7.80
C VAL F 44 -43.33 -20.44 6.86
N VAL F 45 -43.66 -19.14 7.04
CA VAL F 45 -44.56 -18.46 6.10
C VAL F 45 -43.78 -17.38 5.35
N LEU F 46 -43.94 -17.31 4.02
CA LEU F 46 -43.29 -16.33 3.16
C LEU F 46 -44.34 -15.52 2.40
N TRP F 47 -44.11 -14.21 2.26
CA TRP F 47 -45.00 -13.36 1.48
C TRP F 47 -44.19 -12.51 0.53
N ASN F 48 -44.43 -12.71 -0.77
CA ASN F 48 -43.81 -11.97 -1.84
C ASN F 48 -44.57 -10.66 -2.07
N GLU F 49 -43.92 -9.52 -1.78
CA GLU F 49 -44.69 -8.29 -1.75
C GLU F 49 -45.13 -7.87 -3.15
N ASN F 50 -44.24 -7.94 -4.15
CA ASN F 50 -44.57 -7.50 -5.51
C ASN F 50 -45.72 -8.32 -6.09
N LYS F 51 -45.72 -9.63 -5.82
CA LYS F 51 -46.63 -10.56 -6.49
C LYS F 51 -47.84 -10.85 -5.62
N GLN F 52 -47.78 -10.40 -4.35
CA GLN F 52 -48.89 -10.55 -3.43
C GLN F 52 -49.25 -12.04 -3.31
N GLN F 53 -48.26 -12.88 -3.02
CA GLN F 53 -48.48 -14.32 -2.95
C GLN F 53 -47.76 -14.89 -1.74
N GLY F 54 -48.37 -15.88 -1.09
CA GLY F 54 -47.86 -16.47 0.13
C GLY F 54 -47.46 -17.92 -0.09
N PHE F 55 -46.47 -18.39 0.69
CA PHE F 55 -45.98 -19.76 0.66
C PHE F 55 -45.70 -20.22 2.07
N THR F 56 -45.98 -21.51 2.33
CA THR F 56 -45.76 -22.10 3.64
C THR F 56 -45.65 -23.62 3.49
N ASN F 57 -45.06 -24.28 4.49
CA ASN F 57 -44.95 -25.73 4.50
C ASN F 57 -46.22 -26.36 5.08
N ASN F 58 -47.03 -25.53 5.76
CA ASN F 58 -48.11 -25.97 6.64
C ASN F 58 -49.12 -24.83 6.80
N LEU F 59 -50.07 -24.77 5.88
CA LEU F 59 -51.19 -23.84 5.91
C LEU F 59 -51.85 -23.79 7.28
N LYS F 60 -52.10 -24.94 7.90
CA LYS F 60 -52.86 -24.94 9.15
C LYS F 60 -52.05 -24.38 10.32
N ARG F 61 -50.77 -24.76 10.46
CA ARG F 61 -49.96 -24.21 11.53
C ARG F 61 -49.68 -22.72 11.29
N ALA F 62 -49.64 -22.31 10.02
CA ALA F 62 -49.45 -20.93 9.61
C ALA F 62 -50.51 -20.01 10.24
N ASN F 63 -51.69 -20.60 10.50
CA ASN F 63 -52.88 -19.87 10.96
C ASN F 63 -53.15 -20.19 12.42
N GLN F 64 -52.26 -20.97 13.05
CA GLN F 64 -52.42 -21.31 14.44
C GLN F 64 -51.81 -20.20 15.31
N ALA F 65 -52.52 -19.81 16.37
CA ALA F 65 -52.17 -18.62 17.10
C ALA F 65 -51.46 -18.99 18.40
N PHE F 66 -50.28 -18.41 18.62
CA PHE F 66 -49.45 -18.73 19.77
C PHE F 66 -49.18 -17.46 20.59
N LEU F 67 -48.63 -17.62 21.80
CA LEU F 67 -48.16 -16.47 22.56
C LEU F 67 -47.04 -15.82 21.75
N PRO F 68 -47.01 -14.48 21.59
CA PRO F 68 -45.94 -13.84 20.81
C PRO F 68 -44.55 -13.82 21.46
N ALA F 69 -44.50 -13.94 22.80
CA ALA F 69 -43.27 -13.83 23.60
C ALA F 69 -42.51 -12.58 23.19
N SER F 70 -41.13 -12.78 22.83
CA SER F 70 -40.42 -11.52 22.62
C SER F 70 -40.76 -10.83 21.29
N THR F 71 -41.61 -11.45 20.43
CA THR F 71 -41.94 -10.79 19.17
C THR F 71 -42.85 -9.58 19.47
N PHE F 72 -43.45 -9.62 20.65
CA PHE F 72 -44.30 -8.54 21.12
C PHE F 72 -43.50 -7.26 21.34
N KCX F 73 -42.17 -7.35 21.38
CA KCX F 73 -41.38 -6.13 21.53
CB KCX F 73 -39.90 -6.47 21.73
CG KCX F 73 -39.57 -6.93 23.14
CD KCX F 73 -38.13 -7.36 23.34
CE KCX F 73 -37.87 -7.71 24.80
NZ KCX F 73 -39.09 -8.06 25.52
C KCX F 73 -41.65 -5.15 20.38
O KCX F 73 -41.49 -3.94 20.56
CX KCX F 73 -39.65 -9.28 25.42
OQ1 KCX F 73 -40.96 -9.29 25.65
OQ2 KCX F 73 -39.05 -10.28 25.10
N ILE F 74 -42.06 -5.64 19.21
CA ILE F 74 -42.35 -4.75 18.08
C ILE F 74 -43.56 -3.84 18.37
N PRO F 75 -44.79 -4.39 18.58
CA PRO F 75 -45.92 -3.54 18.97
C PRO F 75 -45.64 -2.71 20.23
N ASN F 76 -45.03 -3.34 21.25
CA ASN F 76 -44.73 -2.67 22.52
C ASN F 76 -43.84 -1.44 22.27
N SER F 77 -42.80 -1.61 21.42
CA SER F 77 -41.92 -0.47 21.12
C SER F 77 -42.70 0.65 20.43
N LEU F 78 -43.54 0.30 19.43
CA LEU F 78 -44.29 1.29 18.68
C LEU F 78 -45.16 2.13 19.61
N ILE F 79 -45.75 1.43 20.59
CA ILE F 79 -46.70 2.06 21.49
C ILE F 79 -45.95 3.00 22.45
N ALA F 80 -44.88 2.48 23.06
CA ALA F 80 -44.13 3.28 24.03
C ALA F 80 -43.61 4.54 23.33
N LEU F 81 -43.09 4.38 22.11
CA LEU F 81 -42.58 5.52 21.36
C LEU F 81 -43.73 6.48 21.08
N ASP F 82 -44.88 5.96 20.63
CA ASP F 82 -45.91 6.86 20.14
C ASP F 82 -46.49 7.69 21.28
N LEU F 83 -46.57 7.08 22.46
CA LEU F 83 -47.17 7.69 23.64
C LEU F 83 -46.12 8.56 24.35
N GLY F 84 -44.84 8.32 24.07
CA GLY F 84 -43.79 9.14 24.65
C GLY F 84 -43.30 8.56 25.96
N VAL F 85 -43.68 7.29 26.23
CA VAL F 85 -43.09 6.50 27.30
C VAL F 85 -41.61 6.39 26.99
N VAL F 86 -41.27 6.26 25.70
CA VAL F 86 -39.89 6.28 25.25
C VAL F 86 -39.68 7.52 24.37
N LYS F 87 -38.66 8.33 24.69
CA LYS F 87 -38.44 9.60 24.03
C LYS F 87 -37.80 9.41 22.65
N ASP F 88 -36.73 8.61 22.59
CA ASP F 88 -36.12 8.28 21.32
C ASP F 88 -35.29 7.03 21.51
N GLU F 89 -34.52 6.64 20.47
CA GLU F 89 -33.74 5.40 20.52
C GLU F 89 -32.47 5.56 21.36
N HIS F 90 -32.17 6.77 21.82
CA HIS F 90 -30.98 7.00 22.65
C HIS F 90 -31.31 6.96 24.13
N GLN F 91 -32.55 7.28 24.51
CA GLN F 91 -32.92 7.22 25.92
C GLN F 91 -32.34 5.99 26.61
N VAL F 92 -31.58 6.20 27.70
CA VAL F 92 -31.02 5.08 28.46
C VAL F 92 -32.08 4.58 29.46
N PHE F 93 -32.13 3.26 29.66
CA PHE F 93 -32.97 2.65 30.69
C PHE F 93 -32.09 1.88 31.67
N LYS F 94 -31.87 2.51 32.83
CA LYS F 94 -30.96 2.07 33.88
C LYS F 94 -31.38 0.72 34.44
N TRP F 95 -30.43 -0.23 34.45
CA TRP F 95 -30.54 -1.49 35.17
C TRP F 95 -31.04 -1.23 36.60
N ASP F 96 -31.97 -2.08 37.07
CA ASP F 96 -32.65 -1.83 38.34
C ASP F 96 -31.88 -2.44 39.51
N GLY F 97 -30.85 -3.24 39.18
CA GLY F 97 -29.96 -3.78 40.19
C GLY F 97 -30.15 -5.27 40.42
N GLN F 98 -31.38 -5.77 40.17
CA GLN F 98 -31.66 -7.18 40.41
C GLN F 98 -31.07 -8.03 39.29
N THR F 99 -30.18 -8.92 39.70
CA THR F 99 -29.37 -9.73 38.82
C THR F 99 -30.21 -10.92 38.33
N ARG F 100 -30.37 -11.07 37.01
CA ARG F 100 -31.20 -12.15 36.46
C ARG F 100 -30.38 -13.10 35.59
N ASP F 101 -31.04 -14.16 35.12
CA ASP F 101 -30.39 -15.34 34.57
C ASP F 101 -29.74 -15.09 33.21
N ILE F 102 -30.16 -14.03 32.51
CA ILE F 102 -29.51 -13.68 31.25
C ILE F 102 -28.60 -12.46 31.48
N ALA F 103 -27.29 -12.68 31.28
CA ALA F 103 -26.25 -11.76 31.67
C ALA F 103 -26.52 -10.35 31.10
N THR F 104 -26.84 -10.32 29.80
CA THR F 104 -26.98 -9.09 29.02
C THR F 104 -28.07 -8.18 29.60
N TRP F 105 -29.01 -8.73 30.38
CA TRP F 105 -30.10 -7.96 30.96
C TRP F 105 -29.58 -7.16 32.15
N ASN F 106 -28.40 -7.54 32.64
CA ASN F 106 -27.89 -6.99 33.89
C ASN F 106 -26.94 -5.83 33.60
N ARG F 107 -27.41 -4.88 32.76
CA ARG F 107 -26.74 -3.63 32.44
C ARG F 107 -27.77 -2.58 32.02
N ASP F 108 -27.32 -1.36 31.72
CA ASP F 108 -28.22 -0.36 31.14
C ASP F 108 -28.43 -0.68 29.67
N HIS F 109 -29.56 -0.18 29.13
CA HIS F 109 -29.92 -0.42 27.75
C HIS F 109 -30.60 0.81 27.16
N ASN F 110 -30.54 0.92 25.83
CA ASN F 110 -31.47 1.79 25.13
C ASN F 110 -32.44 0.93 24.30
N LEU F 111 -33.27 1.58 23.47
CA LEU F 111 -34.27 0.87 22.67
C LEU F 111 -33.62 -0.14 21.74
N ILE F 112 -32.48 0.27 21.14
CA ILE F 112 -31.79 -0.55 20.17
C ILE F 112 -31.24 -1.82 20.84
N THR F 113 -30.53 -1.63 21.95
CA THR F 113 -29.91 -2.75 22.63
C THR F 113 -30.96 -3.58 23.37
N ALA F 114 -32.03 -2.93 23.86
CA ALA F 114 -33.06 -3.69 24.56
C ALA F 114 -33.76 -4.66 23.59
N MET F 115 -33.92 -4.23 22.33
CA MET F 115 -34.47 -5.11 21.31
C MET F 115 -33.50 -6.22 20.94
N LYS F 116 -32.23 -5.87 20.67
CA LYS F 116 -31.24 -6.88 20.28
C LYS F 116 -31.12 -7.97 21.35
N TYR F 117 -31.16 -7.59 22.64
CA TYR F 117 -30.94 -8.55 23.71
C TYR F 117 -32.25 -9.02 24.34
N SER F 118 -33.39 -8.72 23.68
CA SER F 118 -34.71 -9.09 24.15
C SER F 118 -34.81 -8.87 25.66
N VAL F 119 -34.55 -7.64 26.11
CA VAL F 119 -34.46 -7.34 27.53
C VAL F 119 -35.85 -7.11 28.10
N VAL F 120 -36.47 -8.19 28.60
CA VAL F 120 -37.85 -8.17 29.06
C VAL F 120 -38.04 -7.12 30.16
N PRO F 121 -37.16 -7.09 31.21
CA PRO F 121 -37.29 -6.12 32.30
C PRO F 121 -37.60 -4.70 31.86
N VAL F 122 -36.92 -4.22 30.81
CA VAL F 122 -37.13 -2.89 30.26
C VAL F 122 -38.55 -2.80 29.67
N TYR F 123 -39.00 -3.89 29.02
CA TYR F 123 -40.26 -3.86 28.30
C TYR F 123 -41.44 -3.93 29.27
N GLN F 124 -41.25 -4.66 30.38
CA GLN F 124 -42.25 -4.77 31.44
C GLN F 124 -42.50 -3.40 32.04
N GLU F 125 -41.47 -2.55 32.04
CA GLU F 125 -41.59 -1.19 32.52
C GLU F 125 -42.44 -0.35 31.55
N PHE F 126 -42.16 -0.43 30.23
CA PHE F 126 -42.99 0.29 29.27
C PHE F 126 -44.45 -0.13 29.40
N ALA F 127 -44.69 -1.45 29.58
CA ALA F 127 -46.06 -1.97 29.68
C ALA F 127 -46.82 -1.33 30.84
N ARG F 128 -46.20 -1.32 32.04
CA ARG F 128 -46.79 -0.72 33.23
C ARG F 128 -47.11 0.74 32.97
N GLN F 129 -46.17 1.48 32.36
CA GLN F 129 -46.36 2.89 32.06
C GLN F 129 -47.42 3.10 30.98
N ILE F 130 -47.48 2.22 29.98
CA ILE F 130 -48.52 2.37 28.97
C ILE F 130 -49.88 2.21 29.64
N GLY F 131 -50.01 1.19 30.49
CA GLY F 131 -51.25 0.95 31.21
C GLY F 131 -52.23 0.09 30.41
N GLU F 132 -53.07 -0.67 31.14
CA GLU F 132 -54.10 -1.57 30.62
C GLU F 132 -54.83 -0.97 29.43
N ALA F 133 -55.37 0.24 29.58
CA ALA F 133 -56.38 0.75 28.67
C ALA F 133 -55.77 1.11 27.33
N ARG F 134 -54.54 1.65 27.39
CA ARG F 134 -53.92 2.17 26.19
C ARG F 134 -53.36 0.98 25.39
N MET F 135 -52.86 -0.03 26.10
CA MET F 135 -52.29 -1.20 25.46
C MET F 135 -53.41 -1.88 24.64
N SER F 136 -54.57 -2.05 25.27
CA SER F 136 -55.74 -2.66 24.67
C SER F 136 -56.23 -1.88 23.44
N LYS F 137 -56.42 -0.55 23.57
CA LYS F 137 -56.85 0.30 22.48
C LYS F 137 -55.87 0.25 21.32
N MET F 138 -54.57 0.26 21.63
CA MET F 138 -53.53 0.29 20.60
C MET F 138 -53.51 -1.04 19.82
N LEU F 139 -53.64 -2.16 20.55
CA LEU F 139 -53.62 -3.46 19.90
C LEU F 139 -54.82 -3.63 18.98
N HIS F 140 -55.96 -3.03 19.38
CA HIS F 140 -57.17 -3.05 18.56
C HIS F 140 -56.94 -2.20 17.32
N ALA F 141 -56.36 -1.00 17.46
CA ALA F 141 -56.03 -0.21 16.28
C ALA F 141 -55.03 -0.94 15.35
N PHE F 142 -54.12 -1.73 15.91
CA PHE F 142 -53.12 -2.44 15.11
C PHE F 142 -53.69 -3.69 14.44
N ASP F 143 -54.91 -4.10 14.83
CA ASP F 143 -55.54 -5.33 14.36
C ASP F 143 -54.62 -6.53 14.70
N TYR F 144 -54.01 -6.50 15.89
CA TYR F 144 -52.90 -7.38 16.27
C TYR F 144 -53.44 -8.69 16.89
N GLY F 145 -53.35 -9.78 16.12
CA GLY F 145 -53.66 -11.09 16.67
C GLY F 145 -55.11 -11.12 17.17
N ASN F 146 -55.32 -11.70 18.37
CA ASN F 146 -56.64 -11.78 18.96
C ASN F 146 -56.94 -10.53 19.79
N GLU F 147 -55.98 -9.60 19.85
CA GLU F 147 -56.19 -8.30 20.47
C GLU F 147 -56.46 -8.38 21.99
N ASP F 148 -56.10 -9.51 22.63
CA ASP F 148 -56.52 -9.81 23.99
C ASP F 148 -55.34 -9.67 24.96
N ILE F 149 -55.44 -8.73 25.90
CA ILE F 149 -54.33 -8.47 26.82
C ILE F 149 -54.55 -9.10 28.20
N SER F 150 -55.53 -10.00 28.35
CA SER F 150 -55.88 -10.56 29.64
C SER F 150 -54.68 -11.17 30.35
N GLY F 151 -54.57 -10.92 31.66
CA GLY F 151 -53.44 -11.35 32.46
C GLY F 151 -52.75 -10.16 33.14
N ASN F 152 -51.49 -10.32 33.54
CA ASN F 152 -50.79 -9.17 34.13
C ASN F 152 -50.29 -8.24 33.01
N VAL F 153 -50.51 -6.93 33.16
CA VAL F 153 -50.14 -5.94 32.17
C VAL F 153 -48.68 -6.12 31.73
N ASP F 154 -47.85 -6.64 32.64
CA ASP F 154 -46.41 -6.71 32.42
C ASP F 154 -45.99 -8.14 32.06
N SER F 155 -46.95 -9.02 31.77
CA SER F 155 -46.58 -10.40 31.47
C SER F 155 -47.44 -11.04 30.38
N PHE F 156 -48.46 -10.32 29.90
CA PHE F 156 -49.53 -10.98 29.15
C PHE F 156 -49.04 -11.64 27.87
N TRP F 157 -47.93 -11.14 27.28
CA TRP F 157 -47.39 -11.67 26.03
C TRP F 157 -46.55 -12.90 26.31
N LEU F 158 -46.30 -13.12 27.62
CA LEU F 158 -45.54 -14.25 28.11
C LEU F 158 -46.47 -15.35 28.62
N ASP F 159 -47.55 -14.96 29.32
CA ASP F 159 -48.40 -15.94 30.00
C ASP F 159 -49.83 -15.42 30.21
N GLY F 160 -50.27 -14.48 29.38
CA GLY F 160 -51.66 -14.05 29.40
C GLY F 160 -52.44 -14.61 28.22
N GLY F 161 -53.41 -13.82 27.76
CA GLY F 161 -54.42 -14.29 26.81
C GLY F 161 -54.09 -13.98 25.36
N ILE F 162 -53.05 -13.18 25.10
CA ILE F 162 -52.81 -12.72 23.75
C ILE F 162 -52.27 -13.83 22.86
N ARG F 163 -52.79 -13.90 21.62
CA ARG F 163 -52.41 -14.96 20.70
C ARG F 163 -52.28 -14.35 19.30
N ILE F 164 -51.21 -14.71 18.58
CA ILE F 164 -51.08 -14.29 17.22
C ILE F 164 -50.54 -15.46 16.42
N SER F 165 -50.91 -15.51 15.14
CA SER F 165 -50.45 -16.55 14.25
C SER F 165 -49.35 -16.00 13.34
N ALA F 166 -48.64 -16.90 12.67
CA ALA F 166 -47.64 -16.49 11.71
C ALA F 166 -48.22 -15.63 10.60
N THR F 167 -49.40 -15.98 10.05
CA THR F 167 -49.90 -15.15 8.97
C THR F 167 -50.33 -13.79 9.51
N GLU F 168 -50.86 -13.77 10.74
CA GLU F 168 -51.16 -12.50 11.38
C GLU F 168 -49.90 -11.68 11.66
N GLN F 169 -48.76 -12.35 11.87
CA GLN F 169 -47.51 -11.64 12.13
C GLN F 169 -47.16 -10.88 10.85
N ILE F 170 -47.36 -11.53 9.71
CA ILE F 170 -47.03 -10.92 8.45
C ILE F 170 -47.99 -9.78 8.12
N SER F 171 -49.28 -9.93 8.44
CA SER F 171 -50.25 -8.88 8.17
CA SER F 171 -50.25 -8.88 8.16
C SER F 171 -49.81 -7.59 8.87
N PHE F 172 -49.45 -7.75 10.15
CA PHE F 172 -49.00 -6.66 10.99
C PHE F 172 -47.69 -6.07 10.45
N LEU F 173 -46.74 -6.92 10.11
CA LEU F 173 -45.44 -6.44 9.64
C LEU F 173 -45.56 -5.72 8.31
N ARG F 174 -46.50 -6.13 7.43
CA ARG F 174 -46.68 -5.39 6.18
C ARG F 174 -47.18 -3.96 6.44
N LYS F 175 -48.06 -3.78 7.39
CA LYS F 175 -48.49 -2.43 7.71
C LYS F 175 -47.30 -1.61 8.24
N LEU F 176 -46.44 -2.21 9.07
CA LEU F 176 -45.33 -1.49 9.69
C LEU F 176 -44.40 -1.05 8.57
N TYR F 177 -44.13 -1.97 7.64
CA TYR F 177 -43.23 -1.69 6.54
C TYR F 177 -43.70 -0.47 5.74
N HIS F 178 -45.02 -0.39 5.49
CA HIS F 178 -45.59 0.65 4.64
C HIS F 178 -45.99 1.88 5.46
N ASN F 179 -45.69 1.88 6.78
CA ASN F 179 -46.00 3.00 7.66
C ASN F 179 -47.51 3.20 7.74
N LYS F 180 -48.28 2.10 7.76
CA LYS F 180 -49.72 2.19 7.69
C LYS F 180 -50.32 1.89 9.06
N LEU F 181 -49.50 1.72 10.10
CA LEU F 181 -50.10 1.54 11.41
C LEU F 181 -50.56 2.92 11.89
N HIS F 182 -51.55 2.93 12.78
CA HIS F 182 -52.00 4.17 13.44
C HIS F 182 -51.11 4.50 14.62
N VAL F 183 -49.84 4.79 14.32
CA VAL F 183 -48.92 5.54 15.16
C VAL F 183 -48.17 6.46 14.20
N SER F 184 -47.31 7.35 14.71
CA SER F 184 -46.67 8.29 13.81
C SER F 184 -45.68 7.57 12.88
N GLU F 185 -45.42 8.13 11.70
CA GLU F 185 -44.38 7.65 10.82
C GLU F 185 -43.03 7.54 11.55
N ARG F 186 -42.73 8.55 12.38
CA ARG F 186 -41.49 8.57 13.15
C ARG F 186 -41.39 7.33 14.04
N SER F 187 -42.47 7.03 14.79
CA SER F 187 -42.48 5.84 15.63
C SER F 187 -42.17 4.61 14.80
N GLN F 188 -42.76 4.53 13.59
CA GLN F 188 -42.60 3.33 12.76
C GLN F 188 -41.17 3.24 12.22
N ARG F 189 -40.59 4.36 11.74
CA ARG F 189 -39.21 4.32 11.26
C ARG F 189 -38.23 3.90 12.37
N ILE F 190 -38.47 4.35 13.61
CA ILE F 190 -37.57 4.09 14.73
C ILE F 190 -37.59 2.59 15.07
N VAL F 191 -38.80 2.01 15.13
CA VAL F 191 -38.89 0.59 15.41
C VAL F 191 -38.24 -0.20 14.27
N LYS F 192 -38.41 0.23 13.02
CA LYS F 192 -37.83 -0.56 11.94
C LYS F 192 -36.29 -0.52 12.02
N GLN F 193 -35.76 0.64 12.44
CA GLN F 193 -34.33 0.74 12.70
C GLN F 193 -33.90 -0.24 13.81
N ALA F 194 -34.65 -0.31 14.91
CA ALA F 194 -34.35 -1.19 16.02
C ALA F 194 -34.47 -2.68 15.64
N MET F 195 -35.24 -2.98 14.59
CA MET F 195 -35.41 -4.37 14.12
C MET F 195 -34.24 -4.84 13.24
N LEU F 196 -33.36 -3.91 12.85
CA LEU F 196 -32.24 -4.24 11.98
C LEU F 196 -31.45 -5.40 12.60
N THR F 197 -31.23 -6.45 11.77
CA THR F 197 -30.65 -7.68 12.25
C THR F 197 -29.40 -8.02 11.43
N GLU F 198 -29.47 -7.85 10.12
CA GLU F 198 -28.38 -8.27 9.27
C GLU F 198 -28.45 -7.47 7.95
N ALA F 199 -27.29 -7.08 7.43
CA ALA F 199 -27.25 -6.41 6.15
C ALA F 199 -25.92 -6.70 5.47
N ASN F 200 -25.97 -6.92 4.15
CA ASN F 200 -24.79 -7.06 3.31
C ASN F 200 -25.12 -6.42 1.96
N GLY F 201 -24.35 -6.77 0.93
CA GLY F 201 -24.57 -6.22 -0.40
C GLY F 201 -25.75 -6.90 -1.08
N ASP F 202 -26.24 -7.97 -0.47
CA ASP F 202 -27.25 -8.75 -1.17
C ASP F 202 -28.62 -8.54 -0.54
N TYR F 203 -28.68 -8.24 0.76
CA TYR F 203 -29.99 -8.13 1.38
C TYR F 203 -29.91 -7.40 2.72
N ILE F 204 -31.06 -6.87 3.16
CA ILE F 204 -31.24 -6.45 4.55
C ILE F 204 -32.32 -7.31 5.22
N ILE F 205 -32.04 -7.72 6.46
CA ILE F 205 -33.04 -8.39 7.27
C ILE F 205 -33.37 -7.54 8.50
N ARG F 206 -34.68 -7.28 8.64
CA ARG F 206 -35.26 -6.63 9.80
C ARG F 206 -36.24 -7.61 10.41
N ALA F 207 -36.04 -7.95 11.70
CA ALA F 207 -36.72 -9.10 12.28
C ALA F 207 -36.64 -9.03 13.79
N LYS F 208 -37.43 -9.93 14.43
CA LYS F 208 -37.38 -10.07 15.88
C LYS F 208 -37.59 -11.54 16.25
N THR F 209 -36.80 -12.02 17.22
CA THR F 209 -36.91 -13.41 17.64
C THR F 209 -37.91 -13.52 18.77
N GLY F 210 -38.34 -14.75 19.06
CA GLY F 210 -39.14 -14.93 20.26
C GLY F 210 -39.02 -16.36 20.75
N TYR F 211 -39.25 -16.55 22.05
CA TYR F 211 -39.07 -17.84 22.69
C TYR F 211 -40.14 -17.97 23.76
N SER F 212 -41.15 -18.81 23.52
CA SER F 212 -42.29 -18.90 24.43
C SER F 212 -42.13 -20.11 25.34
N THR F 213 -41.97 -19.89 26.65
CA THR F 213 -41.64 -20.97 27.57
C THR F 213 -42.68 -21.16 28.68
N ARG F 214 -43.37 -20.08 29.10
CA ARG F 214 -44.18 -20.12 30.31
C ARG F 214 -45.38 -21.06 30.20
N ILE F 215 -46.00 -21.14 29.03
CA ILE F 215 -47.23 -21.90 28.81
C ILE F 215 -47.01 -22.84 27.63
N GLU F 216 -47.40 -24.10 27.79
CA GLU F 216 -47.25 -25.06 26.70
C GLU F 216 -48.13 -24.63 25.54
N PRO F 217 -47.77 -24.85 24.26
CA PRO F 217 -46.47 -25.42 23.87
C PRO F 217 -45.31 -24.43 23.73
N LYS F 218 -44.17 -24.75 24.37
CA LYS F 218 -42.97 -23.95 24.29
C LYS F 218 -42.53 -23.88 22.82
N ILE F 219 -42.43 -22.67 22.22
CA ILE F 219 -42.04 -22.58 20.82
C ILE F 219 -41.00 -21.47 20.62
N GLY F 220 -40.36 -21.47 19.45
CA GLY F 220 -39.52 -20.34 19.04
C GLY F 220 -40.08 -19.64 17.80
N TRP F 221 -39.95 -18.30 17.78
CA TRP F 221 -40.41 -17.50 16.67
C TRP F 221 -39.21 -16.83 15.99
N TRP F 222 -39.38 -16.50 14.71
CA TRP F 222 -38.65 -15.41 14.05
C TRP F 222 -39.60 -14.79 13.00
N VAL F 223 -39.80 -13.47 13.09
CA VAL F 223 -40.68 -12.73 12.19
C VAL F 223 -39.95 -11.46 11.72
N GLY F 224 -40.16 -11.11 10.45
CA GLY F 224 -39.61 -9.88 9.90
C GLY F 224 -39.71 -9.86 8.40
N TRP F 225 -38.70 -9.30 7.75
CA TRP F 225 -38.69 -9.24 6.30
C TRP F 225 -37.27 -9.17 5.75
N VAL F 226 -37.20 -9.49 4.46
CA VAL F 226 -35.95 -9.44 3.71
C VAL F 226 -36.10 -8.40 2.63
N GLU F 227 -35.27 -7.37 2.71
CA GLU F 227 -35.27 -6.35 1.67
C GLU F 227 -34.25 -6.70 0.60
N LEU F 228 -34.72 -6.70 -0.66
CA LEU F 228 -33.89 -6.82 -1.84
C LEU F 228 -33.98 -5.51 -2.63
N ASP F 229 -33.25 -5.46 -3.76
CA ASP F 229 -33.19 -4.24 -4.53
C ASP F 229 -34.56 -3.87 -5.05
N ASP F 230 -35.39 -4.87 -5.38
CA ASP F 230 -36.61 -4.54 -6.11
C ASP F 230 -37.83 -5.34 -5.64
N ASN F 231 -37.75 -5.90 -4.42
CA ASN F 231 -38.87 -6.57 -3.79
C ASN F 231 -38.61 -6.66 -2.29
N VAL F 232 -39.62 -7.12 -1.55
CA VAL F 232 -39.54 -7.41 -0.14
CA VAL F 232 -39.47 -7.45 -0.15
C VAL F 232 -40.25 -8.74 0.11
N TRP F 233 -39.63 -9.63 0.88
CA TRP F 233 -40.22 -10.88 1.31
C TRP F 233 -40.42 -10.84 2.83
N PHE F 234 -41.67 -10.82 3.26
CA PHE F 234 -41.99 -10.91 4.67
C PHE F 234 -41.94 -12.38 5.05
N PHE F 235 -41.53 -12.66 6.28
CA PHE F 235 -41.45 -14.04 6.72
C PHE F 235 -41.95 -14.11 8.15
N ALA F 236 -42.54 -15.26 8.51
CA ALA F 236 -42.80 -15.50 9.91
C ALA F 236 -42.68 -17.00 10.14
N MET F 237 -41.95 -17.38 11.19
CA MET F 237 -41.82 -18.81 11.46
C MET F 237 -41.97 -19.11 12.95
N ASN F 238 -42.51 -20.31 13.23
CA ASN F 238 -42.44 -20.80 14.58
C ASN F 238 -42.18 -22.30 14.50
N MET F 239 -41.63 -22.83 15.59
CA MET F 239 -41.16 -24.21 15.62
C MET F 239 -41.11 -24.68 17.07
N ASP F 240 -41.28 -26.00 17.27
CA ASP F 240 -41.29 -26.56 18.61
C ASP F 240 -39.91 -26.39 19.24
N MET F 241 -39.89 -26.01 20.52
CA MET F 241 -38.64 -25.66 21.18
C MET F 241 -38.61 -26.30 22.58
N PRO F 242 -38.60 -27.65 22.71
CA PRO F 242 -38.68 -28.28 24.04
C PRO F 242 -37.42 -27.97 24.85
N THR F 243 -36.27 -28.00 24.15
CA THR F 243 -34.97 -27.63 24.69
C THR F 243 -34.59 -26.25 24.15
N SER F 244 -33.90 -25.44 24.97
CA SER F 244 -33.30 -24.18 24.55
C SER F 244 -32.09 -24.41 23.65
N ASP F 245 -31.80 -25.69 23.35
CA ASP F 245 -30.69 -26.09 22.51
C ASP F 245 -30.90 -25.67 21.06
N GLY F 246 -32.16 -25.61 20.62
CA GLY F 246 -32.46 -25.51 19.20
C GLY F 246 -32.75 -24.07 18.72
N LEU F 247 -32.50 -23.08 19.60
CA LEU F 247 -32.83 -21.69 19.34
C LEU F 247 -32.23 -21.18 18.02
N GLY F 248 -31.01 -21.64 17.69
CA GLY F 248 -30.35 -21.18 16.48
C GLY F 248 -31.05 -21.69 15.22
N LEU F 249 -31.96 -22.65 15.41
CA LEU F 249 -32.66 -23.26 14.28
C LEU F 249 -33.65 -22.26 13.68
N ARG F 250 -34.13 -21.34 14.53
CA ARG F 250 -35.06 -20.29 14.12
C ARG F 250 -34.55 -19.57 12.87
N GLN F 251 -33.31 -19.06 12.92
CA GLN F 251 -32.72 -18.34 11.79
C GLN F 251 -32.28 -19.32 10.71
N ALA F 252 -31.66 -20.43 11.14
CA ALA F 252 -31.07 -21.36 10.20
C ALA F 252 -32.11 -22.02 9.30
N ILE F 253 -33.20 -22.51 9.88
CA ILE F 253 -34.25 -23.11 9.06
C ILE F 253 -34.84 -22.05 8.13
N THR F 254 -35.12 -20.86 8.68
CA THR F 254 -35.65 -19.78 7.83
C THR F 254 -34.74 -19.52 6.64
N LYS F 255 -33.45 -19.35 6.91
CA LYS F 255 -32.47 -19.06 5.86
C LYS F 255 -32.36 -20.23 4.88
N GLU F 256 -32.52 -21.48 5.35
CA GLU F 256 -32.50 -22.61 4.43
C GLU F 256 -33.64 -22.44 3.43
N VAL F 257 -34.81 -22.03 3.96
CA VAL F 257 -35.98 -21.92 3.10
C VAL F 257 -35.77 -20.77 2.12
N LEU F 258 -35.26 -19.65 2.63
CA LEU F 258 -34.97 -18.49 1.80
C LEU F 258 -34.00 -18.85 0.68
N LYS F 259 -32.96 -19.63 1.00
CA LYS F 259 -32.01 -20.08 -0.01
C LYS F 259 -32.68 -21.00 -1.04
N GLN F 260 -33.41 -22.03 -0.57
CA GLN F 260 -34.13 -22.97 -1.42
C GLN F 260 -34.96 -22.23 -2.48
N GLU F 261 -35.56 -21.09 -2.10
CA GLU F 261 -36.47 -20.33 -2.92
C GLU F 261 -35.74 -19.24 -3.71
N LYS F 262 -34.40 -19.27 -3.71
CA LYS F 262 -33.60 -18.30 -4.45
C LYS F 262 -33.89 -16.86 -4.00
N ILE F 263 -34.35 -16.68 -2.76
CA ILE F 263 -34.58 -15.33 -2.25
C ILE F 263 -33.27 -14.71 -1.76
N ILE F 264 -32.45 -15.50 -1.05
CA ILE F 264 -31.08 -15.04 -0.79
C ILE F 264 -30.09 -15.99 -1.47
N PRO F 265 -28.83 -15.55 -1.76
CA PRO F 265 -27.80 -16.47 -2.27
C PRO F 265 -27.59 -17.64 -1.29
N GLU G 24 -24.58 54.41 20.94
CA GLU G 24 -25.24 55.47 21.76
C GLU G 24 -26.19 56.30 20.89
N TRP G 25 -27.44 56.36 21.33
CA TRP G 25 -28.45 57.13 20.63
C TRP G 25 -28.96 58.26 21.51
N GLN G 26 -30.02 58.91 21.03
CA GLN G 26 -30.57 60.08 21.68
C GLN G 26 -31.89 60.40 21.00
N GLU G 27 -32.99 60.19 21.72
CA GLU G 27 -34.31 60.55 21.25
C GLU G 27 -34.45 62.06 21.38
N ASN G 28 -35.13 62.66 20.41
CA ASN G 28 -35.44 64.08 20.38
C ASN G 28 -36.85 64.23 19.83
N LYS G 29 -37.84 64.34 20.74
CA LYS G 29 -39.22 64.11 20.34
C LYS G 29 -39.78 65.34 19.65
N SER G 30 -39.06 66.46 19.80
CA SER G 30 -39.47 67.75 19.28
C SER G 30 -39.52 67.78 17.75
N TRP G 31 -38.77 66.91 17.07
CA TRP G 31 -38.84 66.81 15.62
C TRP G 31 -40.24 66.40 15.17
N ASN G 32 -40.96 65.67 16.06
CA ASN G 32 -42.29 65.16 15.80
C ASN G 32 -43.17 66.29 15.25
N ALA G 33 -42.77 67.54 15.57
CA ALA G 33 -43.43 68.76 15.13
C ALA G 33 -43.59 68.77 13.60
N HIS G 34 -42.50 68.47 12.90
CA HIS G 34 -42.45 68.58 11.44
C HIS G 34 -43.36 67.52 10.81
N PHE G 35 -43.57 66.41 11.53
CA PHE G 35 -44.51 65.38 11.14
C PHE G 35 -45.94 65.82 11.47
N THR G 36 -46.13 66.36 12.68
CA THR G 36 -47.50 66.68 13.09
C THR G 36 -48.03 67.87 12.29
N GLU G 37 -47.14 68.80 11.93
CA GLU G 37 -47.50 69.98 11.13
C GLU G 37 -48.24 69.58 9.85
N HIS G 38 -47.96 68.39 9.30
CA HIS G 38 -48.57 67.95 8.05
C HIS G 38 -49.52 66.78 8.28
N LYS G 39 -49.80 66.51 9.57
CA LYS G 39 -50.69 65.44 9.97
C LYS G 39 -50.08 64.09 9.61
N SER G 40 -48.79 63.92 9.92
CA SER G 40 -48.02 62.78 9.44
C SER G 40 -47.42 61.96 10.59
N GLN G 41 -47.14 60.68 10.30
CA GLN G 41 -46.37 59.84 11.21
C GLN G 41 -45.13 59.35 10.47
N GLY G 42 -43.96 59.53 11.08
CA GLY G 42 -42.77 58.89 10.55
C GLY G 42 -41.58 59.05 11.47
N VAL G 43 -40.38 58.81 10.92
CA VAL G 43 -39.18 58.92 11.72
C VAL G 43 -38.07 59.48 10.83
N VAL G 44 -37.22 60.34 11.43
CA VAL G 44 -35.94 60.70 10.86
C VAL G 44 -34.85 60.14 11.78
N VAL G 45 -33.86 59.47 11.18
CA VAL G 45 -32.68 58.99 11.89
C VAL G 45 -31.46 59.69 11.30
N LEU G 46 -30.62 60.29 12.17
CA LEU G 46 -29.38 60.97 11.77
C LEU G 46 -28.19 60.26 12.40
N TRP G 47 -27.05 60.24 11.68
CA TRP G 47 -25.83 59.76 12.29
C TRP G 47 -24.70 60.75 12.03
N ASN G 48 -24.13 61.26 13.12
CA ASN G 48 -23.00 62.16 13.07
C ASN G 48 -21.73 61.32 12.94
N GLU G 49 -21.05 61.42 11.78
CA GLU G 49 -20.00 60.47 11.46
C GLU G 49 -18.76 60.74 12.32
N ASN G 50 -18.47 62.03 12.56
CA ASN G 50 -17.27 62.40 13.30
C ASN G 50 -17.42 61.95 14.75
N LYS G 51 -18.57 62.27 15.34
CA LYS G 51 -18.86 62.06 16.74
C LYS G 51 -19.27 60.61 17.00
N GLN G 52 -19.56 59.86 15.93
CA GLN G 52 -20.00 58.48 16.04
C GLN G 52 -21.25 58.39 16.92
N GLN G 53 -22.22 59.29 16.71
CA GLN G 53 -23.42 59.37 17.53
C GLN G 53 -24.66 59.47 16.65
N GLY G 54 -25.76 58.86 17.09
CA GLY G 54 -27.02 58.87 16.35
C GLY G 54 -28.12 59.64 17.08
N PHE G 55 -29.17 60.04 16.33
CA PHE G 55 -30.28 60.83 16.83
C PHE G 55 -31.54 60.48 16.05
N THR G 56 -32.68 60.37 16.74
CA THR G 56 -33.96 60.10 16.10
C THR G 56 -35.08 60.72 16.91
N ASN G 57 -36.26 60.82 16.30
CA ASN G 57 -37.44 61.31 16.98
C ASN G 57 -38.20 60.16 17.65
N ASN G 58 -37.81 58.91 17.35
CA ASN G 58 -38.62 57.75 17.68
C ASN G 58 -37.78 56.49 17.58
N LEU G 59 -37.22 56.06 18.72
CA LEU G 59 -36.25 54.98 18.73
C LEU G 59 -36.89 53.67 18.30
N LYS G 60 -38.20 53.51 18.59
CA LYS G 60 -38.88 52.30 18.19
C LYS G 60 -39.01 52.24 16.66
N ARG G 61 -39.47 53.34 16.06
CA ARG G 61 -39.67 53.34 14.60
C ARG G 61 -38.34 53.26 13.82
N ALA G 62 -37.28 53.85 14.38
CA ALA G 62 -35.90 53.74 13.91
C ALA G 62 -35.55 52.29 13.62
N ASN G 63 -36.17 51.37 14.37
CA ASN G 63 -35.74 49.99 14.34
C ASN G 63 -36.74 49.09 13.63
N GLN G 64 -37.86 49.63 13.14
CA GLN G 64 -38.84 48.78 12.50
C GLN G 64 -38.46 48.60 11.02
N ALA G 65 -38.69 47.39 10.49
CA ALA G 65 -38.26 47.04 9.13
C ALA G 65 -39.40 47.19 8.12
N PHE G 66 -39.08 47.77 6.95
CA PHE G 66 -40.01 47.93 5.85
C PHE G 66 -39.41 47.46 4.53
N LEU G 67 -40.29 47.15 3.55
CA LEU G 67 -39.88 46.96 2.16
C LEU G 67 -39.06 48.18 1.70
N PRO G 68 -37.87 48.01 1.07
CA PRO G 68 -37.04 49.17 0.69
C PRO G 68 -37.66 49.91 -0.49
N ALA G 69 -38.40 49.20 -1.33
CA ALA G 69 -38.96 49.79 -2.57
C ALA G 69 -37.82 50.43 -3.39
N SER G 70 -37.92 51.71 -3.75
CA SER G 70 -36.92 52.16 -4.71
C SER G 70 -35.55 52.42 -4.08
N THR G 71 -35.45 52.40 -2.73
CA THR G 71 -34.15 52.53 -2.09
C THR G 71 -33.30 51.32 -2.41
N PHE G 72 -33.93 50.24 -2.93
CA PHE G 72 -33.20 49.03 -3.29
C PHE G 72 -32.31 49.26 -4.53
N KCX G 73 -32.59 50.32 -5.28
CA KCX G 73 -31.79 50.66 -6.45
CB KCX G 73 -32.36 51.89 -7.17
CG KCX G 73 -33.63 51.54 -7.93
CD KCX G 73 -34.34 52.63 -8.72
CE KCX G 73 -35.53 52.06 -9.50
NZ KCX G 73 -36.61 51.54 -8.66
C KCX G 73 -30.31 50.82 -6.07
O KCX G 73 -29.43 50.53 -6.90
CX KCX G 73 -36.72 50.25 -8.20
OQ1 KCX G 73 -37.51 49.93 -7.33
OQ2 KCX G 73 -35.95 49.31 -8.75
N ILE G 74 -30.05 51.20 -4.81
CA ILE G 74 -28.67 51.42 -4.39
C ILE G 74 -27.91 50.10 -4.40
N PRO G 75 -28.27 49.07 -3.58
CA PRO G 75 -27.60 47.78 -3.66
C PRO G 75 -27.66 47.14 -5.05
N ASN G 76 -28.84 47.20 -5.71
CA ASN G 76 -29.09 46.64 -7.03
C ASN G 76 -28.06 47.15 -8.04
N SER G 77 -27.88 48.49 -8.10
CA SER G 77 -26.86 49.11 -8.94
C SER G 77 -25.47 48.54 -8.63
N LEU G 78 -25.13 48.49 -7.33
CA LEU G 78 -23.81 48.08 -6.92
C LEU G 78 -23.54 46.67 -7.45
N ILE G 79 -24.57 45.83 -7.41
CA ILE G 79 -24.45 44.43 -7.81
C ILE G 79 -24.31 44.35 -9.34
N ALA G 80 -25.16 45.06 -10.08
CA ALA G 80 -25.19 45.01 -11.54
C ALA G 80 -23.85 45.49 -12.12
N LEU G 81 -23.22 46.45 -11.41
CA LEU G 81 -21.96 46.96 -11.90
C LEU G 81 -20.87 45.95 -11.57
N ASP G 82 -20.90 45.41 -10.34
CA ASP G 82 -19.78 44.62 -9.89
C ASP G 82 -19.74 43.31 -10.68
N LEU G 83 -20.91 42.89 -11.17
CA LEU G 83 -21.01 41.64 -11.89
C LEU G 83 -20.80 41.91 -13.37
N GLY G 84 -20.75 43.19 -13.74
CA GLY G 84 -20.63 43.53 -15.13
C GLY G 84 -21.93 43.38 -15.90
N VAL G 85 -23.06 43.31 -15.18
CA VAL G 85 -24.35 43.40 -15.86
C VAL G 85 -24.50 44.80 -16.45
N VAL G 86 -23.95 45.79 -15.75
CA VAL G 86 -23.88 47.15 -16.27
C VAL G 86 -22.40 47.51 -16.44
N LYS G 87 -22.05 47.94 -17.65
CA LYS G 87 -20.66 48.21 -17.99
C LYS G 87 -20.17 49.49 -17.31
N ASP G 88 -20.99 50.56 -17.38
CA ASP G 88 -20.63 51.84 -16.80
C ASP G 88 -21.87 52.73 -16.78
N GLU G 89 -21.69 54.01 -16.38
CA GLU G 89 -22.81 54.93 -16.17
C GLU G 89 -23.34 55.49 -17.48
N HIS G 90 -22.71 55.17 -18.62
CA HIS G 90 -23.14 55.70 -19.90
C HIS G 90 -23.95 54.66 -20.69
N GLN G 91 -23.80 53.37 -20.32
CA GLN G 91 -24.43 52.31 -21.10
C GLN G 91 -25.94 52.55 -21.17
N VAL G 92 -26.51 52.50 -22.38
CA VAL G 92 -27.89 52.91 -22.61
C VAL G 92 -28.80 51.68 -22.56
N PHE G 93 -29.88 51.76 -21.77
CA PHE G 93 -30.88 50.71 -21.71
C PHE G 93 -32.12 51.19 -22.44
N LYS G 94 -32.31 50.66 -23.66
CA LYS G 94 -33.36 51.13 -24.55
C LYS G 94 -34.73 50.77 -23.95
N TRP G 95 -35.68 51.68 -24.10
CA TRP G 95 -37.05 51.44 -23.71
C TRP G 95 -37.64 50.25 -24.49
N ASP G 96 -38.57 49.51 -23.86
CA ASP G 96 -39.14 48.32 -24.45
C ASP G 96 -40.47 48.60 -25.18
N GLY G 97 -40.79 49.88 -25.43
CA GLY G 97 -41.96 50.22 -26.23
C GLY G 97 -43.28 50.24 -25.46
N GLN G 98 -43.35 49.51 -24.34
CA GLN G 98 -44.57 49.40 -23.54
C GLN G 98 -44.78 50.67 -22.71
N THR G 99 -45.92 51.35 -22.92
CA THR G 99 -46.16 52.62 -22.25
C THR G 99 -46.61 52.39 -20.82
N ARG G 100 -45.88 52.99 -19.87
CA ARG G 100 -46.19 52.86 -18.45
C ARG G 100 -46.68 54.21 -17.93
N ASP G 101 -47.26 54.22 -16.73
CA ASP G 101 -48.02 55.35 -16.21
C ASP G 101 -47.09 56.51 -15.85
N ILE G 102 -45.82 56.20 -15.58
CA ILE G 102 -44.83 57.23 -15.32
C ILE G 102 -44.09 57.55 -16.63
N ALA G 103 -44.46 58.67 -17.26
CA ALA G 103 -43.93 59.16 -18.53
C ALA G 103 -42.42 58.90 -18.65
N THR G 104 -41.67 59.30 -17.62
CA THR G 104 -40.23 59.36 -17.70
C THR G 104 -39.65 57.96 -17.89
N TRP G 105 -40.47 56.92 -17.60
CA TRP G 105 -40.06 55.54 -17.78
C TRP G 105 -40.08 55.15 -19.26
N ASN G 106 -40.75 55.94 -20.10
CA ASN G 106 -41.02 55.52 -21.48
C ASN G 106 -40.02 56.14 -22.47
N ARG G 107 -38.72 55.96 -22.17
CA ARG G 107 -37.64 56.49 -22.96
C ARG G 107 -36.40 55.69 -22.57
N ASP G 108 -35.27 55.95 -23.25
CA ASP G 108 -34.02 55.28 -22.92
C ASP G 108 -33.42 55.90 -21.64
N HIS G 109 -32.63 55.10 -20.91
CA HIS G 109 -31.97 55.61 -19.72
C HIS G 109 -30.57 55.04 -19.65
N ASN G 110 -29.72 55.76 -18.93
CA ASN G 110 -28.50 55.15 -18.44
C ASN G 110 -28.64 54.94 -16.94
N LEU G 111 -27.56 54.55 -16.29
CA LEU G 111 -27.67 54.27 -14.86
C LEU G 111 -28.00 55.55 -14.10
N ILE G 112 -27.38 56.69 -14.48
CA ILE G 112 -27.59 57.97 -13.80
C ILE G 112 -29.06 58.35 -13.90
N THR G 113 -29.64 58.31 -15.10
CA THR G 113 -31.01 58.76 -15.25
C THR G 113 -32.00 57.71 -14.71
N ALA G 114 -31.62 56.43 -14.72
CA ALA G 114 -32.47 55.36 -14.21
C ALA G 114 -32.66 55.49 -12.70
N MET G 115 -31.59 55.90 -12.01
CA MET G 115 -31.65 56.22 -10.61
CA MET G 115 -31.61 56.24 -10.61
C MET G 115 -32.48 57.47 -10.39
N LYS G 116 -32.20 58.53 -11.17
CA LYS G 116 -32.84 59.82 -10.94
C LYS G 116 -34.36 59.71 -11.01
N TYR G 117 -34.86 58.95 -12.01
CA TYR G 117 -36.27 58.79 -12.31
C TYR G 117 -36.82 57.48 -11.73
N SER G 118 -36.00 56.74 -10.99
CA SER G 118 -36.44 55.53 -10.31
CA SER G 118 -36.50 55.56 -10.29
C SER G 118 -37.16 54.59 -11.27
N VAL G 119 -36.56 54.40 -12.46
CA VAL G 119 -37.10 53.64 -13.59
C VAL G 119 -37.09 52.14 -13.30
N VAL G 120 -38.23 51.63 -12.80
CA VAL G 120 -38.29 50.27 -12.26
C VAL G 120 -37.98 49.22 -13.32
N PRO G 121 -38.52 49.33 -14.56
CA PRO G 121 -38.30 48.29 -15.58
C PRO G 121 -36.83 47.99 -15.82
N VAL G 122 -35.98 49.02 -15.73
CA VAL G 122 -34.54 48.87 -15.97
C VAL G 122 -33.94 48.02 -14.86
N TYR G 123 -34.33 48.31 -13.61
CA TYR G 123 -33.75 47.61 -12.47
C TYR G 123 -34.23 46.16 -12.44
N GLN G 124 -35.44 45.93 -12.97
CA GLN G 124 -36.01 44.60 -13.16
C GLN G 124 -35.16 43.73 -14.09
N GLU G 125 -34.69 44.34 -15.19
CA GLU G 125 -33.83 43.65 -16.14
C GLU G 125 -32.51 43.31 -15.45
N PHE G 126 -32.00 44.27 -14.64
CA PHE G 126 -30.79 44.02 -13.86
C PHE G 126 -31.01 42.81 -12.92
N ALA G 127 -32.12 42.81 -12.18
CA ALA G 127 -32.43 41.73 -11.24
C ALA G 127 -32.34 40.36 -11.91
N ARG G 128 -33.00 40.23 -13.08
CA ARG G 128 -33.08 38.98 -13.80
C ARG G 128 -31.69 38.49 -14.20
N GLN G 129 -30.85 39.42 -14.70
CA GLN G 129 -29.53 39.11 -15.19
C GLN G 129 -28.57 38.81 -14.04
N ILE G 130 -28.88 39.33 -12.85
CA ILE G 130 -28.07 38.96 -11.70
C ILE G 130 -28.39 37.51 -11.28
N GLY G 131 -29.69 37.19 -11.21
CA GLY G 131 -30.11 35.88 -10.74
C GLY G 131 -30.18 35.76 -9.21
N GLU G 132 -31.07 34.89 -8.73
CA GLU G 132 -31.41 34.85 -7.32
C GLU G 132 -30.22 34.44 -6.45
N ALA G 133 -29.36 33.57 -6.97
CA ALA G 133 -28.23 33.08 -6.18
C ALA G 133 -27.20 34.18 -5.92
N ARG G 134 -26.79 34.85 -7.01
CA ARG G 134 -25.80 35.92 -6.90
C ARG G 134 -26.39 37.08 -6.11
N MET G 135 -27.68 37.38 -6.37
CA MET G 135 -28.36 38.42 -5.63
C MET G 135 -28.37 38.09 -4.14
N SER G 136 -28.80 36.85 -3.80
CA SER G 136 -28.92 36.42 -2.42
C SER G 136 -27.57 36.51 -1.73
N LYS G 137 -26.52 36.01 -2.40
CA LYS G 137 -25.16 35.99 -1.88
C LYS G 137 -24.66 37.41 -1.63
N MET G 138 -24.93 38.29 -2.61
CA MET G 138 -24.46 39.67 -2.52
C MET G 138 -25.14 40.39 -1.36
N LEU G 139 -26.46 40.22 -1.25
CA LEU G 139 -27.18 40.90 -0.19
C LEU G 139 -26.67 40.43 1.17
N HIS G 140 -26.30 39.14 1.27
CA HIS G 140 -25.74 38.63 2.51
C HIS G 140 -24.40 39.29 2.79
N ALA G 141 -23.53 39.33 1.78
CA ALA G 141 -22.23 39.98 1.88
C ALA G 141 -22.38 41.43 2.32
N PHE G 142 -23.50 42.07 1.92
CA PHE G 142 -23.75 43.45 2.31
C PHE G 142 -24.30 43.55 3.73
N ASP G 143 -24.80 42.42 4.26
CA ASP G 143 -25.52 42.43 5.52
C ASP G 143 -26.76 43.32 5.38
N TYR G 144 -27.49 43.19 4.24
CA TYR G 144 -28.51 44.17 3.87
C TYR G 144 -29.87 43.70 4.36
N GLY G 145 -30.37 44.37 5.41
CA GLY G 145 -31.68 44.13 5.99
C GLY G 145 -31.84 42.67 6.40
N ASN G 146 -33.05 42.10 6.22
CA ASN G 146 -33.22 40.71 6.62
C ASN G 146 -32.62 39.75 5.57
N GLU G 147 -31.95 40.34 4.56
CA GLU G 147 -31.26 39.65 3.48
C GLU G 147 -32.13 38.58 2.81
N ASP G 148 -33.44 38.85 2.64
CA ASP G 148 -34.36 37.82 2.23
C ASP G 148 -34.94 38.09 0.83
N ILE G 149 -34.46 37.28 -0.13
CA ILE G 149 -34.68 37.36 -1.58
C ILE G 149 -36.06 36.82 -1.97
N SER G 150 -36.77 36.23 -0.99
CA SER G 150 -37.98 35.44 -1.23
C SER G 150 -39.03 36.26 -1.99
N GLY G 151 -39.56 35.67 -3.06
CA GLY G 151 -40.54 36.27 -3.95
C GLY G 151 -40.11 36.14 -5.42
N ASN G 152 -40.61 37.05 -6.27
CA ASN G 152 -40.12 37.20 -7.64
C ASN G 152 -38.71 37.80 -7.63
N VAL G 153 -37.80 37.25 -8.47
CA VAL G 153 -36.43 37.75 -8.51
C VAL G 153 -36.43 39.22 -8.95
N ASP G 154 -37.52 39.65 -9.58
CA ASP G 154 -37.62 40.97 -10.15
C ASP G 154 -38.77 41.76 -9.52
N SER G 155 -39.13 41.44 -8.27
CA SER G 155 -40.08 42.28 -7.53
C SER G 155 -39.93 42.15 -6.02
N PHE G 156 -38.99 41.33 -5.54
CA PHE G 156 -38.86 41.01 -4.12
C PHE G 156 -38.67 42.25 -3.23
N TRP G 157 -38.01 43.32 -3.76
CA TRP G 157 -37.84 44.61 -3.10
C TRP G 157 -39.15 45.44 -3.04
N LEU G 158 -40.20 44.94 -3.71
CA LEU G 158 -41.49 45.61 -3.92
C LEU G 158 -42.60 44.90 -3.15
N ASP G 159 -42.55 43.56 -3.11
CA ASP G 159 -43.71 42.81 -2.68
C ASP G 159 -43.28 41.42 -2.23
N GLY G 160 -42.00 41.28 -1.92
CA GLY G 160 -41.45 40.02 -1.48
C GLY G 160 -41.02 40.09 -0.03
N GLY G 161 -39.99 39.29 0.30
CA GLY G 161 -39.58 38.97 1.66
C GLY G 161 -38.60 39.96 2.29
N ILE G 162 -37.97 40.84 1.50
CA ILE G 162 -36.93 41.73 2.01
C ILE G 162 -37.52 42.85 2.88
N ARG G 163 -36.87 43.12 4.02
CA ARG G 163 -37.24 44.21 4.92
C ARG G 163 -35.97 44.90 5.42
N ILE G 164 -36.03 46.22 5.62
CA ILE G 164 -34.93 47.02 6.16
C ILE G 164 -35.50 48.18 6.98
N SER G 165 -34.80 48.54 8.08
CA SER G 165 -35.16 49.64 8.96
C SER G 165 -34.30 50.86 8.64
N ALA G 166 -34.62 52.00 9.25
CA ALA G 166 -33.90 53.23 8.98
C ALA G 166 -32.48 53.11 9.53
N THR G 167 -32.33 52.50 10.71
CA THR G 167 -30.99 52.41 11.26
C THR G 167 -30.20 51.42 10.41
N GLU G 168 -30.91 50.47 9.78
CA GLU G 168 -30.20 49.50 8.96
C GLU G 168 -29.76 50.16 7.65
N GLN G 169 -30.60 51.01 7.08
CA GLN G 169 -30.22 51.81 5.92
C GLN G 169 -28.91 52.56 6.20
N ILE G 170 -28.80 53.13 7.40
CA ILE G 170 -27.62 53.92 7.74
C ILE G 170 -26.35 53.07 7.80
N SER G 171 -26.40 51.93 8.52
CA SER G 171 -25.24 51.03 8.50
C SER G 171 -24.79 50.79 7.08
N PHE G 172 -25.73 50.41 6.21
CA PHE G 172 -25.40 50.06 4.85
C PHE G 172 -24.73 51.25 4.13
N LEU G 173 -25.37 52.44 4.21
CA LEU G 173 -24.90 53.67 3.57
C LEU G 173 -23.52 54.06 4.08
N ARG G 174 -23.33 53.96 5.39
CA ARG G 174 -22.03 54.14 6.02
C ARG G 174 -20.95 53.29 5.35
N LYS G 175 -21.24 52.02 5.07
CA LYS G 175 -20.21 51.18 4.46
C LYS G 175 -19.96 51.68 3.02
N LEU G 176 -21.06 51.96 2.28
CA LEU G 176 -20.95 52.51 0.93
C LEU G 176 -20.10 53.78 0.91
N TYR G 177 -20.35 54.71 1.85
CA TYR G 177 -19.57 55.93 1.91
C TYR G 177 -18.05 55.67 2.01
N HIS G 178 -17.66 54.65 2.81
CA HIS G 178 -16.25 54.35 3.08
C HIS G 178 -15.63 53.32 2.14
N ASN G 179 -16.36 52.93 1.08
CA ASN G 179 -16.01 51.88 0.13
C ASN G 179 -15.74 50.53 0.80
N LYS G 180 -16.55 50.17 1.80
CA LYS G 180 -16.30 48.98 2.62
C LYS G 180 -17.24 47.83 2.28
N LEU G 181 -18.15 48.03 1.31
CA LEU G 181 -18.90 46.91 0.78
C LEU G 181 -18.01 45.96 -0.04
N HIS G 182 -18.39 44.68 -0.06
CA HIS G 182 -17.59 43.66 -0.75
C HIS G 182 -17.91 43.70 -2.25
N VAL G 183 -17.58 44.84 -2.88
CA VAL G 183 -17.59 45.06 -4.32
C VAL G 183 -16.42 46.01 -4.63
N SER G 184 -16.13 46.24 -5.91
CA SER G 184 -14.98 47.05 -6.28
C SER G 184 -15.16 48.47 -5.77
N GLU G 185 -14.04 49.13 -5.45
CA GLU G 185 -14.06 50.55 -5.20
C GLU G 185 -14.79 51.25 -6.35
N ARG G 186 -14.51 50.87 -7.60
CA ARG G 186 -15.11 51.52 -8.77
C ARG G 186 -16.65 51.40 -8.75
N SER G 187 -17.19 50.21 -8.45
CA SER G 187 -18.64 50.01 -8.39
C SER G 187 -19.28 51.00 -7.43
N GLN G 188 -18.62 51.18 -6.26
CA GLN G 188 -19.09 52.02 -5.16
C GLN G 188 -19.03 53.50 -5.55
N ARG G 189 -17.91 53.91 -6.18
CA ARG G 189 -17.79 55.27 -6.72
C ARG G 189 -18.89 55.60 -7.72
N ILE G 190 -19.21 54.70 -8.68
CA ILE G 190 -20.18 55.03 -9.74
C ILE G 190 -21.56 55.14 -9.11
N VAL G 191 -21.81 54.33 -8.09
CA VAL G 191 -23.13 54.39 -7.49
C VAL G 191 -23.30 55.68 -6.71
N LYS G 192 -22.25 56.12 -6.00
CA LYS G 192 -22.29 57.35 -5.23
C LYS G 192 -22.48 58.53 -6.17
N GLN G 193 -21.85 58.49 -7.35
CA GLN G 193 -22.13 59.47 -8.41
C GLN G 193 -23.62 59.48 -8.75
N ALA G 194 -24.19 58.30 -8.98
CA ALA G 194 -25.59 58.18 -9.43
C ALA G 194 -26.57 58.61 -8.33
N MET G 195 -26.11 58.63 -7.06
CA MET G 195 -26.97 59.08 -5.97
C MET G 195 -26.92 60.60 -5.79
N LEU G 196 -26.09 61.29 -6.58
CA LEU G 196 -25.95 62.72 -6.43
C LEU G 196 -27.32 63.38 -6.63
N THR G 197 -27.78 64.14 -5.62
CA THR G 197 -29.12 64.70 -5.62
C THR G 197 -29.10 66.23 -5.63
N GLU G 198 -28.20 66.83 -4.86
CA GLU G 198 -28.16 68.28 -4.77
C GLU G 198 -26.79 68.71 -4.28
N ALA G 199 -26.26 69.81 -4.84
CA ALA G 199 -25.00 70.32 -4.33
C ALA G 199 -24.95 71.83 -4.52
N ASN G 200 -24.34 72.51 -3.56
CA ASN G 200 -24.12 73.95 -3.62
C ASN G 200 -22.88 74.24 -2.80
N GLY G 201 -22.65 75.53 -2.50
CA GLY G 201 -21.43 75.94 -1.81
C GLY G 201 -21.40 75.51 -0.34
N ASP G 202 -22.52 74.97 0.16
CA ASP G 202 -22.69 74.64 1.56
C ASP G 202 -22.65 73.12 1.78
N TYR G 203 -23.32 72.35 0.91
CA TYR G 203 -23.34 70.93 1.19
C TYR G 203 -23.56 70.13 -0.09
N ILE G 204 -23.31 68.82 0.02
CA ILE G 204 -23.72 67.92 -1.03
C ILE G 204 -24.67 66.90 -0.41
N ILE G 205 -25.78 66.60 -1.12
CA ILE G 205 -26.61 65.47 -0.70
C ILE G 205 -26.58 64.38 -1.77
N ARG G 206 -26.21 63.15 -1.33
CA ARG G 206 -26.34 61.92 -2.10
C ARG G 206 -27.39 61.06 -1.39
N ALA G 207 -28.41 60.62 -2.14
CA ALA G 207 -29.60 60.09 -1.48
C ALA G 207 -30.47 59.34 -2.48
N LYS G 208 -31.45 58.57 -1.99
CA LYS G 208 -32.39 57.91 -2.88
C LYS G 208 -33.74 57.82 -2.17
N THR G 209 -34.80 58.14 -2.90
CA THR G 209 -36.17 58.04 -2.42
C THR G 209 -36.71 56.63 -2.63
N GLY G 210 -37.78 56.30 -1.88
CA GLY G 210 -38.54 55.10 -2.06
C GLY G 210 -40.02 55.32 -1.71
N TYR G 211 -40.88 54.44 -2.22
CA TYR G 211 -42.33 54.52 -2.09
C TYR G 211 -42.87 53.10 -2.23
N SER G 212 -43.21 52.49 -1.10
CA SER G 212 -43.68 51.11 -1.05
C SER G 212 -45.21 51.13 -1.01
N THR G 213 -45.88 50.45 -1.96
CA THR G 213 -47.34 50.54 -2.06
C THR G 213 -48.01 49.19 -2.27
N ARG G 214 -47.22 48.14 -2.57
CA ARG G 214 -47.76 46.83 -2.89
C ARG G 214 -48.25 46.15 -1.61
N ILE G 215 -47.54 46.34 -0.48
CA ILE G 215 -47.90 45.66 0.75
C ILE G 215 -48.07 46.73 1.83
N GLU G 216 -49.04 46.50 2.72
CA GLU G 216 -49.36 47.40 3.83
C GLU G 216 -48.29 47.27 4.92
N PRO G 217 -47.92 48.36 5.64
CA PRO G 217 -48.43 49.70 5.36
C PRO G 217 -47.60 50.40 4.27
N LYS G 218 -48.29 51.22 3.47
CA LYS G 218 -47.64 52.03 2.44
C LYS G 218 -46.84 53.14 3.11
N ILE G 219 -45.56 53.28 2.72
CA ILE G 219 -44.62 54.24 3.29
C ILE G 219 -43.79 54.90 2.19
N GLY G 220 -43.28 56.10 2.48
CA GLY G 220 -42.22 56.70 1.68
C GLY G 220 -40.90 56.63 2.43
N TRP G 221 -39.80 56.76 1.68
CA TRP G 221 -38.44 56.65 2.20
C TRP G 221 -37.59 57.82 1.67
N TRP G 222 -36.60 58.29 2.44
CA TRP G 222 -35.47 59.06 1.90
C TRP G 222 -34.22 58.72 2.69
N VAL G 223 -33.20 58.20 1.98
CA VAL G 223 -32.00 57.74 2.64
C VAL G 223 -30.79 58.27 1.87
N GLY G 224 -29.73 58.57 2.62
CA GLY G 224 -28.58 59.17 1.99
C GLY G 224 -27.67 59.82 3.02
N TRP G 225 -26.90 60.81 2.57
CA TRP G 225 -26.09 61.51 3.53
C TRP G 225 -25.89 62.93 3.04
N VAL G 226 -25.39 63.78 3.96
CA VAL G 226 -25.09 65.17 3.70
C VAL G 226 -23.59 65.34 3.92
N GLU G 227 -22.88 65.69 2.84
CA GLU G 227 -21.46 65.92 2.95
C GLU G 227 -21.25 67.39 3.30
N LEU G 228 -20.45 67.66 4.35
CA LEU G 228 -19.98 68.99 4.67
C LEU G 228 -18.45 69.01 4.59
N ASP G 229 -17.88 70.20 4.79
CA ASP G 229 -16.44 70.37 4.70
C ASP G 229 -15.72 69.52 5.72
N ASP G 230 -16.29 69.41 6.93
CA ASP G 230 -15.56 68.90 8.08
C ASP G 230 -16.19 67.63 8.65
N ASN G 231 -17.30 67.14 8.06
CA ASN G 231 -18.06 66.02 8.64
C ASN G 231 -19.03 65.46 7.59
N VAL G 232 -19.63 64.29 7.89
CA VAL G 232 -20.71 63.74 7.07
C VAL G 232 -21.90 63.41 7.97
N TRP G 233 -23.12 63.75 7.56
CA TRP G 233 -24.29 63.35 8.30
C TRP G 233 -25.10 62.34 7.50
N PHE G 234 -25.19 61.09 7.96
CA PHE G 234 -26.04 60.11 7.29
C PHE G 234 -27.47 60.28 7.77
N PHE G 235 -28.44 59.91 6.93
CA PHE G 235 -29.82 60.09 7.33
C PHE G 235 -30.68 59.03 6.65
N ALA G 236 -31.79 58.71 7.31
CA ALA G 236 -32.73 57.74 6.77
C ALA G 236 -34.09 58.06 7.39
N MET G 237 -35.08 58.32 6.53
CA MET G 237 -36.40 58.60 7.06
C MET G 237 -37.42 57.76 6.29
N ASN G 238 -38.53 57.49 7.00
CA ASN G 238 -39.70 56.88 6.39
C ASN G 238 -40.91 57.47 7.10
N MET G 239 -42.05 57.39 6.42
CA MET G 239 -43.27 58.04 6.86
C MET G 239 -44.44 57.40 6.11
N ASP G 240 -45.55 57.27 6.84
CA ASP G 240 -46.78 56.69 6.32
C ASP G 240 -47.14 57.43 5.03
N MET G 241 -47.56 56.67 4.03
CA MET G 241 -47.79 57.28 2.73
C MET G 241 -49.07 56.67 2.15
N PRO G 242 -50.25 56.92 2.78
CA PRO G 242 -51.51 56.27 2.38
C PRO G 242 -51.94 56.63 0.96
N THR G 243 -51.51 57.80 0.50
CA THR G 243 -51.77 58.35 -0.82
C THR G 243 -50.49 58.99 -1.33
N SER G 244 -50.32 59.02 -2.65
CA SER G 244 -49.15 59.61 -3.32
C SER G 244 -49.09 61.13 -3.14
N ASP G 245 -50.11 61.70 -2.49
CA ASP G 245 -50.22 63.14 -2.36
C ASP G 245 -49.06 63.70 -1.52
N GLY G 246 -48.59 62.94 -0.54
CA GLY G 246 -47.65 63.49 0.43
C GLY G 246 -46.17 63.23 0.11
N LEU G 247 -45.84 62.92 -1.15
CA LEU G 247 -44.51 62.42 -1.51
C LEU G 247 -43.42 63.47 -1.24
N GLY G 248 -43.74 64.73 -1.57
CA GLY G 248 -42.83 65.86 -1.37
C GLY G 248 -42.36 65.94 0.08
N LEU G 249 -43.12 65.32 0.99
CA LEU G 249 -42.81 65.48 2.40
C LEU G 249 -41.55 64.71 2.79
N ARG G 250 -41.17 63.67 2.01
CA ARG G 250 -40.02 62.83 2.26
C ARG G 250 -38.77 63.69 2.45
N GLN G 251 -38.56 64.62 1.50
CA GLN G 251 -37.45 65.56 1.48
C GLN G 251 -37.70 66.75 2.40
N ALA G 252 -38.91 67.31 2.37
CA ALA G 252 -39.13 68.56 3.08
C ALA G 252 -39.00 68.37 4.61
N ILE G 253 -39.54 67.26 5.16
CA ILE G 253 -39.45 67.05 6.61
C ILE G 253 -37.99 66.79 6.98
N THR G 254 -37.32 65.93 6.21
CA THR G 254 -35.92 65.66 6.49
C THR G 254 -35.14 66.98 6.55
N LYS G 255 -35.40 67.86 5.57
CA LYS G 255 -34.69 69.13 5.51
C LYS G 255 -34.98 70.04 6.72
N GLU G 256 -36.23 70.01 7.22
CA GLU G 256 -36.55 70.72 8.44
C GLU G 256 -35.68 70.23 9.61
N VAL G 257 -35.58 68.90 9.74
CA VAL G 257 -34.74 68.35 10.80
C VAL G 257 -33.31 68.87 10.62
N LEU G 258 -32.86 68.93 9.36
CA LEU G 258 -31.49 69.30 9.04
C LEU G 258 -31.24 70.76 9.37
N LYS G 259 -32.20 71.65 9.05
CA LYS G 259 -32.10 73.05 9.45
C LYS G 259 -32.06 73.14 10.98
N GLN G 260 -32.99 72.47 11.67
CA GLN G 260 -33.17 72.60 13.11
C GLN G 260 -31.87 72.26 13.82
N GLU G 261 -31.19 71.21 13.33
CA GLU G 261 -30.01 70.70 14.00
C GLU G 261 -28.77 71.47 13.55
N LYS G 262 -28.96 72.48 12.69
CA LYS G 262 -27.90 73.38 12.28
C LYS G 262 -26.94 72.71 11.28
N ILE G 263 -27.42 71.65 10.63
CA ILE G 263 -26.59 70.87 9.71
C ILE G 263 -26.58 71.56 8.35
N ILE G 264 -27.73 72.07 7.92
CA ILE G 264 -27.76 72.85 6.70
C ILE G 264 -28.30 74.25 7.04
N PRO G 265 -27.87 75.33 6.36
CA PRO G 265 -28.51 76.63 6.52
C PRO G 265 -29.91 76.57 5.91
N GLU H 24 -17.72 72.69 -37.00
CA GLU H 24 -18.42 73.98 -37.23
C GLU H 24 -18.52 74.76 -35.92
N TRP H 25 -18.39 76.09 -36.05
CA TRP H 25 -18.29 77.08 -34.97
C TRP H 25 -19.13 78.30 -35.34
N GLN H 26 -20.10 78.64 -34.49
CA GLN H 26 -20.85 79.88 -34.64
C GLN H 26 -20.25 80.92 -33.69
N GLU H 27 -20.01 82.12 -34.22
CA GLU H 27 -19.66 83.28 -33.42
C GLU H 27 -20.94 84.07 -33.20
N ASN H 28 -21.40 84.10 -31.94
CA ASN H 28 -22.62 84.81 -31.60
C ASN H 28 -22.23 86.02 -30.76
N LYS H 29 -22.20 87.19 -31.41
CA LYS H 29 -21.65 88.40 -30.82
C LYS H 29 -22.62 88.99 -29.78
N SER H 30 -23.88 88.52 -29.82
CA SER H 30 -24.92 88.98 -28.90
C SER H 30 -24.49 88.85 -27.43
N TRP H 31 -23.60 87.87 -27.14
CA TRP H 31 -23.22 87.56 -25.77
C TRP H 31 -22.39 88.69 -25.17
N ASN H 32 -21.88 89.56 -26.06
CA ASN H 32 -21.13 90.73 -25.63
C ASN H 32 -22.04 91.60 -24.76
N ALA H 33 -23.35 91.55 -25.02
CA ALA H 33 -24.32 92.18 -24.14
C ALA H 33 -23.96 91.90 -22.67
N HIS H 34 -23.73 90.61 -22.35
CA HIS H 34 -23.58 90.14 -20.98
C HIS H 34 -22.27 90.60 -20.35
N PHE H 35 -21.31 91.05 -21.15
CA PHE H 35 -20.01 91.44 -20.60
C PHE H 35 -19.93 92.94 -20.39
N THR H 36 -20.64 93.68 -21.27
CA THR H 36 -20.55 95.13 -21.22
C THR H 36 -21.57 95.66 -20.22
N GLU H 37 -22.73 95.00 -20.19
CA GLU H 37 -23.79 95.31 -19.20
C GLU H 37 -23.18 95.25 -17.80
N HIS H 38 -21.96 94.72 -17.67
CA HIS H 38 -21.27 94.60 -16.39
C HIS H 38 -19.93 95.34 -16.46
N LYS H 39 -19.68 96.00 -17.60
CA LYS H 39 -18.54 96.85 -17.87
C LYS H 39 -17.21 96.07 -17.85
N SER H 40 -17.13 95.00 -18.65
CA SER H 40 -15.92 94.20 -18.73
C SER H 40 -15.79 93.51 -20.08
N GLN H 41 -14.66 92.83 -20.31
CA GLN H 41 -14.49 92.10 -21.56
C GLN H 41 -14.01 90.67 -21.29
N GLY H 42 -14.40 89.80 -22.23
CA GLY H 42 -13.92 88.42 -22.28
C GLY H 42 -14.69 87.52 -23.24
N VAL H 43 -14.52 86.21 -23.00
CA VAL H 43 -15.00 85.19 -23.91
C VAL H 43 -15.63 84.04 -23.11
N VAL H 44 -16.74 83.54 -23.65
CA VAL H 44 -17.36 82.29 -23.28
C VAL H 44 -17.30 81.40 -24.50
N VAL H 45 -16.82 80.15 -24.29
CA VAL H 45 -16.86 79.12 -25.31
C VAL H 45 -17.77 77.99 -24.83
N LEU H 46 -18.63 77.49 -25.71
CA LEU H 46 -19.51 76.38 -25.43
C LEU H 46 -19.25 75.26 -26.43
N TRP H 47 -19.34 74.02 -25.95
CA TRP H 47 -19.25 72.86 -26.83
C TRP H 47 -20.41 71.92 -26.53
N ASN H 48 -21.23 71.66 -27.55
CA ASN H 48 -22.31 70.70 -27.49
C ASN H 48 -21.72 69.35 -27.85
N GLU H 49 -21.72 68.42 -26.88
CA GLU H 49 -21.05 67.16 -27.06
C GLU H 49 -21.80 66.29 -28.07
N ASN H 50 -23.13 66.28 -27.98
CA ASN H 50 -23.92 65.39 -28.82
C ASN H 50 -23.74 65.79 -30.29
N LYS H 51 -23.77 67.11 -30.55
CA LYS H 51 -23.82 67.67 -31.89
C LYS H 51 -22.42 68.03 -32.41
N GLN H 52 -21.40 67.88 -31.54
CA GLN H 52 -20.02 68.21 -31.86
C GLN H 52 -19.91 69.60 -32.49
N GLN H 53 -20.56 70.60 -31.88
CA GLN H 53 -20.51 71.97 -32.36
C GLN H 53 -20.10 72.94 -31.25
N GLY H 54 -19.36 73.98 -31.66
CA GLY H 54 -18.85 75.05 -30.81
C GLY H 54 -19.60 76.38 -30.99
N PHE H 55 -19.63 77.20 -29.93
CA PHE H 55 -20.15 78.55 -29.98
C PHE H 55 -19.30 79.43 -29.08
N THR H 56 -19.12 80.68 -29.50
CA THR H 56 -18.34 81.61 -28.71
C THR H 56 -18.70 83.02 -29.15
N ASN H 57 -18.37 84.01 -28.32
CA ASN H 57 -18.68 85.40 -28.64
C ASN H 57 -17.50 86.06 -29.37
N ASN H 58 -16.35 85.36 -29.47
CA ASN H 58 -15.10 85.94 -29.90
C ASN H 58 -14.10 84.83 -30.26
N LEU H 59 -14.20 84.35 -31.52
CA LEU H 59 -13.38 83.28 -32.06
C LEU H 59 -11.90 83.52 -31.76
N LYS H 60 -11.43 84.78 -31.88
CA LYS H 60 -10.02 85.08 -31.66
C LYS H 60 -9.64 84.96 -30.19
N ARG H 61 -10.48 85.48 -29.28
CA ARG H 61 -10.12 85.39 -27.87
C ARG H 61 -10.28 83.95 -27.37
N ALA H 62 -11.25 83.22 -27.93
CA ALA H 62 -11.50 81.81 -27.65
C ALA H 62 -10.20 81.01 -27.82
N ASN H 63 -9.30 81.48 -28.70
CA ASN H 63 -8.09 80.73 -29.01
C ASN H 63 -6.86 81.37 -28.39
N GLN H 64 -7.01 82.46 -27.64
CA GLN H 64 -5.87 83.12 -27.05
C GLN H 64 -5.52 82.45 -25.73
N ALA H 65 -4.23 82.18 -25.51
CA ALA H 65 -3.78 81.38 -24.40
C ALA H 65 -3.32 82.26 -23.23
N PHE H 66 -3.75 81.88 -22.02
CA PHE H 66 -3.40 82.65 -20.84
C PHE H 66 -2.84 81.73 -19.76
N LEU H 67 -2.26 82.34 -18.71
CA LEU H 67 -1.91 81.58 -17.53
C LEU H 67 -3.19 80.93 -16.99
N PRO H 68 -3.16 79.63 -16.64
CA PRO H 68 -4.37 78.95 -16.16
C PRO H 68 -4.78 79.26 -14.72
N ALA H 69 -3.79 79.71 -13.94
CA ALA H 69 -3.87 79.92 -12.50
C ALA H 69 -4.58 78.73 -11.85
N SER H 70 -5.77 79.06 -11.10
CA SER H 70 -6.22 77.96 -10.24
C SER H 70 -6.89 76.83 -11.04
N THR H 71 -7.12 77.03 -12.36
CA THR H 71 -7.71 76.00 -13.22
C THR H 71 -6.72 74.86 -13.39
N PHE H 72 -5.45 75.14 -13.08
CA PHE H 72 -4.38 74.16 -13.10
C PHE H 72 -4.54 73.09 -12.02
N KCX H 73 -5.37 73.36 -11.00
CA KCX H 73 -5.63 72.33 -10.00
CB KCX H 73 -6.41 72.90 -8.81
CG KCX H 73 -5.67 73.97 -8.00
CD KCX H 73 -6.58 74.68 -7.01
CE KCX H 73 -6.19 76.14 -6.82
NZ KCX H 73 -4.78 76.31 -6.50
C KCX H 73 -6.29 71.10 -10.62
O KCX H 73 -6.21 70.02 -10.04
CX KCX H 73 -3.88 76.77 -7.41
OQ1 KCX H 73 -2.76 76.04 -7.48
OQ2 KCX H 73 -4.06 77.72 -8.12
N ILE H 74 -6.90 71.21 -11.81
CA ILE H 74 -7.45 69.99 -12.41
C ILE H 74 -6.28 69.07 -12.80
N PRO H 75 -5.42 69.41 -13.78
CA PRO H 75 -4.33 68.50 -14.14
C PRO H 75 -3.48 68.14 -12.93
N ASN H 76 -3.23 69.13 -12.07
CA ASN H 76 -2.34 69.00 -10.94
C ASN H 76 -2.87 67.89 -10.02
N SER H 77 -4.19 67.94 -9.74
CA SER H 77 -4.90 66.90 -9.00
C SER H 77 -4.69 65.55 -9.65
N LEU H 78 -4.95 65.44 -10.96
CA LEU H 78 -4.94 64.14 -11.63
C LEU H 78 -3.55 63.53 -11.52
N ILE H 79 -2.54 64.42 -11.57
CA ILE H 79 -1.14 63.98 -11.55
C ILE H 79 -0.83 63.49 -10.12
N ALA H 80 -1.11 64.33 -9.14
CA ALA H 80 -0.86 63.99 -7.73
C ALA H 80 -1.48 62.64 -7.37
N LEU H 81 -2.69 62.34 -7.89
CA LEU H 81 -3.41 61.12 -7.58
C LEU H 81 -2.75 59.94 -8.27
N ASP H 82 -2.44 60.12 -9.56
CA ASP H 82 -1.98 58.99 -10.33
C ASP H 82 -0.62 58.49 -9.85
N LEU H 83 0.21 59.41 -9.39
CA LEU H 83 1.55 59.10 -8.92
C LEU H 83 1.50 58.67 -7.45
N GLY H 84 0.38 58.96 -6.78
CA GLY H 84 0.20 58.50 -5.42
C GLY H 84 0.76 59.51 -4.42
N VAL H 85 1.02 60.74 -4.88
CA VAL H 85 1.35 61.83 -3.98
C VAL H 85 0.14 62.12 -3.10
N VAL H 86 -1.06 61.96 -3.68
CA VAL H 86 -2.29 61.95 -2.91
C VAL H 86 -2.87 60.54 -2.99
N LYS H 87 -3.20 59.99 -1.80
CA LYS H 87 -3.65 58.60 -1.70
C LYS H 87 -5.13 58.52 -2.10
N ASP H 88 -5.94 59.40 -1.53
CA ASP H 88 -7.36 59.49 -1.91
C ASP H 88 -7.91 60.86 -1.51
N GLU H 89 -9.22 61.06 -1.69
CA GLU H 89 -9.83 62.37 -1.47
C GLU H 89 -10.16 62.60 0.00
N HIS H 90 -9.71 61.67 0.86
CA HIS H 90 -9.93 61.78 2.30
C HIS H 90 -8.66 62.27 3.01
N GLN H 91 -7.49 62.06 2.37
CA GLN H 91 -6.21 62.35 3.02
C GLN H 91 -6.12 63.81 3.44
N VAL H 92 -5.65 64.04 4.67
CA VAL H 92 -5.65 65.38 5.25
C VAL H 92 -4.32 66.08 5.01
N PHE H 93 -4.38 67.34 4.56
CA PHE H 93 -3.16 68.10 4.32
C PHE H 93 -3.06 69.13 5.43
N LYS H 94 -2.29 68.74 6.46
CA LYS H 94 -2.15 69.52 7.68
C LYS H 94 -1.67 70.91 7.27
N TRP H 95 -2.41 71.93 7.69
CA TRP H 95 -1.98 73.31 7.55
C TRP H 95 -0.56 73.47 8.09
N ASP H 96 0.24 74.37 7.49
CA ASP H 96 1.56 74.71 8.01
C ASP H 96 1.41 75.72 9.14
N GLY H 97 2.44 76.54 9.38
CA GLY H 97 2.32 77.56 10.41
C GLY H 97 1.69 78.85 9.90
N GLN H 98 1.90 79.15 8.60
CA GLN H 98 1.80 80.50 8.10
C GLN H 98 0.35 80.91 7.92
N THR H 99 0.00 82.04 8.54
CA THR H 99 -1.23 82.77 8.24
C THR H 99 -1.08 83.37 6.85
N ARG H 100 -2.06 83.10 5.98
CA ARG H 100 -2.11 83.69 4.64
C ARG H 100 -3.39 84.51 4.52
N ASP H 101 -3.41 85.37 3.49
CA ASP H 101 -4.38 86.45 3.37
C ASP H 101 -5.79 85.91 3.13
N ILE H 102 -5.87 84.72 2.51
CA ILE H 102 -7.13 84.03 2.31
C ILE H 102 -7.37 83.17 3.55
N ALA H 103 -8.53 83.39 4.17
CA ALA H 103 -8.84 82.80 5.47
C ALA H 103 -8.87 81.28 5.36
N THR H 104 -9.59 80.75 4.36
CA THR H 104 -9.90 79.33 4.27
C THR H 104 -8.64 78.49 4.07
N TRP H 105 -7.55 79.13 3.64
CA TRP H 105 -6.28 78.43 3.47
C TRP H 105 -5.65 78.09 4.83
N ASN H 106 -6.13 78.74 5.90
CA ASN H 106 -5.46 78.61 7.18
C ASN H 106 -6.15 77.52 8.02
N ARG H 107 -6.00 76.26 7.57
CA ARG H 107 -6.69 75.13 8.16
C ARG H 107 -6.27 73.84 7.45
N ASP H 108 -6.71 72.70 7.99
CA ASP H 108 -6.45 71.43 7.33
C ASP H 108 -7.38 71.30 6.12
N HIS H 109 -6.97 70.47 5.17
CA HIS H 109 -7.70 70.34 3.91
C HIS H 109 -7.52 68.93 3.36
N ASN H 110 -8.54 68.44 2.63
CA ASN H 110 -8.33 67.29 1.76
C ASN H 110 -8.48 67.75 0.32
N LEU H 111 -8.44 66.80 -0.63
CA LEU H 111 -8.58 67.12 -2.03
C LEU H 111 -9.85 67.93 -2.26
N ILE H 112 -10.97 67.46 -1.70
CA ILE H 112 -12.26 68.06 -2.03
C ILE H 112 -12.25 69.52 -1.60
N THR H 113 -11.83 69.74 -0.35
CA THR H 113 -11.93 71.07 0.21
C THR H 113 -10.80 71.91 -0.37
N ALA H 114 -9.64 71.29 -0.65
CA ALA H 114 -8.54 72.02 -1.30
C ALA H 114 -9.02 72.62 -2.62
N MET H 115 -9.73 71.81 -3.42
CA MET H 115 -10.19 72.29 -4.72
C MET H 115 -11.22 73.40 -4.49
N LYS H 116 -12.16 73.12 -3.59
CA LYS H 116 -13.30 74.00 -3.38
C LYS H 116 -12.80 75.39 -2.97
N TYR H 117 -11.74 75.44 -2.14
CA TYR H 117 -11.25 76.72 -1.64
C TYR H 117 -9.97 77.16 -2.36
N SER H 118 -9.62 76.46 -3.46
CA SER H 118 -8.50 76.84 -4.31
C SER H 118 -7.26 77.07 -3.47
N VAL H 119 -6.90 76.09 -2.63
CA VAL H 119 -5.87 76.27 -1.61
C VAL H 119 -4.49 76.06 -2.24
N VAL H 120 -3.96 77.11 -2.87
CA VAL H 120 -2.68 77.05 -3.57
C VAL H 120 -1.61 76.35 -2.74
N PRO H 121 -1.36 76.72 -1.45
CA PRO H 121 -0.19 76.20 -0.74
C PRO H 121 -0.15 74.68 -0.66
N VAL H 122 -1.32 74.04 -0.68
CA VAL H 122 -1.42 72.59 -0.77
C VAL H 122 -1.00 72.10 -2.16
N TYR H 123 -1.45 72.80 -3.21
CA TYR H 123 -1.12 72.42 -4.58
C TYR H 123 0.37 72.68 -4.85
N GLN H 124 0.88 73.75 -4.21
CA GLN H 124 2.30 74.07 -4.31
C GLN H 124 3.15 72.95 -3.74
N GLU H 125 2.60 72.20 -2.77
CA GLU H 125 3.32 71.07 -2.19
C GLU H 125 3.17 69.83 -3.06
N PHE H 126 1.97 69.59 -3.62
CA PHE H 126 1.83 68.53 -4.61
C PHE H 126 2.86 68.76 -5.73
N ALA H 127 2.95 70.01 -6.21
CA ALA H 127 3.86 70.44 -7.26
C ALA H 127 5.31 70.04 -6.94
N ARG H 128 5.78 70.43 -5.74
CA ARG H 128 7.12 70.10 -5.28
C ARG H 128 7.35 68.59 -5.35
N GLN H 129 6.38 67.78 -4.89
CA GLN H 129 6.57 66.33 -4.82
C GLN H 129 6.42 65.66 -6.19
N ILE H 130 5.60 66.23 -7.10
CA ILE H 130 5.56 65.63 -8.43
C ILE H 130 6.96 65.74 -9.05
N GLY H 131 7.58 66.92 -8.89
CA GLY H 131 8.88 67.21 -9.45
C GLY H 131 8.75 67.68 -10.91
N GLU H 132 9.70 68.51 -11.35
CA GLU H 132 9.62 69.16 -12.64
C GLU H 132 9.60 68.14 -13.78
N ALA H 133 10.33 67.03 -13.60
CA ALA H 133 10.45 66.03 -14.66
C ALA H 133 9.10 65.38 -14.95
N ARG H 134 8.39 64.98 -13.89
CA ARG H 134 7.14 64.23 -14.02
C ARG H 134 6.00 65.16 -14.46
N MET H 135 6.00 66.37 -13.88
CA MET H 135 5.02 67.40 -14.17
C MET H 135 5.03 67.71 -15.66
N SER H 136 6.24 67.79 -16.25
CA SER H 136 6.43 68.11 -17.65
C SER H 136 6.01 66.95 -18.55
N LYS H 137 6.45 65.72 -18.22
CA LYS H 137 6.02 64.55 -18.96
C LYS H 137 4.50 64.39 -18.94
N MET H 138 3.85 64.75 -17.82
CA MET H 138 2.42 64.47 -17.71
C MET H 138 1.62 65.47 -18.52
N LEU H 139 2.07 66.73 -18.56
CA LEU H 139 1.41 67.73 -19.36
C LEU H 139 1.53 67.45 -20.87
N HIS H 140 2.66 66.86 -21.29
N HIS H 140 2.66 66.87 -21.31
CA HIS H 140 2.83 66.46 -22.68
CA HIS H 140 2.77 66.48 -22.70
C HIS H 140 1.86 65.33 -22.99
C HIS H 140 1.80 65.34 -22.99
N ALA H 141 1.74 64.40 -22.04
CA ALA H 141 0.84 63.25 -22.14
C ALA H 141 -0.60 63.74 -22.26
N PHE H 142 -0.94 64.83 -21.55
CA PHE H 142 -2.32 65.32 -21.56
C PHE H 142 -2.60 66.25 -22.74
N ASP H 143 -1.54 66.69 -23.47
CA ASP H 143 -1.68 67.62 -24.56
CA ASP H 143 -1.64 67.64 -24.56
C ASP H 143 -2.18 68.96 -24.02
N TYR H 144 -1.68 69.37 -22.84
CA TYR H 144 -2.24 70.48 -22.06
C TYR H 144 -1.65 71.82 -22.49
N GLY H 145 -2.46 72.63 -23.17
CA GLY H 145 -2.08 73.95 -23.60
C GLY H 145 -0.74 73.91 -24.36
N ASN H 146 0.21 74.77 -23.97
CA ASN H 146 1.49 74.83 -24.67
C ASN H 146 2.49 73.87 -24.04
N GLU H 147 2.07 73.16 -22.97
CA GLU H 147 2.86 72.10 -22.36
C GLU H 147 4.17 72.62 -21.76
N ASP H 148 4.23 73.91 -21.39
CA ASP H 148 5.47 74.54 -20.96
C ASP H 148 5.45 74.86 -19.46
N ILE H 149 6.31 74.20 -18.69
CA ILE H 149 6.29 74.40 -17.24
C ILE H 149 7.38 75.38 -16.78
N SER H 150 8.02 76.07 -17.72
CA SER H 150 9.09 77.01 -17.40
C SER H 150 8.73 77.88 -16.20
N GLY H 151 9.67 77.95 -15.26
CA GLY H 151 9.62 78.81 -14.09
C GLY H 151 9.86 77.98 -12.83
N ASN H 152 9.26 78.42 -11.71
CA ASN H 152 9.29 77.61 -10.50
C ASN H 152 8.22 76.52 -10.57
N VAL H 153 8.64 75.27 -10.35
CA VAL H 153 7.78 74.09 -10.35
C VAL H 153 6.51 74.35 -9.52
N ASP H 154 6.59 75.20 -8.50
CA ASP H 154 5.47 75.41 -7.63
C ASP H 154 4.78 76.74 -7.91
N SER H 155 5.07 77.37 -9.05
CA SER H 155 4.38 78.62 -9.33
C SER H 155 4.17 78.84 -10.82
N PHE H 156 4.57 77.85 -11.64
CA PHE H 156 4.61 78.07 -13.07
C PHE H 156 3.22 78.38 -13.64
N TRP H 157 2.17 77.76 -13.11
CA TRP H 157 0.82 78.02 -13.59
C TRP H 157 0.32 79.37 -13.13
N LEU H 158 1.12 80.04 -12.29
CA LEU H 158 0.78 81.34 -11.74
C LEU H 158 1.59 82.47 -12.39
N ASP H 159 2.89 82.22 -12.62
CA ASP H 159 3.76 83.30 -13.09
C ASP H 159 4.89 82.80 -13.98
N GLY H 160 4.76 81.56 -14.47
CA GLY H 160 5.71 80.93 -15.38
C GLY H 160 5.22 80.95 -16.83
N GLY H 161 5.65 79.94 -17.61
CA GLY H 161 5.55 79.99 -19.06
C GLY H 161 4.29 79.34 -19.62
N ILE H 162 3.47 78.70 -18.76
CA ILE H 162 2.39 77.85 -19.24
C ILE H 162 1.23 78.73 -19.69
N ARG H 163 0.64 78.34 -20.82
CA ARG H 163 -0.45 79.11 -21.39
C ARG H 163 -1.47 78.13 -21.97
N ILE H 164 -2.76 78.39 -21.74
CA ILE H 164 -3.77 77.57 -22.36
C ILE H 164 -4.91 78.49 -22.75
N SER H 165 -5.60 78.14 -23.85
CA SER H 165 -6.72 78.93 -24.33
C SER H 165 -8.00 78.29 -23.80
N ALA H 166 -9.11 79.02 -23.93
CA ALA H 166 -10.40 78.44 -23.61
C ALA H 166 -10.73 77.22 -24.48
N THR H 167 -10.42 77.22 -25.80
CA THR H 167 -10.80 76.06 -26.60
CA THR H 167 -10.77 76.07 -26.63
C THR H 167 -9.94 74.87 -26.20
N GLU H 168 -8.71 75.15 -25.78
CA GLU H 168 -7.78 74.13 -25.35
C GLU H 168 -8.22 73.54 -23.99
N GLN H 169 -8.85 74.39 -23.16
CA GLN H 169 -9.39 73.94 -21.88
C GLN H 169 -10.52 72.93 -22.16
N ILE H 170 -11.43 73.26 -23.10
CA ILE H 170 -12.46 72.33 -23.51
C ILE H 170 -11.89 71.01 -24.00
N SER H 171 -10.86 71.08 -24.87
CA SER H 171 -10.28 69.87 -25.41
CA SER H 171 -10.25 69.88 -25.40
C SER H 171 -9.85 68.91 -24.29
N PHE H 172 -9.16 69.46 -23.28
CA PHE H 172 -8.67 68.65 -22.17
C PHE H 172 -9.83 68.13 -21.32
N LEU H 173 -10.85 68.98 -21.06
CA LEU H 173 -11.97 68.58 -20.23
C LEU H 173 -12.78 67.47 -20.90
N ARG H 174 -12.89 67.48 -22.22
CA ARG H 174 -13.61 66.41 -22.95
C ARG H 174 -12.90 65.09 -22.70
N LYS H 175 -11.58 65.12 -22.77
CA LYS H 175 -10.84 63.89 -22.49
C LYS H 175 -11.07 63.47 -21.03
N LEU H 176 -11.11 64.43 -20.11
CA LEU H 176 -11.35 64.04 -18.72
C LEU H 176 -12.75 63.42 -18.55
N TYR H 177 -13.76 64.05 -19.15
CA TYR H 177 -15.13 63.58 -19.04
C TYR H 177 -15.24 62.09 -19.46
N HIS H 178 -14.60 61.73 -20.58
CA HIS H 178 -14.62 60.41 -21.17
C HIS H 178 -13.54 59.48 -20.60
N ASN H 179 -12.80 59.86 -19.53
CA ASN H 179 -11.73 59.06 -18.95
C ASN H 179 -10.68 58.70 -20.01
N LYS H 180 -10.33 59.66 -20.87
CA LYS H 180 -9.44 59.36 -21.97
C LYS H 180 -8.05 59.94 -21.74
N LEU H 181 -7.80 60.49 -20.55
CA LEU H 181 -6.47 61.01 -20.29
C LEU H 181 -5.57 59.84 -19.89
N HIS H 182 -4.25 59.95 -20.15
CA HIS H 182 -3.35 58.84 -19.84
C HIS H 182 -2.97 58.86 -18.36
N VAL H 183 -4.00 58.73 -17.49
CA VAL H 183 -3.90 58.45 -16.07
C VAL H 183 -5.03 57.45 -15.79
N SER H 184 -5.10 56.94 -14.55
CA SER H 184 -6.03 55.84 -14.29
C SER H 184 -7.48 56.34 -14.33
N GLU H 185 -8.41 55.42 -14.62
CA GLU H 185 -9.82 55.78 -14.58
C GLU H 185 -10.18 56.31 -13.19
N ARG H 186 -9.56 55.72 -12.16
CA ARG H 186 -9.86 56.06 -10.78
C ARG H 186 -9.44 57.50 -10.53
N SER H 187 -8.21 57.85 -10.95
CA SER H 187 -7.73 59.22 -10.83
C SER H 187 -8.71 60.22 -11.43
N GLN H 188 -9.27 59.88 -12.60
CA GLN H 188 -10.15 60.79 -13.33
C GLN H 188 -11.49 60.92 -12.58
N ARG H 189 -12.02 59.80 -12.09
CA ARG H 189 -13.26 59.84 -11.30
C ARG H 189 -13.11 60.66 -10.01
N ILE H 190 -11.98 60.54 -9.30
CA ILE H 190 -11.83 61.31 -8.08
C ILE H 190 -11.80 62.80 -8.39
N VAL H 191 -11.14 63.14 -9.50
CA VAL H 191 -11.00 64.55 -9.84
C VAL H 191 -12.35 65.12 -10.28
N LYS H 192 -13.18 64.33 -10.99
CA LYS H 192 -14.47 64.85 -11.40
C LYS H 192 -15.41 65.03 -10.20
N GLN H 193 -15.29 64.11 -9.22
CA GLN H 193 -15.97 64.27 -7.95
C GLN H 193 -15.57 65.61 -7.30
N ALA H 194 -14.27 65.88 -7.14
CA ALA H 194 -13.77 67.11 -6.55
C ALA H 194 -14.19 68.38 -7.33
N MET H 195 -14.54 68.23 -8.62
CA MET H 195 -14.89 69.40 -9.41
C MET H 195 -16.36 69.78 -9.21
N LEU H 196 -17.12 68.92 -8.51
CA LEU H 196 -18.56 69.11 -8.38
C LEU H 196 -18.80 70.48 -7.74
N THR H 197 -19.60 71.30 -8.42
CA THR H 197 -19.85 72.69 -8.05
C THR H 197 -21.32 72.90 -7.67
N GLU H 198 -22.25 72.40 -8.48
CA GLU H 198 -23.67 72.64 -8.28
C GLU H 198 -24.47 71.45 -8.83
N ALA H 199 -25.54 71.04 -8.13
CA ALA H 199 -26.46 70.08 -8.70
C ALA H 199 -27.86 70.36 -8.20
N ASN H 200 -28.84 70.16 -9.08
CA ASN H 200 -30.25 70.23 -8.75
C ASN H 200 -30.95 69.24 -9.67
N GLY H 201 -32.27 69.29 -9.72
CA GLY H 201 -33.02 68.30 -10.47
C GLY H 201 -32.94 68.52 -11.98
N ASP H 202 -32.18 69.55 -12.39
CA ASP H 202 -32.18 70.01 -13.76
C ASP H 202 -30.81 69.83 -14.43
N TYR H 203 -29.73 70.05 -13.67
CA TYR H 203 -28.39 70.00 -14.23
C TYR H 203 -27.32 69.77 -13.16
N ILE H 204 -26.17 69.23 -13.60
CA ILE H 204 -25.00 69.15 -12.76
C ILE H 204 -23.89 69.98 -13.42
N ILE H 205 -23.18 70.77 -12.60
CA ILE H 205 -21.98 71.45 -13.05
C ILE H 205 -20.76 70.94 -12.30
N ARG H 206 -19.75 70.53 -13.10
CA ARG H 206 -18.44 70.25 -12.56
C ARG H 206 -17.46 71.24 -13.20
N ALA H 207 -16.68 71.94 -12.38
CA ALA H 207 -15.99 73.11 -12.91
C ALA H 207 -14.87 73.54 -11.96
N LYS H 208 -14.05 74.49 -12.43
CA LYS H 208 -13.04 75.06 -11.56
C LYS H 208 -12.85 76.52 -11.96
N THR H 209 -12.72 77.38 -10.94
CA THR H 209 -12.50 78.81 -11.13
C THR H 209 -11.00 79.06 -11.25
N GLY H 210 -10.68 80.22 -11.85
CA GLY H 210 -9.32 80.71 -11.96
C GLY H 210 -9.26 82.23 -11.85
N TYR H 211 -8.16 82.71 -11.28
CA TYR H 211 -7.95 84.13 -11.15
C TYR H 211 -6.46 84.40 -11.33
N SER H 212 -6.11 84.99 -12.49
CA SER H 212 -4.71 85.21 -12.76
C SER H 212 -4.38 86.67 -12.47
N THR H 213 -3.40 86.88 -11.57
CA THR H 213 -3.11 88.21 -11.03
C THR H 213 -1.66 88.64 -11.24
N ARG H 214 -0.71 87.70 -11.08
CA ARG H 214 0.73 87.95 -11.08
C ARG H 214 1.24 88.64 -12.35
N ILE H 215 0.76 88.23 -13.52
CA ILE H 215 1.26 88.71 -14.80
C ILE H 215 0.12 89.31 -15.60
N GLU H 216 0.32 90.47 -16.22
CA GLU H 216 -0.73 91.09 -17.02
C GLU H 216 -0.96 90.24 -18.26
N PRO H 217 -2.20 90.14 -18.83
CA PRO H 217 -3.39 90.80 -18.28
C PRO H 217 -3.99 90.03 -17.10
N LYS H 218 -4.73 90.75 -16.24
CA LYS H 218 -5.41 90.13 -15.10
C LYS H 218 -6.75 89.58 -15.54
N ILE H 219 -7.00 88.28 -15.30
CA ILE H 219 -8.20 87.67 -15.83
C ILE H 219 -8.83 86.74 -14.79
N GLY H 220 -10.15 86.55 -14.90
CA GLY H 220 -10.82 85.43 -14.26
C GLY H 220 -11.16 84.33 -15.28
N TRP H 221 -11.22 83.08 -14.78
CA TRP H 221 -11.54 81.90 -15.56
C TRP H 221 -12.71 81.15 -14.90
N TRP H 222 -13.60 80.55 -15.69
CA TRP H 222 -14.40 79.41 -15.25
C TRP H 222 -14.48 78.37 -16.36
N VAL H 223 -14.07 77.12 -16.05
CA VAL H 223 -14.05 76.05 -17.04
C VAL H 223 -14.70 74.80 -16.44
N GLY H 224 -15.40 74.03 -17.26
CA GLY H 224 -16.02 72.80 -16.78
C GLY H 224 -17.09 72.35 -17.75
N TRP H 225 -18.18 71.77 -17.21
CA TRP H 225 -19.24 71.33 -18.08
C TRP H 225 -20.54 71.24 -17.28
N VAL H 226 -21.66 71.27 -18.03
CA VAL H 226 -23.01 71.13 -17.54
C VAL H 226 -23.55 69.79 -18.05
N GLU H 227 -23.86 68.89 -17.09
CA GLU H 227 -24.43 67.59 -17.42
C GLU H 227 -25.94 67.75 -17.45
N LEU H 228 -26.55 67.30 -18.54
CA LEU H 228 -28.01 67.26 -18.65
C LEU H 228 -28.39 65.79 -18.72
N ASP H 229 -29.70 65.51 -18.76
CA ASP H 229 -30.19 64.14 -18.87
C ASP H 229 -29.63 63.42 -20.11
N ASP H 230 -29.56 64.11 -21.27
CA ASP H 230 -29.15 63.39 -22.47
C ASP H 230 -28.06 64.12 -23.28
N ASN H 231 -27.32 65.04 -22.65
CA ASN H 231 -26.29 65.79 -23.33
C ASN H 231 -25.32 66.31 -22.28
N VAL H 232 -24.12 66.70 -22.71
CA VAL H 232 -23.20 67.47 -21.89
C VAL H 232 -22.80 68.73 -22.68
N TRP H 233 -22.74 69.89 -22.00
CA TRP H 233 -22.18 71.08 -22.63
C TRP H 233 -20.91 71.47 -21.91
N PHE H 234 -19.77 71.41 -22.61
CA PHE H 234 -18.53 71.85 -22.00
C PHE H 234 -18.51 73.37 -22.14
N PHE H 235 -17.82 74.06 -21.23
CA PHE H 235 -17.66 75.51 -21.34
C PHE H 235 -16.29 75.89 -20.81
N ALA H 236 -15.78 77.02 -21.30
CA ALA H 236 -14.60 77.67 -20.75
C ALA H 236 -14.79 79.16 -21.00
N MET H 237 -14.59 79.99 -19.97
CA MET H 237 -14.70 81.42 -20.16
C MET H 237 -13.51 82.11 -19.49
N ASN H 238 -13.14 83.26 -20.04
CA ASN H 238 -12.23 84.14 -19.32
C ASN H 238 -12.64 85.59 -19.60
N MET H 239 -12.23 86.45 -18.69
CA MET H 239 -12.65 87.83 -18.70
C MET H 239 -11.58 88.68 -18.04
N ASP H 240 -11.49 89.96 -18.45
CA ASP H 240 -10.58 90.89 -17.83
C ASP H 240 -11.01 91.09 -16.38
N MET H 241 -10.07 91.00 -15.42
CA MET H 241 -10.36 91.11 -14.00
C MET H 241 -9.50 92.21 -13.38
N PRO H 242 -9.81 93.52 -13.58
CA PRO H 242 -9.00 94.61 -13.02
C PRO H 242 -8.69 94.48 -11.52
N THR H 243 -9.73 94.24 -10.70
CA THR H 243 -9.56 93.93 -9.29
C THR H 243 -10.50 92.78 -8.91
N SER H 244 -10.42 92.32 -7.65
CA SER H 244 -11.17 91.16 -7.17
C SER H 244 -12.67 91.44 -7.05
N ASP H 245 -13.11 92.64 -7.44
CA ASP H 245 -14.48 93.08 -7.27
C ASP H 245 -15.44 92.30 -8.18
N GLY H 246 -14.93 91.81 -9.31
CA GLY H 246 -15.80 91.29 -10.35
C GLY H 246 -15.79 89.75 -10.45
N LEU H 247 -15.19 89.10 -9.45
CA LEU H 247 -14.97 87.65 -9.47
C LEU H 247 -16.27 86.89 -9.72
N GLY H 248 -17.36 87.32 -9.06
CA GLY H 248 -18.63 86.62 -9.16
C GLY H 248 -19.20 86.69 -10.57
N LEU H 249 -18.57 87.50 -11.43
CA LEU H 249 -19.03 87.67 -12.79
C LEU H 249 -18.67 86.45 -13.63
N ARG H 250 -17.62 85.74 -13.24
CA ARG H 250 -17.23 84.53 -13.94
C ARG H 250 -18.44 83.60 -14.06
N GLN H 251 -19.05 83.27 -12.92
CA GLN H 251 -20.15 82.31 -12.92
C GLN H 251 -21.38 82.95 -13.54
N ALA H 252 -21.67 84.18 -13.11
CA ALA H 252 -22.91 84.86 -13.47
C ALA H 252 -23.01 85.05 -14.98
N ILE H 253 -21.91 85.48 -15.64
CA ILE H 253 -21.95 85.77 -17.07
C ILE H 253 -22.16 84.46 -17.83
N THR H 254 -21.42 83.43 -17.41
CA THR H 254 -21.55 82.14 -18.04
C THR H 254 -22.99 81.64 -17.98
N LYS H 255 -23.58 81.72 -16.78
CA LYS H 255 -24.97 81.29 -16.60
C LYS H 255 -25.95 82.09 -17.46
N GLU H 256 -25.70 83.40 -17.58
CA GLU H 256 -26.51 84.21 -18.50
C GLU H 256 -26.44 83.62 -19.90
N VAL H 257 -25.23 83.19 -20.29
CA VAL H 257 -25.07 82.65 -21.62
C VAL H 257 -25.78 81.31 -21.72
N LEU H 258 -25.63 80.48 -20.66
CA LEU H 258 -26.25 79.15 -20.67
C LEU H 258 -27.77 79.27 -20.72
N LYS H 259 -28.30 80.28 -20.00
CA LYS H 259 -29.74 80.57 -20.01
C LYS H 259 -30.18 80.97 -21.41
N GLN H 260 -29.48 81.95 -22.01
CA GLN H 260 -29.89 82.50 -23.28
C GLN H 260 -29.94 81.40 -24.33
N GLU H 261 -29.03 80.42 -24.23
CA GLU H 261 -29.02 79.31 -25.18
C GLU H 261 -29.98 78.21 -24.76
N LYS H 262 -30.69 78.38 -23.64
CA LYS H 262 -31.67 77.42 -23.20
C LYS H 262 -30.97 76.11 -22.83
N ILE H 263 -29.75 76.20 -22.30
CA ILE H 263 -29.04 75.02 -21.79
C ILE H 263 -29.50 74.74 -20.35
N ILE H 264 -29.75 75.82 -19.59
CA ILE H 264 -30.31 75.70 -18.24
C ILE H 264 -31.56 76.59 -18.14
N PRO H 265 -32.52 76.27 -17.23
CA PRO H 265 -33.66 77.14 -16.97
C PRO H 265 -33.23 78.60 -16.72
C 2RG I . 51.08 -26.91 4.68
N 2RG I . 52.59 -24.93 5.34
O 2RG I . 50.94 -27.69 5.62
CA 2RG I . 52.38 -26.12 4.48
CB 2RG I . 53.63 -27.02 4.66
CD 2RG I . 53.99 -24.89 5.86
CG 2RG I . 54.72 -25.99 5.05
CAA 2RG I . 61.55 -26.10 4.58
CAB 2RG I . 60.89 -26.13 5.94
OAC 2RG I . 62.23 -25.15 4.22
CAD 2RG I . 59.36 -26.22 5.87
CAE 2RG I . 61.49 -27.29 6.72
CAF 2RG I . 63.00 -27.38 6.63
OAG 2RG I . 61.05 -27.15 8.08
CAH 2RG I . 58.53 -25.82 7.10
CAI 2RG I . 57.25 -25.32 6.39
NAJ 2RG I . 58.93 -25.29 4.81
SAK 2RG I . 56.21 -26.74 5.89
CAL 2RG I . 57.80 -24.79 5.14
CAM 2RG I . 57.05 -23.70 4.45
CAS 2RG I . 59.11 -24.74 8.01
OAT 2RG I . 57.51 -23.33 3.27
OAU 2RG I . 56.10 -23.17 5.00
NAX 2RG I . 50.12 -26.67 3.74
C1 EDO J . 66.71 -45.82 -9.23
O1 EDO J . 65.60 -45.18 -9.83
C2 EDO J . 66.99 -47.12 -9.86
O2 EDO J . 67.30 -47.00 -11.24
C1 EDO K . 57.85 -27.77 -29.51
O1 EDO K . 57.93 -26.36 -29.38
C2 EDO K . 59.15 -28.35 -29.90
O2 EDO K . 59.86 -27.51 -30.79
CL CL L . 54.60 -34.89 -14.34
C 2RG M . 44.09 -25.85 -30.24
N 2RG M . 41.89 -26.66 -31.12
O 2RG M . 44.85 -25.60 -31.17
CA 2RG M . 43.09 -26.99 -30.33
CB 2RG M . 43.70 -28.23 -31.01
CD 2RG M . 41.45 -27.85 -31.87
CG 2RG M . 42.42 -28.97 -31.43
CAA 2RG M . 41.10 -35.70 -31.72
CAB 2RG M . 41.01 -34.86 -32.94
OAC 2RG M . 40.13 -36.24 -31.23
CAD 2RG M . 41.38 -33.40 -32.66
CAE 2RG M . 41.86 -35.54 -34.02
CAF 2RG M . 41.35 -36.94 -34.36
OAG 2RG M . 41.88 -34.75 -35.21
CAH 2RG M . 40.92 -32.38 -33.69
CAI 2RG M . 40.88 -31.11 -32.81
NAJ 2RG M . 40.80 -32.95 -31.39
SAK 2RG M . 42.57 -30.38 -32.66
CAL 2RG M . 40.52 -31.71 -31.52
CAM 2RG M . 39.85 -30.84 -30.53
CAS 2RG M . 39.57 -32.68 -34.39
OAT 2RG M . 39.96 -31.23 -29.29
OAU 2RG M . 39.24 -29.80 -30.91
NAX 2RG M . 44.04 -25.16 -29.08
C1 EDO N . 47.80 -32.93 -5.78
O1 EDO N . 48.08 -31.71 -5.13
C2 EDO N . 47.57 -34.13 -4.94
O2 EDO N . 48.76 -34.88 -4.69
C1 EDO O . 26.32 -30.26 -26.99
O1 EDO O . 27.46 -30.83 -27.63
C2 EDO O . 25.05 -30.71 -27.63
O2 EDO O . 24.86 -32.13 -27.75
C1 EDO P . 62.35 -47.14 -22.70
O1 EDO P . 61.23 -46.35 -23.10
C2 EDO P . 62.47 -48.52 -23.20
O2 EDO P . 62.05 -48.56 -24.55
C1 EDO Q . 50.20 -41.78 1.71
O1 EDO Q . 49.17 -42.67 2.03
C2 EDO Q . 49.73 -40.85 0.67
O2 EDO Q . 48.83 -39.89 1.22
C1 EDO R . 27.76 -46.90 -29.96
O1 EDO R . 26.37 -47.22 -29.85
C2 EDO R . 27.97 -45.90 -31.05
O2 EDO R . 28.31 -46.54 -32.25
C1 EDO S . 49.61 -39.55 -7.15
O1 EDO S . 48.56 -40.47 -7.47
C2 EDO S . 50.74 -39.54 -8.13
O2 EDO S . 51.44 -40.77 -8.15
C 2RG T . 12.83 -31.84 24.97
N 2RG T . 12.79 -33.28 27.04
O 2RG T . 13.37 -30.75 25.20
CA 2RG T . 12.00 -32.54 26.05
CB 2RG T . 11.16 -31.52 26.85
CD 2RG T . 12.28 -33.02 28.41
CG 2RG T . 10.99 -32.23 28.20
CAA 2RG T . 5.81 -31.19 32.63
CAB 2RG T . 7.28 -30.99 32.93
OAC 2RG T . 5.19 -32.07 33.16
CAD 2RG T . 8.25 -31.22 31.76
CAE 2RG T . 7.48 -29.65 33.64
CAF 2RG T . 6.55 -29.52 34.84
OAG 2RG T . 8.86 -29.58 34.04
CAH 2RG T . 9.71 -31.42 32.16
CAI 2RG T . 10.22 -32.24 30.95
NAJ 2RG T . 7.90 -32.45 31.02
SAK 2RG T . 10.56 -31.08 29.59
CAL 2RG T . 8.98 -32.98 30.61
CAM 2RG T . 9.14 -34.24 29.82
CAS 2RG T . 9.97 -32.12 33.50
OAT 2RG T . 8.06 -34.66 29.18
OAU 2RG T . 10.23 -34.83 29.78
NAX 2RG T . 12.93 -32.51 23.80
C1 EDO U . -11.22 -33.51 13.38
O1 EDO U . -12.40 -32.77 13.65
C2 EDO U . -11.36 -34.98 13.27
O2 EDO U . -11.78 -35.64 14.49
C1 EDO V . -7.97 -38.66 10.01
O1 EDO V . -8.81 -38.05 9.00
C2 EDO V . -6.82 -39.55 9.65
O2 EDO V . -5.72 -39.06 8.84
C1 PGE W . 5.92 -24.07 15.68
O1 PGE W . 6.47 -22.78 15.33
C2 PGE W . 6.31 -25.20 14.77
O2 PGE W . 6.81 -26.33 15.50
C3 PGE W . 6.30 -27.58 15.01
C4 PGE W . 7.40 -28.50 14.54
O4 PGE W . 5.52 -32.11 16.90
C6 PGE W . 5.59 -30.71 16.62
C5 PGE W . 6.06 -30.39 15.21
O3 PGE W . 7.34 -29.76 15.21
C 2RG X . -7.53 -42.60 -2.03
N 2RG X . -6.44 -42.26 -4.31
O 2RG X . -8.71 -42.90 -2.11
CA 2RG X . -6.88 -41.65 -3.04
CB 2RG X . -7.84 -40.50 -3.43
CD 2RG X . -6.94 -41.44 -5.48
CG 2RG X . -7.32 -40.09 -4.84
CAA 2RG X . -7.67 -33.71 -7.97
CAB 2RG X . -8.27 -34.94 -8.58
OAC 2RG X . -6.57 -33.33 -8.27
CAD 2RG X . -8.14 -36.22 -7.69
CAE 2RG X . -9.70 -34.52 -8.90
CAF 2RG X . -9.75 -33.39 -9.91
OAG 2RG X . -10.36 -35.68 -9.41
CAH 2RG X . -8.36 -37.59 -8.34
CAI 2RG X . -7.51 -38.50 -7.40
NAJ 2RG X . -6.77 -36.33 -7.14
SAK 2RG X . -8.41 -38.94 -5.85
CAL 2RG X . -6.44 -37.57 -7.02
CAM 2RG X . -5.15 -38.19 -6.61
CAS 2RG X . -7.96 -37.74 -9.81
OAT 2RG X . -4.37 -37.52 -5.79
OAU 2RG X . -4.83 -39.30 -7.04
NAX 2RG X . -6.69 -43.07 -1.08
C1 EDO Y . 9.41 -18.30 18.21
O1 EDO Y . 10.57 -17.52 18.32
C2 EDO Y . 9.64 -19.44 17.33
O2 EDO Y . 10.43 -20.39 18.00
C 2RG Z . -21.50 -1.44 -9.11
N 2RG Z . -19.23 -0.49 -8.65
O 2RG Z . -21.56 -1.39 -10.33
CA 2RG Z . -20.65 -0.45 -8.30
CB 2RG Z . -21.13 1.01 -8.51
CD 2RG Z . -18.69 0.88 -8.92
CG 2RG Z . -19.80 1.83 -8.45
CAA 2RG Z . -18.48 8.49 -6.89
CAB 2RG Z . -18.41 8.06 -8.32
OAC 2RG Z . -17.53 8.84 -6.29
CAD 2RG Z . -18.76 6.57 -8.48
CAE 2RG Z . -19.28 9.01 -9.15
CAF 2RG Z . -18.87 10.47 -9.02
OAG 2RG Z . -19.19 8.60 -10.52
CAH 2RG Z . -18.35 5.83 -9.76
CAI 2RG Z . -18.25 4.36 -9.24
NAJ 2RG Z . -18.16 5.81 -7.37
SAK 2RG Z . -19.83 3.45 -9.39
CAL 2RG Z . -17.87 4.64 -7.80
CAM 2RG Z . -17.15 3.56 -7.10
CAS 2RG Z . -17.07 6.31 -10.46
OAT 2RG Z . -16.96 3.73 -5.81
OAU 2RG Z . -16.74 2.59 -7.71
NAX 2RG Z . -22.13 -2.38 -8.36
C 2RG AA . -27.87 -12.57 24.84
N 2RG AA . -29.15 -14.68 24.85
O 2RG AA . -27.87 -12.20 26.01
CA 2RG AA . -29.07 -13.33 24.26
CB 2RG AA . -30.39 -12.64 24.60
CD 2RG AA . -30.49 -14.94 25.39
CG 2RG AA . -31.35 -13.82 24.79
CAA 2RG AA . -38.37 -13.69 24.17
CAB 2RG AA . -37.64 -13.97 25.45
OAC 2RG AA . -38.99 -14.52 23.58
CAD 2RG AA . -36.10 -13.83 25.33
CAE 2RG AA . -38.25 -13.14 26.60
CAF 2RG AA . -39.77 -13.18 26.60
OAG 2RG AA . -37.74 -13.62 27.85
CAH 2RG AA . -35.28 -14.52 26.43
CAI 2RG AA . -33.97 -14.87 25.64
NAJ 2RG AA . -35.64 -14.41 24.05
SAK 2RG AA . -32.82 -13.44 25.83
CAL 2RG AA . -34.51 -14.98 24.25
CAM 2RG AA . -33.66 -15.77 23.31
CAS 2RG AA . -35.86 -15.77 27.12
OAT 2RG AA . -34.03 -15.80 22.04
OAU 2RG AA . -32.65 -16.34 23.71
NAX 2RG AA . -26.85 -12.37 23.98
C1 EDO BA . -44.44 10.69 18.78
O1 EDO BA . -44.53 11.13 17.45
C2 EDO BA . -43.41 9.63 18.82
O2 EDO BA . -42.94 9.35 17.52
C 2RG CA . -40.61 61.68 -12.40
N 2RG CA . -42.22 60.99 -10.60
O 2RG CA . -41.24 61.20 -13.34
CA 2RG CA . -40.80 61.15 -10.98
CB 2RG CA . -40.15 59.77 -10.80
CD 2RG CA . -42.38 59.79 -9.72
CG 2RG CA . -41.00 59.14 -9.66
CAA 2RG CA . -39.71 53.44 -5.88
CAB 2RG CA . -40.88 53.48 -6.81
OAC 2RG CA . -39.82 53.29 -4.69
CAD 2RG CA . -40.98 54.80 -7.60
CAE 2RG CA . -40.78 52.27 -7.72
CAF 2RG CA . -40.68 50.97 -6.92
OAG 2RG CA . -41.94 52.26 -8.54
CAH 2RG CA . -42.24 55.19 -8.39
CAI 2RG CA . -42.15 56.74 -8.37
NAJ 2RG CA . -40.78 55.91 -6.65
SAK 2RG CA . -41.04 57.28 -9.73
CAL 2RG CA . -41.43 56.93 -7.08
CAM 2RG CA . -41.44 58.26 -6.42
CAS 2RG CA . -43.59 54.67 -7.90
OAT 2RG CA . -40.37 58.53 -5.67
OAU 2RG CA . -42.39 59.01 -6.58
NAX 2RG CA . -39.75 62.71 -12.52
C1 EDO DA . -16.83 63.50 0.24
O1 EDO DA . -15.74 62.61 0.28
C2 EDO DA . -16.89 64.43 1.40
O2 EDO DA . -17.51 63.87 2.56
C 2RG EA . -13.25 81.34 -0.23
N 2RG EA . -12.61 82.93 -2.05
O 2RG EA . -12.61 81.73 0.75
CA 2RG EA . -12.71 81.51 -1.64
CB 2RG EA . -11.28 80.95 -1.77
CD 2RG EA . -11.26 83.17 -2.64
CG 2RG EA . -10.73 81.77 -2.93
CAA 2RG EA . -6.56 80.72 -8.38
CAB 2RG EA . -6.17 81.57 -7.21
OAC 2RG EA . -6.72 81.16 -9.49
CAD 2RG EA . -7.25 81.65 -6.11
CAE 2RG EA . -4.85 81.01 -6.67
CAF 2RG EA . -3.82 80.81 -7.77
OAG 2RG EA . -4.34 81.92 -5.71
CAH 2RG EA . -7.15 82.79 -5.08
CAI 2RG EA . -8.63 82.88 -4.61
NAJ 2RG EA . -8.60 81.78 -6.70
SAK 2RG EA . -8.88 81.71 -3.22
CAL 2RG EA . -9.32 82.47 -5.90
CAM 2RG EA . -10.70 82.99 -6.18
CAS 2RG EA . -6.62 84.14 -5.57
OAT 2RG EA . -11.35 82.43 -7.17
OAU 2RG EA . -11.16 83.92 -5.52
NAX 2RG EA . -14.46 80.74 -0.16
C1 EDO FA . -22.59 61.68 -16.33
O1 EDO FA . -22.15 60.61 -17.14
C2 EDO FA . -23.55 62.56 -17.05
O2 EDO FA . -22.94 63.37 -18.06
C1 EDO GA . -4.27 55.73 -8.76
O1 EDO GA . -5.55 56.35 -8.95
C2 EDO GA . -4.07 54.41 -9.42
O2 EDO GA . -5.26 53.76 -9.87
#